data_3NAZ
#
_entry.id   3NAZ
#
_cell.length_a   96.529
_cell.length_b   166.154
_cell.length_c   121.029
_cell.angle_alpha   90.00
_cell.angle_beta   103.39
_cell.angle_gamma   90.00
#
_symmetry.space_group_name_H-M   'P 1 21 1'
#
loop_
_entity.id
_entity.type
_entity.pdbx_description
1 polymer 'Glycogen [starch] synthase isoform 2'
2 polymer PEPTIDE
3 non-polymer 'SULFATE ION'
#
loop_
_entity_poly.entity_id
_entity_poly.type
_entity_poly.pdbx_seq_one_letter_code
_entity_poly.pdbx_strand_id
1 'polypeptide(L)'
;MGSSHHHHHHSSGLVPRGSHMSRDLQNHLLFETATEVANRVGGIYSVLKSKAPITVAQYKDHYHLIGPLNKATYQNEVDI
LDWKKPEAFSDEMRPVQHALQTMESRGVHFVYGRWLIEGAPKVILFDLDSVRGYSNEWKGDLWSLVGIPSPENDFETNDA
ILLGYTVAWFLGEVAHLDSQHAIVAHFHEWLAGVALPLCRKRRIDVVTIFTTHATLLGRYLCASGSFDFYNCLESVDVDH
EAGRFGIYHRYCIERAAAHSADVFTTVSQITAFEAEHLLKRKPDGILPNGLNVIKFQAFHEFQNLHALKKEKINDFVRGH
FHGCFDFDLDNTLYFFIAGRYEYKNKGADMFIEALARLNYRLKVSGSKKTVVAFIVMPAKNNSFTVEALKGQAEVRALEN
TVHEVTTSIGKRIFDHAIRYPHNGLTTELPTDLGELLKSSDKVMLKRRILALRRPEGQLPPIVTHNMVDDANDLILNKIR
QVQLFNSPSDRVKMIFHPEFLNANNPILGLDYDEFVRGCHLGVFPSYYEPWGYTPAECTVMGVPSITTNVSGFGSYMEDL
IETNQAKDYGIYIVDRRFKAPDESVEQLVDYMEEFVKKTAAQAINQRNRTERLSDLLDWKRMGLEYVKARQLALRRGYPD
QFRELVGEELNDSNMDALAGGKKLKVARPLSVPGSPRDLRSNSTVYMTPGDLGTLQEVNNADDYFSLGVNPAADDDDDGP
YADDS
;
A,B,C,D
2 'polypeptide(L)' (UNK)(UNK)(UNK)(UNK)(UNK)(UNK) E,F
#
# COMPACT_ATOMS: atom_id res chain seq x y z
N SER A 22 32.51 -56.40 15.81
CA SER A 22 32.96 -55.51 14.74
C SER A 22 31.88 -54.53 14.25
N ARG A 23 32.24 -53.24 14.31
CA ARG A 23 31.32 -52.11 14.17
C ARG A 23 30.98 -51.68 12.74
N ASP A 24 29.89 -50.94 12.60
CA ASP A 24 29.46 -50.46 11.29
C ASP A 24 29.94 -49.05 10.98
N LEU A 25 30.95 -48.98 10.13
CA LEU A 25 31.51 -47.70 9.72
C LEU A 25 30.48 -46.95 8.88
N GLN A 26 29.79 -47.69 8.03
CA GLN A 26 28.83 -47.11 7.09
C GLN A 26 27.72 -46.33 7.80
N ASN A 27 27.11 -46.96 8.78
CA ASN A 27 26.01 -46.36 9.54
C ASN A 27 26.48 -46.06 10.98
N HIS A 28 27.05 -44.86 11.16
CA HIS A 28 27.65 -44.47 12.42
C HIS A 28 26.90 -43.39 13.17
N LEU A 29 27.35 -43.17 14.41
CA LEU A 29 26.84 -42.14 15.31
C LEU A 29 27.71 -40.90 15.23
N LEU A 30 27.16 -39.74 15.58
CA LEU A 30 27.92 -38.49 15.60
C LEU A 30 27.57 -37.67 16.84
N PHE A 31 28.58 -37.37 17.66
CA PHE A 31 28.37 -36.53 18.84
C PHE A 31 29.22 -35.25 18.79
N GLU A 32 28.58 -34.12 18.50
CA GLU A 32 29.29 -32.85 18.40
C GLU A 32 29.28 -32.06 19.71
N THR A 33 30.44 -31.75 20.26
CA THR A 33 30.51 -31.10 21.56
C THR A 33 31.14 -29.71 21.47
N ALA A 34 30.56 -28.77 22.20
CA ALA A 34 31.08 -27.40 22.28
C ALA A 34 30.42 -26.62 23.40
N THR A 35 31.11 -25.63 23.93
CA THR A 35 30.55 -24.79 24.98
C THR A 35 29.33 -24.02 24.51
N GLU A 36 29.24 -23.73 23.22
CA GLU A 36 28.19 -22.84 22.73
C GLU A 36 26.87 -23.50 22.37
N VAL A 37 26.72 -24.80 22.62
CA VAL A 37 25.60 -25.56 22.04
C VAL A 37 24.24 -24.88 22.08
N ALA A 38 23.78 -24.50 23.25
CA ALA A 38 22.52 -23.78 23.25
C ALA A 38 22.65 -22.51 24.05
N ASN A 39 23.80 -21.86 23.92
CA ASN A 39 23.98 -20.54 24.52
C ASN A 39 25.00 -19.69 23.78
N ARG A 40 24.50 -18.73 23.02
CA ARG A 40 25.37 -17.82 22.28
C ARG A 40 26.35 -17.11 23.22
N VAL A 41 27.54 -17.70 23.32
CA VAL A 41 28.64 -17.11 24.07
C VAL A 41 29.77 -16.81 23.10
N GLY A 42 29.75 -17.49 21.95
CA GLY A 42 30.78 -17.29 20.95
C GLY A 42 30.25 -17.19 19.52
N GLY A 43 31.19 -17.21 18.57
CA GLY A 43 30.84 -17.25 17.17
C GLY A 43 30.67 -18.69 16.72
N ILE A 44 31.01 -19.63 17.60
CA ILE A 44 30.84 -21.03 17.28
C ILE A 44 29.37 -21.37 17.31
N TYR A 45 28.64 -20.69 18.18
CA TYR A 45 27.20 -20.83 18.26
C TYR A 45 26.59 -20.78 16.86
N SER A 46 27.10 -19.88 16.04
CA SER A 46 26.50 -19.61 14.75
C SER A 46 26.87 -20.69 13.76
N VAL A 47 28.11 -21.13 13.81
CA VAL A 47 28.55 -22.24 13.00
C VAL A 47 27.67 -23.47 13.26
N LEU A 48 27.61 -23.88 14.52
CA LEU A 48 26.84 -25.04 14.92
C LEU A 48 25.36 -24.91 14.55
N LYS A 49 24.78 -23.76 14.84
CA LYS A 49 23.38 -23.50 14.52
C LYS A 49 23.09 -23.55 13.02
N SER A 50 23.99 -22.99 12.22
CA SER A 50 23.76 -22.90 10.79
C SER A 50 24.12 -24.20 10.07
N LYS A 51 24.85 -25.07 10.76
CA LYS A 51 25.26 -26.35 10.21
C LYS A 51 24.20 -27.40 10.48
N ALA A 52 23.50 -27.25 11.60
CA ALA A 52 22.49 -28.22 12.00
C ALA A 52 21.70 -28.79 10.82
N PRO A 53 20.98 -27.92 10.08
CA PRO A 53 20.12 -28.37 8.98
C PRO A 53 20.78 -29.40 8.07
N ILE A 54 22.00 -29.12 7.62
CA ILE A 54 22.67 -30.03 6.71
C ILE A 54 23.08 -31.34 7.34
N THR A 55 23.48 -31.32 8.61
CA THR A 55 23.88 -32.57 9.29
C THR A 55 22.67 -33.36 9.81
N VAL A 56 21.66 -32.67 10.32
CA VAL A 56 20.44 -33.36 10.74
C VAL A 56 19.79 -34.08 9.56
N ALA A 57 19.94 -33.53 8.36
CA ALA A 57 19.40 -34.18 7.18
C ALA A 57 20.10 -35.52 6.94
N GLN A 58 21.40 -35.56 7.23
CA GLN A 58 22.19 -36.75 6.94
C GLN A 58 22.06 -37.80 8.04
N TYR A 59 22.17 -37.36 9.29
CA TYR A 59 22.27 -38.31 10.40
C TYR A 59 20.95 -38.54 11.12
N LYS A 60 19.91 -37.80 10.73
CA LYS A 60 18.65 -37.76 11.47
C LYS A 60 18.87 -37.81 13.00
N ASP A 61 18.30 -38.81 13.66
CA ASP A 61 18.37 -38.91 15.12
C ASP A 61 19.64 -39.62 15.62
N HIS A 62 20.57 -39.91 14.70
CA HIS A 62 21.88 -40.47 15.05
C HIS A 62 22.81 -39.35 15.58
N TYR A 63 22.54 -38.13 15.13
CA TYR A 63 23.29 -36.94 15.53
C TYR A 63 22.80 -36.33 16.85
N HIS A 64 23.73 -36.04 17.76
CA HIS A 64 23.44 -35.30 19.00
C HIS A 64 24.49 -34.20 19.19
N LEU A 65 24.06 -33.04 19.69
CA LEU A 65 25.02 -32.05 20.14
C LEU A 65 25.08 -32.16 21.65
N ILE A 66 26.26 -31.97 22.22
CA ILE A 66 26.44 -32.05 23.66
C ILE A 66 27.08 -30.78 24.13
N GLY A 67 26.69 -30.28 25.30
CA GLY A 67 27.30 -29.07 25.82
C GLY A 67 26.92 -28.76 27.26
N PRO A 68 27.61 -27.80 27.87
CA PRO A 68 27.32 -27.35 29.23
C PRO A 68 25.95 -26.71 29.28
N LEU A 69 25.09 -27.17 30.18
CA LEU A 69 23.78 -26.58 30.37
C LEU A 69 23.90 -25.19 31.01
N ASN A 70 23.41 -24.17 30.31
CA ASN A 70 23.33 -22.83 30.87
C ASN A 70 21.96 -22.62 31.51
N LYS A 71 21.93 -22.51 32.83
CA LYS A 71 20.67 -22.43 33.57
C LYS A 71 19.94 -21.10 33.38
N ALA A 72 20.65 -20.11 32.85
CA ALA A 72 20.04 -18.80 32.63
C ALA A 72 19.20 -18.71 31.34
N THR A 73 19.51 -19.54 30.35
CA THR A 73 18.98 -19.34 29.00
C THR A 73 18.32 -20.54 28.37
N TYR A 74 18.72 -21.75 28.76
CA TYR A 74 18.34 -22.95 28.04
C TYR A 74 16.85 -23.04 27.76
N GLN A 75 16.05 -22.36 28.57
CA GLN A 75 14.60 -22.43 28.44
C GLN A 75 14.07 -21.65 27.26
N ASN A 76 14.85 -20.70 26.77
CA ASN A 76 14.47 -19.93 25.59
C ASN A 76 14.92 -20.59 24.29
N GLU A 77 15.70 -21.67 24.39
CA GLU A 77 16.29 -22.29 23.22
C GLU A 77 16.03 -23.80 23.10
N VAL A 78 15.57 -24.41 24.19
CA VAL A 78 15.41 -25.86 24.18
C VAL A 78 14.00 -26.39 24.43
N ASP A 79 13.54 -27.19 23.48
CA ASP A 79 12.33 -27.98 23.58
C ASP A 79 12.65 -29.18 24.50
N ILE A 80 12.48 -28.99 25.81
CA ILE A 80 12.74 -30.09 26.75
C ILE A 80 11.95 -31.36 26.43
N LEU A 81 12.65 -32.46 26.24
CA LEU A 81 11.98 -33.73 25.95
C LEU A 81 12.11 -34.67 27.14
N ASP A 82 11.13 -35.56 27.28
CA ASP A 82 11.20 -36.62 28.28
C ASP A 82 11.90 -37.81 27.65
N TRP A 83 13.09 -38.13 28.16
CA TRP A 83 13.98 -39.09 27.49
C TRP A 83 13.77 -40.56 27.91
N LYS A 84 12.96 -40.77 28.93
CA LYS A 84 12.74 -42.10 29.49
C LYS A 84 11.65 -42.87 28.75
N LYS A 85 10.69 -42.14 28.19
CA LYS A 85 9.63 -42.78 27.42
C LYS A 85 10.23 -43.67 26.35
N PRO A 86 9.81 -44.94 26.31
CA PRO A 86 10.23 -45.88 25.26
C PRO A 86 10.17 -45.31 23.83
N GLU A 87 9.38 -44.26 23.60
CA GLU A 87 9.29 -43.68 22.26
C GLU A 87 10.49 -42.79 21.97
N ALA A 88 11.09 -42.24 23.03
CA ALA A 88 12.15 -41.24 22.92
C ALA A 88 13.30 -41.63 21.98
N PHE A 89 13.50 -42.93 21.80
CA PHE A 89 14.57 -43.45 20.96
C PHE A 89 14.10 -44.61 20.09
N SER A 90 14.67 -44.74 18.90
CA SER A 90 14.42 -45.92 18.07
C SER A 90 15.09 -47.12 18.75
N ASP A 91 14.84 -48.32 18.22
CA ASP A 91 15.38 -49.50 18.85
C ASP A 91 16.90 -49.62 18.67
N GLU A 92 17.40 -49.35 17.47
CA GLU A 92 18.86 -49.38 17.27
C GLU A 92 19.56 -48.32 18.14
N MET A 93 18.94 -47.16 18.30
CA MET A 93 19.52 -46.09 19.12
C MET A 93 19.27 -46.27 20.63
N ARG A 94 18.66 -47.38 21.02
CA ARG A 94 18.45 -47.71 22.43
C ARG A 94 19.67 -47.39 23.33
N PRO A 95 20.86 -47.85 22.91
CA PRO A 95 22.05 -47.79 23.77
C PRO A 95 22.31 -46.41 24.36
N VAL A 96 22.10 -45.35 23.58
CA VAL A 96 22.31 -44.00 24.07
C VAL A 96 21.41 -43.79 25.28
N GLN A 97 20.17 -44.26 25.15
CA GLN A 97 19.16 -44.07 26.20
C GLN A 97 19.57 -44.74 27.50
N HIS A 98 20.02 -45.99 27.42
CA HIS A 98 20.51 -46.69 28.61
C HIS A 98 21.79 -46.02 29.13
N ALA A 99 22.57 -45.50 28.19
CA ALA A 99 23.79 -44.78 28.49
C ALA A 99 23.48 -43.56 29.37
N LEU A 100 22.47 -42.80 28.96
CA LEU A 100 21.96 -41.69 29.74
C LEU A 100 21.42 -42.21 31.07
N GLN A 101 20.57 -43.25 30.99
CA GLN A 101 20.02 -43.91 32.16
C GLN A 101 21.12 -44.10 33.21
N THR A 102 22.20 -44.78 32.80
CA THR A 102 23.35 -45.03 33.67
C THR A 102 23.87 -43.76 34.34
N MET A 103 23.99 -42.69 33.57
CA MET A 103 24.53 -41.43 34.04
C MET A 103 23.68 -40.85 35.17
N GLU A 104 22.36 -41.00 35.04
CA GLU A 104 21.44 -40.45 36.02
C GLU A 104 21.52 -41.21 37.35
N SER A 105 21.65 -42.54 37.27
CA SER A 105 21.93 -43.38 38.44
C SER A 105 23.00 -42.71 39.28
N ARG A 106 24.17 -42.53 38.67
CA ARG A 106 25.34 -41.99 39.34
C ARG A 106 25.18 -40.52 39.78
N GLY A 107 24.04 -39.93 39.42
CA GLY A 107 23.69 -38.60 39.88
C GLY A 107 24.17 -37.48 38.97
N VAL A 108 24.25 -37.79 37.68
CA VAL A 108 24.62 -36.80 36.69
C VAL A 108 23.36 -36.27 36.03
N HIS A 109 22.97 -35.06 36.41
CA HIS A 109 21.73 -34.44 35.91
C HIS A 109 21.89 -33.63 34.62
N PHE A 110 20.93 -33.76 33.72
CA PHE A 110 21.03 -33.09 32.43
C PHE A 110 19.69 -32.76 31.82
N VAL A 111 19.70 -31.96 30.76
CA VAL A 111 18.50 -31.65 30.00
C VAL A 111 18.57 -32.25 28.61
N TYR A 112 17.84 -33.32 28.36
CA TYR A 112 17.68 -33.81 27.00
C TYR A 112 16.66 -32.89 26.35
N GLY A 113 16.69 -32.81 25.02
CA GLY A 113 15.75 -31.97 24.31
C GLY A 113 16.14 -31.67 22.87
N ARG A 114 15.29 -30.89 22.21
CA ARG A 114 15.57 -30.39 20.87
C ARG A 114 16.07 -28.93 20.97
N TRP A 115 17.07 -28.59 20.18
CA TRP A 115 17.54 -27.21 20.10
C TRP A 115 16.69 -26.51 19.06
N LEU A 116 15.96 -25.49 19.48
CA LEU A 116 14.96 -24.86 18.61
C LEU A 116 15.56 -24.00 17.49
N ILE A 117 16.22 -24.63 16.53
CA ILE A 117 16.70 -23.95 15.34
C ILE A 117 16.26 -24.73 14.12
N GLU A 118 16.30 -24.11 12.94
CA GLU A 118 15.99 -24.86 11.73
C GLU A 118 16.84 -26.12 11.76
N GLY A 119 16.19 -27.26 11.59
CA GLY A 119 16.84 -28.55 11.67
C GLY A 119 16.52 -29.28 12.98
N ALA A 120 16.29 -28.49 14.03
CA ALA A 120 15.98 -29.01 15.36
C ALA A 120 16.69 -30.31 15.68
N PRO A 121 18.03 -30.23 15.86
CA PRO A 121 18.88 -31.35 16.26
C PRO A 121 18.66 -31.68 17.73
N LYS A 122 18.91 -32.94 18.10
CA LYS A 122 18.74 -33.35 19.49
C LYS A 122 19.96 -32.95 20.31
N VAL A 123 19.72 -32.66 21.59
CA VAL A 123 20.76 -32.02 22.39
C VAL A 123 20.84 -32.58 23.82
N ILE A 124 22.06 -32.80 24.28
CA ILE A 124 22.28 -33.28 25.63
C ILE A 124 23.05 -32.17 26.37
N LEU A 125 22.45 -31.63 27.42
CA LEU A 125 23.05 -30.50 28.11
C LEU A 125 23.35 -30.87 29.55
N PHE A 126 24.59 -31.20 29.87
CA PHE A 126 24.93 -31.65 31.22
C PHE A 126 24.93 -30.52 32.23
N ASP A 127 24.25 -30.76 33.34
CA ASP A 127 24.23 -29.81 34.44
C ASP A 127 25.56 -29.88 35.14
N LEU A 128 26.40 -28.88 34.92
CA LEU A 128 27.76 -28.92 35.47
C LEU A 128 27.76 -28.83 36.99
N ASP A 129 26.64 -28.39 37.56
CA ASP A 129 26.47 -28.37 39.02
C ASP A 129 26.27 -29.76 39.61
N SER A 130 25.64 -30.65 38.83
CA SER A 130 25.34 -32.00 39.28
C SER A 130 26.57 -32.90 39.23
N VAL A 131 27.74 -32.30 39.09
CA VAL A 131 28.98 -33.04 38.87
C VAL A 131 30.13 -32.25 39.49
N ARG A 132 29.83 -31.01 39.86
CA ARG A 132 30.75 -30.13 40.55
C ARG A 132 31.46 -30.82 41.73
N GLY A 133 30.87 -31.91 42.21
CA GLY A 133 31.44 -32.69 43.30
C GLY A 133 32.79 -33.27 42.94
N TYR A 134 32.78 -34.14 41.93
CA TYR A 134 34.01 -34.74 41.43
C TYR A 134 35.04 -33.69 40.94
N SER A 135 34.93 -32.45 41.40
CA SER A 135 35.83 -31.37 40.97
C SER A 135 37.30 -31.64 41.28
N ASN A 136 37.64 -31.66 42.56
CA ASN A 136 39.00 -31.95 42.97
C ASN A 136 39.50 -33.28 42.45
N GLU A 137 38.72 -34.34 42.66
CA GLU A 137 39.14 -35.67 42.22
C GLU A 137 39.58 -35.69 40.76
N TRP A 138 39.00 -34.78 39.97
CA TRP A 138 39.24 -34.75 38.52
C TRP A 138 40.41 -33.85 38.11
N LYS A 139 40.47 -32.64 38.69
CA LYS A 139 41.62 -31.76 38.47
C LYS A 139 42.92 -32.54 38.69
N GLY A 140 42.89 -33.39 39.72
CA GLY A 140 43.99 -34.26 40.03
C GLY A 140 44.20 -35.32 38.98
N ASP A 141 43.17 -36.12 38.71
CA ASP A 141 43.28 -37.20 37.74
C ASP A 141 43.76 -36.74 36.37
N LEU A 142 43.49 -35.47 36.06
CA LEU A 142 43.90 -34.86 34.79
C LEU A 142 45.41 -34.63 34.78
N TRP A 143 45.89 -33.96 35.85
CA TRP A 143 47.30 -33.64 36.02
C TRP A 143 48.18 -34.89 36.03
N SER A 144 47.62 -35.99 36.52
CA SER A 144 48.35 -37.25 36.64
C SER A 144 48.12 -38.17 35.46
N LEU A 145 47.70 -37.60 34.33
CA LEU A 145 47.61 -38.35 33.06
C LEU A 145 47.99 -37.45 31.86
N VAL A 146 48.03 -36.14 32.09
CA VAL A 146 48.33 -35.20 31.01
C VAL A 146 49.09 -33.98 31.54
N GLY A 147 49.33 -33.95 32.85
CA GLY A 147 50.15 -32.91 33.43
C GLY A 147 49.58 -31.53 33.20
N ILE A 148 48.26 -31.46 33.07
CA ILE A 148 47.55 -30.20 32.92
C ILE A 148 47.26 -29.58 34.29
N PRO A 149 47.98 -28.48 34.61
CA PRO A 149 47.76 -27.67 35.81
C PRO A 149 46.36 -27.06 35.80
N SER A 150 45.87 -26.65 36.96
CA SER A 150 44.51 -26.14 37.04
C SER A 150 44.29 -25.33 38.32
N PRO A 151 44.63 -24.03 38.29
CA PRO A 151 44.28 -23.16 39.41
C PRO A 151 42.77 -23.17 39.68
N GLU A 152 42.36 -22.75 40.88
CA GLU A 152 40.95 -22.79 41.26
C GLU A 152 40.23 -21.48 40.98
N ASN A 153 40.98 -20.42 40.71
CA ASN A 153 40.40 -19.11 40.43
C ASN A 153 39.89 -18.98 38.99
N ASP A 154 40.25 -19.98 38.16
CA ASP A 154 39.85 -20.02 36.76
C ASP A 154 38.61 -20.88 36.57
N PHE A 155 37.45 -20.22 36.50
CA PHE A 155 36.18 -20.92 36.45
C PHE A 155 35.98 -21.66 35.14
N GLU A 156 36.38 -21.00 34.04
CA GLU A 156 36.19 -21.55 32.71
C GLU A 156 36.81 -22.94 32.55
N THR A 157 38.05 -23.09 33.06
CA THR A 157 38.76 -24.37 32.96
C THR A 157 38.21 -25.40 33.95
N ASN A 158 37.75 -24.93 35.11
CA ASN A 158 37.04 -25.78 36.06
C ASN A 158 35.83 -26.35 35.35
N ASP A 159 35.09 -25.44 34.71
CA ASP A 159 33.94 -25.77 33.89
C ASP A 159 34.33 -26.66 32.71
N ALA A 160 35.49 -26.39 32.11
CA ALA A 160 35.92 -27.14 30.93
C ALA A 160 36.45 -28.52 31.28
N ILE A 161 36.98 -28.66 32.50
CA ILE A 161 37.35 -29.97 33.06
C ILE A 161 36.09 -30.74 33.47
N LEU A 162 35.19 -30.05 34.17
CA LEU A 162 33.92 -30.64 34.54
C LEU A 162 33.25 -31.17 33.29
N LEU A 163 33.04 -30.29 32.32
CA LEU A 163 32.42 -30.73 31.09
C LEU A 163 33.18 -31.94 30.52
N GLY A 164 34.51 -31.85 30.51
CA GLY A 164 35.33 -32.86 29.86
C GLY A 164 35.19 -34.28 30.41
N TYR A 165 35.31 -34.39 31.73
CA TYR A 165 35.20 -35.68 32.40
C TYR A 165 33.81 -36.29 32.20
N THR A 166 32.80 -35.43 32.26
CA THR A 166 31.42 -35.84 32.07
C THR A 166 31.16 -36.45 30.70
N VAL A 167 31.60 -35.75 29.65
CA VAL A 167 31.35 -36.18 28.27
C VAL A 167 32.12 -37.46 27.93
N ALA A 168 33.33 -37.55 28.45
CA ALA A 168 34.18 -38.71 28.20
C ALA A 168 33.49 -39.91 28.84
N TRP A 169 33.09 -39.71 30.11
CA TRP A 169 32.22 -40.59 30.87
C TRP A 169 31.04 -41.06 30.01
N PHE A 170 30.22 -40.11 29.58
CA PHE A 170 29.04 -40.40 28.78
C PHE A 170 29.35 -41.27 27.55
N LEU A 171 30.48 -40.97 26.92
CA LEU A 171 30.86 -41.62 25.66
C LEU A 171 31.43 -43.02 25.85
N GLY A 172 32.18 -43.24 26.93
CA GLY A 172 32.60 -44.58 27.27
C GLY A 172 31.35 -45.44 27.40
N GLU A 173 30.45 -44.98 28.26
CA GLU A 173 29.15 -45.61 28.47
C GLU A 173 28.47 -46.03 27.17
N VAL A 174 28.35 -45.08 26.25
CA VAL A 174 27.74 -45.36 24.96
C VAL A 174 28.51 -46.47 24.22
N ALA A 175 29.84 -46.30 24.15
CA ALA A 175 30.72 -47.19 23.39
C ALA A 175 30.65 -48.59 23.96
N HIS A 176 30.38 -48.63 25.26
CA HIS A 176 30.16 -49.87 25.99
C HIS A 176 28.85 -50.53 25.52
N LEU A 177 27.73 -49.83 25.71
CA LEU A 177 26.40 -50.37 25.40
C LEU A 177 26.13 -50.57 23.90
N ASP A 178 26.63 -49.64 23.08
CA ASP A 178 26.43 -49.74 21.65
C ASP A 178 27.51 -50.64 21.06
N SER A 179 27.15 -51.44 20.07
CA SER A 179 28.08 -52.39 19.50
C SER A 179 27.71 -52.68 18.05
N GLN A 180 26.96 -51.75 17.47
CA GLN A 180 26.53 -51.88 16.08
C GLN A 180 27.07 -50.70 15.28
N HIS A 181 27.07 -49.53 15.93
CA HIS A 181 27.46 -48.28 15.30
C HIS A 181 28.88 -47.89 15.66
N ALA A 182 29.69 -47.63 14.65
CA ALA A 182 30.99 -47.01 14.87
C ALA A 182 30.73 -45.57 15.37
N ILE A 183 31.45 -45.12 16.39
CA ILE A 183 31.12 -43.82 17.01
C ILE A 183 32.14 -42.69 16.84
N VAL A 184 31.77 -41.63 16.10
CA VAL A 184 32.63 -40.45 15.98
C VAL A 184 32.19 -39.30 16.89
N ALA A 185 33.16 -38.65 17.52
CA ALA A 185 32.88 -37.59 18.47
C ALA A 185 33.68 -36.31 18.16
N HIS A 186 32.98 -35.28 17.67
CA HIS A 186 33.59 -34.03 17.23
C HIS A 186 33.58 -32.95 18.33
N PHE A 187 34.74 -32.39 18.66
CA PHE A 187 34.86 -31.37 19.71
C PHE A 187 35.35 -30.02 19.18
N HIS A 188 34.68 -28.93 19.53
CA HIS A 188 35.06 -27.61 19.03
C HIS A 188 35.64 -26.69 20.10
N GLU A 189 36.84 -26.18 19.85
CA GLU A 189 37.50 -25.20 20.73
C GLU A 189 37.93 -25.82 22.06
N TRP A 190 38.94 -25.22 22.70
CA TRP A 190 39.56 -25.87 23.85
C TRP A 190 38.60 -26.16 25.01
N LEU A 191 37.78 -25.18 25.37
CA LEU A 191 36.82 -25.35 26.46
C LEU A 191 36.05 -26.67 26.39
N ALA A 192 35.92 -27.26 25.21
CA ALA A 192 35.27 -28.55 25.12
C ALA A 192 36.24 -29.62 24.64
N GLY A 193 37.48 -29.57 25.11
CA GLY A 193 38.52 -30.42 24.56
C GLY A 193 39.12 -31.42 25.52
N VAL A 194 39.00 -31.12 26.82
CA VAL A 194 39.51 -31.99 27.89
C VAL A 194 39.08 -33.46 27.76
N ALA A 195 37.92 -33.69 27.17
CA ALA A 195 37.50 -35.06 26.94
C ALA A 195 38.48 -35.79 26.01
N LEU A 196 39.19 -35.04 25.17
CA LEU A 196 40.01 -35.63 24.11
C LEU A 196 41.20 -36.46 24.58
N PRO A 197 41.95 -35.97 25.59
CA PRO A 197 43.03 -36.74 26.19
C PRO A 197 42.53 -38.05 26.83
N LEU A 198 41.46 -37.93 27.62
CA LEU A 198 40.91 -39.07 28.34
C LEU A 198 40.45 -40.14 27.36
N CYS A 199 39.80 -39.73 26.28
CA CYS A 199 39.31 -40.72 25.32
C CYS A 199 40.45 -41.55 24.77
N ARG A 200 41.61 -40.93 24.63
CA ARG A 200 42.78 -41.60 24.12
C ARG A 200 43.44 -42.46 25.21
N LYS A 201 43.50 -41.92 26.43
CA LYS A 201 44.05 -42.63 27.58
C LYS A 201 43.22 -43.90 27.90
N ARG A 202 41.92 -43.73 28.04
CA ARG A 202 41.04 -44.83 28.42
C ARG A 202 40.78 -45.76 27.26
N ARG A 203 41.46 -45.52 26.14
CA ARG A 203 41.29 -46.32 24.93
C ARG A 203 39.83 -46.54 24.51
N ILE A 204 38.93 -45.69 25.00
CA ILE A 204 37.51 -45.66 24.61
C ILE A 204 37.33 -45.91 23.10
N ASP A 205 36.26 -46.60 22.72
CA ASP A 205 36.13 -46.95 21.29
C ASP A 205 35.36 -45.96 20.39
N VAL A 206 35.79 -44.71 20.42
CA VAL A 206 35.29 -43.67 19.53
C VAL A 206 36.48 -43.11 18.77
N VAL A 207 36.27 -42.78 17.50
CA VAL A 207 37.24 -41.98 16.76
C VAL A 207 36.91 -40.54 17.10
N THR A 208 37.93 -39.73 17.40
CA THR A 208 37.69 -38.35 17.78
C THR A 208 38.18 -37.34 16.74
N ILE A 209 37.59 -36.14 16.77
CA ILE A 209 37.97 -35.02 15.90
C ILE A 209 38.01 -33.74 16.72
N PHE A 210 39.04 -32.93 16.55
CA PHE A 210 39.10 -31.66 17.27
C PHE A 210 39.36 -30.49 16.34
N THR A 211 38.44 -29.53 16.37
CA THR A 211 38.51 -28.31 15.58
C THR A 211 38.76 -27.13 16.51
N THR A 212 39.77 -26.33 16.18
CA THR A 212 40.01 -25.11 16.91
C THR A 212 39.69 -23.92 15.99
N HIS A 213 39.04 -22.90 16.54
CA HIS A 213 38.53 -21.76 15.75
C HIS A 213 39.41 -20.55 15.91
N ALA A 214 40.59 -20.79 16.47
CA ALA A 214 41.57 -19.76 16.78
C ALA A 214 42.54 -20.49 17.68
N THR A 215 43.64 -19.85 18.05
CA THR A 215 44.47 -20.40 19.13
C THR A 215 44.52 -19.37 20.24
N LEU A 216 44.64 -19.84 21.47
CA LEU A 216 44.75 -18.92 22.59
C LEU A 216 45.87 -17.93 22.38
N LEU A 217 47.03 -18.44 21.98
CA LEU A 217 48.21 -17.61 21.83
C LEU A 217 48.08 -16.63 20.68
N GLY A 218 47.47 -17.07 19.58
CA GLY A 218 47.19 -16.19 18.47
C GLY A 218 46.48 -14.93 18.94
N ARG A 219 45.33 -15.10 19.59
CA ARG A 219 44.59 -13.95 20.11
C ARG A 219 45.48 -13.09 20.98
N TYR A 220 46.10 -13.71 21.99
CA TYR A 220 46.88 -12.98 22.99
C TYR A 220 48.10 -12.22 22.44
N LEU A 221 48.77 -12.78 21.45
CA LEU A 221 49.92 -12.10 20.89
C LEU A 221 49.50 -10.89 20.05
N CYS A 222 48.34 -11.00 19.42
CA CYS A 222 47.87 -9.94 18.53
C CYS A 222 47.03 -8.89 19.25
N ALA A 223 46.87 -9.05 20.57
CA ALA A 223 46.01 -8.15 21.33
C ALA A 223 46.72 -6.85 21.74
N SER A 224 47.93 -6.62 21.25
CA SER A 224 48.67 -5.43 21.62
C SER A 224 48.89 -4.45 20.46
N GLY A 225 49.43 -4.95 19.34
CA GLY A 225 49.73 -4.11 18.19
C GLY A 225 51.18 -4.19 17.75
N ASP A 228 54.12 -7.56 16.21
CA ASP A 228 54.04 -8.30 14.95
C ASP A 228 53.72 -9.76 15.18
N PHE A 229 53.25 -10.44 14.14
CA PHE A 229 52.70 -11.78 14.28
C PHE A 229 53.12 -12.70 13.15
N TYR A 230 52.44 -12.58 12.01
CA TYR A 230 52.55 -13.59 10.96
C TYR A 230 53.95 -13.89 10.45
N ASN A 231 54.93 -13.11 10.89
CA ASN A 231 56.32 -13.36 10.53
C ASN A 231 57.05 -14.08 11.64
N CYS A 232 57.09 -13.47 12.82
CA CYS A 232 57.87 -14.03 13.90
C CYS A 232 57.09 -14.96 14.83
N LEU A 233 56.02 -15.56 14.33
CA LEU A 233 55.29 -16.53 15.13
C LEU A 233 55.98 -17.88 15.07
N GLU A 234 56.76 -18.09 14.01
CA GLU A 234 57.46 -19.36 13.81
C GLU A 234 58.69 -19.52 14.73
N SER A 235 59.01 -18.47 15.48
CA SER A 235 60.23 -18.49 16.28
C SER A 235 60.04 -18.03 17.72
N VAL A 236 58.82 -18.16 18.23
CA VAL A 236 58.55 -17.78 19.61
C VAL A 236 58.52 -19.01 20.51
N ASP A 237 59.01 -18.88 21.74
CA ASP A 237 58.92 -19.97 22.71
C ASP A 237 57.52 -19.98 23.31
N VAL A 238 56.69 -20.89 22.82
CA VAL A 238 55.31 -20.96 23.23
C VAL A 238 55.21 -21.17 24.73
N ASP A 239 55.94 -22.16 25.24
CA ASP A 239 55.93 -22.47 26.67
C ASP A 239 56.21 -21.23 27.51
N HIS A 240 56.96 -20.28 26.94
CA HIS A 240 57.35 -19.06 27.64
C HIS A 240 56.31 -17.95 27.49
N GLU A 241 55.80 -17.79 26.27
CA GLU A 241 54.79 -16.80 25.98
C GLU A 241 53.45 -17.13 26.66
N ALA A 242 53.07 -18.40 26.68
CA ALA A 242 51.87 -18.78 27.42
C ALA A 242 52.10 -18.34 28.87
N GLY A 243 53.27 -18.70 29.40
CA GLY A 243 53.65 -18.27 30.73
C GLY A 243 53.42 -16.79 30.90
N ARG A 244 54.02 -16.00 30.03
CA ARG A 244 53.93 -14.53 30.09
C ARG A 244 52.50 -13.96 30.16
N PHE A 245 51.50 -14.72 29.73
CA PHE A 245 50.12 -14.21 29.69
C PHE A 245 49.21 -14.78 30.79
N GLY A 246 49.77 -15.62 31.66
CA GLY A 246 48.98 -16.30 32.67
C GLY A 246 48.00 -17.23 32.00
N ILE A 247 48.51 -17.98 31.03
CA ILE A 247 47.68 -18.74 30.10
C ILE A 247 48.11 -20.20 30.09
N TYR A 248 49.28 -20.49 30.63
CA TYR A 248 49.88 -21.80 30.43
C TYR A 248 48.93 -23.00 30.58
N HIS A 249 48.08 -22.98 31.60
CA HIS A 249 47.17 -24.10 31.87
C HIS A 249 46.11 -24.21 30.77
N ARG A 250 45.61 -23.06 30.32
CA ARG A 250 44.72 -23.03 29.18
C ARG A 250 45.43 -23.51 27.91
N TYR A 251 46.65 -23.01 27.72
CA TYR A 251 47.46 -23.39 26.57
C TYR A 251 47.60 -24.91 26.50
N CYS A 252 47.83 -25.54 27.65
CA CYS A 252 48.05 -26.98 27.73
C CYS A 252 46.82 -27.78 27.33
N ILE A 253 45.64 -27.30 27.70
CA ILE A 253 44.40 -27.96 27.35
C ILE A 253 44.22 -27.89 25.85
N GLU A 254 44.51 -26.71 25.29
CA GLU A 254 44.38 -26.51 23.85
C GLU A 254 45.35 -27.38 23.04
N ARG A 255 46.55 -27.60 23.57
CA ARG A 255 47.53 -28.46 22.91
C ARG A 255 47.16 -29.94 23.09
N ALA A 256 46.92 -30.32 24.33
CA ALA A 256 46.55 -31.68 24.69
C ALA A 256 45.38 -32.18 23.84
N ALA A 257 44.37 -31.33 23.69
CA ALA A 257 43.25 -31.66 22.82
C ALA A 257 43.71 -31.90 21.39
N ALA A 258 44.65 -31.07 20.92
CA ALA A 258 45.12 -31.12 19.54
C ALA A 258 45.92 -32.38 19.17
N HIS A 259 46.68 -32.92 20.13
CA HIS A 259 47.42 -34.15 19.91
C HIS A 259 46.64 -35.44 20.20
N SER A 260 45.73 -35.40 21.16
CA SER A 260 44.96 -36.60 21.51
C SER A 260 43.87 -36.91 20.47
N ALA A 261 43.53 -35.95 19.64
CA ALA A 261 42.49 -36.16 18.63
C ALA A 261 42.98 -37.07 17.52
N ASP A 262 42.11 -37.91 17.00
CA ASP A 262 42.48 -38.71 15.84
C ASP A 262 42.62 -37.83 14.60
N VAL A 263 41.73 -36.85 14.47
CA VAL A 263 41.83 -35.85 13.41
C VAL A 263 41.81 -34.45 14.01
N PHE A 264 42.82 -33.65 13.69
CA PHE A 264 42.94 -32.26 14.16
C PHE A 264 42.68 -31.27 13.03
N THR A 265 41.76 -30.35 13.23
CA THR A 265 41.41 -29.39 12.18
C THR A 265 41.27 -27.96 12.69
N THR A 266 41.38 -27.00 11.78
CA THR A 266 41.06 -25.60 12.07
C THR A 266 40.11 -25.10 11.01
N VAL A 267 39.50 -23.94 11.25
CA VAL A 267 38.47 -23.44 10.35
C VAL A 267 39.00 -22.88 9.06
N SER A 268 40.29 -22.56 9.02
CA SER A 268 40.84 -21.83 7.89
C SER A 268 42.30 -22.14 7.61
N GLN A 269 42.73 -21.92 6.37
CA GLN A 269 44.12 -22.13 6.03
C GLN A 269 45.04 -21.27 6.87
N ILE A 270 44.71 -19.99 7.00
CA ILE A 270 45.57 -19.08 7.75
C ILE A 270 45.76 -19.55 9.17
N THR A 271 44.69 -20.11 9.75
CA THR A 271 44.72 -20.51 11.15
C THR A 271 45.46 -21.82 11.31
N ALA A 272 45.39 -22.66 10.27
CA ALA A 272 46.15 -23.90 10.23
C ALA A 272 47.64 -23.65 10.34
N PHE A 273 48.10 -22.52 9.82
CA PHE A 273 49.52 -22.18 9.86
C PHE A 273 49.90 -21.71 11.26
N GLU A 274 48.98 -20.99 11.88
CA GLU A 274 49.13 -20.47 13.23
C GLU A 274 49.15 -21.65 14.21
N ALA A 275 48.26 -22.61 13.94
CA ALA A 275 48.13 -23.81 14.77
C ALA A 275 49.37 -24.71 14.68
N GLU A 276 49.85 -24.95 13.47
CA GLU A 276 51.08 -25.71 13.27
C GLU A 276 52.18 -25.26 14.22
N HIS A 277 52.48 -23.97 14.23
CA HIS A 277 53.63 -23.51 15.00
C HIS A 277 53.34 -23.21 16.48
N LEU A 278 52.11 -22.80 16.77
CA LEU A 278 51.75 -22.51 18.15
C LEU A 278 51.28 -23.73 18.98
N LEU A 279 50.73 -24.74 18.35
CA LEU A 279 50.27 -25.92 19.06
C LEU A 279 51.12 -27.13 18.73
N LYS A 280 51.98 -26.98 17.74
CA LYS A 280 52.93 -28.01 17.34
C LYS A 280 52.26 -29.25 16.76
N ARG A 281 51.16 -29.06 16.06
CA ARG A 281 50.67 -30.15 15.22
C ARG A 281 50.03 -29.67 13.92
N LYS A 282 50.55 -30.13 12.81
CA LYS A 282 50.03 -29.73 11.52
C LYS A 282 48.63 -30.28 11.28
N PRO A 283 47.64 -29.40 11.25
CA PRO A 283 46.24 -29.74 10.99
C PRO A 283 46.09 -30.72 9.84
N ASP A 284 45.16 -31.66 9.97
CA ASP A 284 44.93 -32.64 8.91
C ASP A 284 44.03 -32.07 7.82
N GLY A 285 43.51 -30.88 8.04
CA GLY A 285 42.62 -30.24 7.10
C GLY A 285 41.96 -28.98 7.65
N ILE A 286 41.09 -28.42 6.82
CA ILE A 286 40.47 -27.13 7.09
C ILE A 286 38.97 -27.34 7.00
N LEU A 287 38.26 -26.83 8.00
CA LEU A 287 36.80 -26.92 7.99
C LEU A 287 36.23 -25.51 7.97
N PRO A 288 36.18 -24.91 6.77
CA PRO A 288 35.67 -23.54 6.58
C PRO A 288 34.22 -23.41 7.06
N ASN A 289 33.81 -22.20 7.43
CA ASN A 289 32.45 -22.00 7.89
C ASN A 289 31.52 -21.63 6.75
N GLY A 290 30.49 -22.42 6.55
CA GLY A 290 29.53 -22.14 5.51
C GLY A 290 28.33 -21.48 6.14
N LEU A 291 27.40 -21.04 5.30
CA LEU A 291 26.18 -20.40 5.77
C LEU A 291 24.97 -21.11 5.20
N ASN A 292 23.81 -20.85 5.81
CA ASN A 292 22.54 -21.33 5.29
C ASN A 292 22.03 -20.33 4.24
N VAL A 293 22.63 -20.36 3.05
CA VAL A 293 22.48 -19.29 2.05
C VAL A 293 21.04 -18.87 1.72
N ILE A 294 20.11 -19.81 1.81
CA ILE A 294 18.69 -19.51 1.64
C ILE A 294 18.25 -18.42 2.63
N LYS A 295 18.79 -18.47 3.83
CA LYS A 295 18.40 -17.56 4.92
C LYS A 295 18.58 -16.07 4.57
N PHE A 296 19.37 -15.80 3.54
CA PHE A 296 19.58 -14.43 3.08
C PHE A 296 18.70 -14.13 1.86
N GLN A 297 18.95 -14.82 0.75
CA GLN A 297 18.11 -14.70 -0.44
C GLN A 297 16.88 -15.61 -0.39
N LEU A 305 16.45 -4.90 -5.05
CA LEU A 305 16.66 -4.62 -3.62
C LEU A 305 17.72 -3.55 -3.37
N HIS A 306 18.84 -3.63 -4.10
CA HIS A 306 19.93 -2.69 -3.93
C HIS A 306 19.43 -1.26 -4.08
N ALA A 307 18.72 -0.98 -5.16
CA ALA A 307 18.20 0.35 -5.39
C ALA A 307 17.25 0.72 -4.26
N LEU A 308 16.21 -0.09 -4.09
CA LEU A 308 15.21 0.17 -3.07
C LEU A 308 15.84 0.49 -1.70
N LYS A 309 16.95 -0.18 -1.39
CA LYS A 309 17.61 -0.01 -0.10
C LYS A 309 18.63 1.14 -0.09
N LYS A 310 19.33 1.32 -1.20
CA LYS A 310 20.21 2.47 -1.37
C LYS A 310 19.45 3.77 -1.10
N GLU A 311 18.18 3.81 -1.51
CA GLU A 311 17.35 4.98 -1.30
C GLU A 311 17.19 5.33 0.18
N LYS A 312 17.15 4.32 1.04
CA LYS A 312 17.03 4.56 2.46
C LYS A 312 18.32 5.13 3.04
N ILE A 313 19.44 4.81 2.41
CA ILE A 313 20.73 5.35 2.81
C ILE A 313 20.82 6.76 2.31
N ASN A 314 20.30 6.99 1.11
CA ASN A 314 20.20 8.36 0.61
C ASN A 314 19.45 9.28 1.59
N ASP A 315 18.27 8.85 2.04
CA ASP A 315 17.49 9.61 3.00
C ASP A 315 18.34 9.95 4.21
N PHE A 316 19.20 9.05 4.60
CA PHE A 316 20.01 9.34 5.76
C PHE A 316 21.01 10.44 5.44
N VAL A 317 21.67 10.30 4.30
CA VAL A 317 22.73 11.23 3.91
C VAL A 317 22.24 12.68 3.74
N ARG A 318 21.04 12.86 3.19
CA ARG A 318 20.47 14.20 3.02
C ARG A 318 20.16 14.82 4.35
N GLY A 319 19.73 14.00 5.30
CA GLY A 319 19.49 14.48 6.65
C GLY A 319 20.78 14.81 7.36
N HIS A 320 21.88 14.25 6.92
CA HIS A 320 23.11 14.36 7.68
C HIS A 320 23.95 15.52 7.17
N PHE A 321 23.94 15.70 5.86
CA PHE A 321 24.66 16.77 5.22
C PHE A 321 23.74 17.95 4.87
N HIS A 322 22.62 18.05 5.58
CA HIS A 322 21.68 19.14 5.36
C HIS A 322 22.41 20.46 5.56
N GLY A 323 22.04 21.45 4.78
CA GLY A 323 22.65 22.77 4.91
C GLY A 323 23.94 22.90 4.15
N CYS A 324 24.55 21.79 3.80
CA CYS A 324 25.73 21.83 2.95
C CYS A 324 25.83 20.53 2.17
N PHE A 325 24.77 20.26 1.42
CA PHE A 325 24.71 19.07 0.60
C PHE A 325 25.14 19.43 -0.82
N ASP A 326 26.43 19.30 -1.07
CA ASP A 326 27.04 19.88 -2.28
C ASP A 326 27.56 18.86 -3.27
N PHE A 327 27.16 17.59 -3.14
CA PHE A 327 27.59 16.56 -4.08
C PHE A 327 26.40 15.83 -4.66
N ASP A 328 26.65 14.97 -5.65
CA ASP A 328 25.57 14.29 -6.37
C ASP A 328 25.44 12.85 -5.93
N LEU A 329 24.27 12.50 -5.41
CA LEU A 329 24.05 11.13 -4.95
C LEU A 329 24.08 10.11 -6.09
N ASP A 330 23.83 10.59 -7.30
CA ASP A 330 23.95 9.77 -8.49
C ASP A 330 25.40 9.61 -8.88
N ASN A 331 26.29 10.18 -8.08
CA ASN A 331 27.70 10.07 -8.37
C ASN A 331 28.47 9.72 -7.11
N THR A 332 27.76 9.36 -6.03
CA THR A 332 28.41 8.92 -4.80
C THR A 332 28.31 7.41 -4.56
N LEU A 333 29.39 6.87 -4.00
CA LEU A 333 29.53 5.46 -3.70
C LEU A 333 29.54 5.32 -2.19
N TYR A 334 28.91 4.28 -1.67
CA TYR A 334 28.93 4.03 -0.25
C TYR A 334 29.87 2.87 0.07
N PHE A 335 30.86 3.12 0.92
CA PHE A 335 31.72 2.05 1.40
C PHE A 335 31.33 1.80 2.84
N PHE A 336 31.56 0.59 3.35
CA PHE A 336 31.34 0.33 4.77
C PHE A 336 32.27 -0.73 5.37
N ILE A 337 32.42 -0.69 6.68
CA ILE A 337 33.09 -1.73 7.44
C ILE A 337 32.16 -2.04 8.60
N ALA A 338 32.15 -3.29 9.05
CA ALA A 338 31.31 -3.62 10.20
C ALA A 338 31.90 -4.79 11.00
N GLY A 339 31.28 -5.09 12.14
CA GLY A 339 31.75 -6.17 12.98
C GLY A 339 32.05 -5.71 14.38
N ARG A 340 32.57 -6.62 15.21
CA ARG A 340 32.91 -6.32 16.58
C ARG A 340 33.91 -5.19 16.56
N TYR A 341 33.92 -4.40 17.63
CA TYR A 341 34.85 -3.28 17.73
C TYR A 341 36.19 -3.79 18.19
N GLU A 342 37.02 -4.22 17.23
CA GLU A 342 38.39 -4.60 17.49
C GLU A 342 39.28 -3.74 16.60
N TYR A 343 39.65 -2.58 17.11
CA TYR A 343 40.31 -1.54 16.32
C TYR A 343 41.39 -2.08 15.41
N LYS A 344 42.39 -2.73 15.99
CA LYS A 344 43.55 -3.22 15.24
C LYS A 344 43.27 -4.55 14.51
N ASN A 345 42.60 -5.49 15.19
CA ASN A 345 42.36 -6.81 14.63
C ASN A 345 41.35 -6.88 13.49
N LYS A 346 40.43 -5.93 13.45
CA LYS A 346 39.44 -5.87 12.37
C LYS A 346 39.86 -4.87 11.31
N GLY A 347 41.03 -4.28 11.52
CA GLY A 347 41.61 -3.36 10.55
C GLY A 347 40.82 -2.08 10.36
N ALA A 348 40.38 -1.45 11.45
CA ALA A 348 39.68 -0.18 11.35
C ALA A 348 40.73 0.88 11.12
N ASP A 349 41.92 0.64 11.66
CA ASP A 349 43.06 1.54 11.47
C ASP A 349 43.44 1.66 9.99
N MET A 350 43.70 0.54 9.32
CA MET A 350 43.95 0.58 7.88
C MET A 350 42.79 1.26 7.17
N PHE A 351 41.57 0.94 7.56
CA PHE A 351 40.40 1.41 6.84
C PHE A 351 40.38 2.93 6.78
N ILE A 352 40.46 3.55 7.94
CA ILE A 352 40.39 4.99 8.03
C ILE A 352 41.57 5.62 7.31
N GLU A 353 42.77 5.21 7.71
CA GLU A 353 44.01 5.62 7.04
C GLU A 353 43.94 5.52 5.53
N ALA A 354 43.45 4.39 5.01
CA ALA A 354 43.35 4.19 3.58
C ALA A 354 42.37 5.16 2.96
N LEU A 355 41.32 5.51 3.69
CA LEU A 355 40.32 6.44 3.17
C LEU A 355 40.88 7.84 3.07
N ALA A 356 41.62 8.27 4.09
CA ALA A 356 42.35 9.54 4.05
C ALA A 356 43.27 9.61 2.83
N ARG A 357 43.96 8.52 2.56
CA ARG A 357 44.84 8.44 1.41
C ARG A 357 44.05 8.30 0.12
N LEU A 358 42.82 7.81 0.20
CA LEU A 358 41.96 7.74 -0.97
C LEU A 358 41.42 9.13 -1.29
N ASN A 359 41.23 9.91 -0.24
CA ASN A 359 40.72 11.26 -0.35
C ASN A 359 41.69 12.20 -1.06
N TYR A 360 42.97 12.11 -0.70
CA TYR A 360 44.04 12.82 -1.39
C TYR A 360 43.99 12.47 -2.87
N ARG A 361 44.12 11.19 -3.19
CA ARG A 361 44.18 10.76 -4.58
C ARG A 361 43.04 11.27 -5.44
N LEU A 362 41.87 11.50 -4.84
CA LEU A 362 40.69 11.92 -5.58
C LEU A 362 40.61 13.44 -5.72
N LYS A 363 41.17 14.14 -4.73
CA LYS A 363 41.28 15.58 -4.83
C LYS A 363 42.30 15.93 -5.92
N VAL A 364 43.51 15.37 -5.82
CA VAL A 364 44.55 15.58 -6.84
C VAL A 364 44.11 15.16 -8.24
N SER A 365 43.50 14.00 -8.37
CA SER A 365 43.06 13.53 -9.69
C SER A 365 41.88 14.36 -10.20
N GLY A 366 41.40 15.28 -9.37
CA GLY A 366 40.25 16.11 -9.70
C GLY A 366 39.00 15.31 -10.04
N SER A 367 38.56 14.45 -9.13
CA SER A 367 37.50 13.48 -9.41
C SER A 367 36.09 14.04 -9.18
N LYS A 368 35.12 13.44 -9.85
CA LYS A 368 33.76 13.95 -9.92
C LYS A 368 32.86 13.30 -8.88
N LYS A 369 33.41 12.31 -8.18
CA LYS A 369 32.62 11.41 -7.36
C LYS A 369 32.84 11.65 -5.89
N THR A 370 31.93 11.12 -5.07
CA THR A 370 32.05 11.19 -3.62
C THR A 370 31.91 9.81 -3.02
N VAL A 371 32.69 9.54 -1.98
CA VAL A 371 32.57 8.30 -1.23
C VAL A 371 32.15 8.59 0.20
N VAL A 372 30.93 8.22 0.57
CA VAL A 372 30.54 8.31 1.97
C VAL A 372 30.78 6.97 2.64
N ALA A 373 31.64 6.93 3.66
CA ALA A 373 32.09 5.68 4.25
C ALA A 373 31.60 5.50 5.68
N PHE A 374 30.77 4.49 5.88
CA PHE A 374 30.22 4.18 7.19
C PHE A 374 31.13 3.25 7.99
N ILE A 375 31.28 3.52 9.28
CA ILE A 375 31.90 2.57 10.20
C ILE A 375 30.86 2.07 11.19
N VAL A 376 30.38 0.84 10.99
CA VAL A 376 29.35 0.31 11.87
C VAL A 376 29.96 -0.65 12.90
N MET A 377 30.33 -0.12 14.06
CA MET A 377 31.04 -0.90 15.08
C MET A 377 30.64 -0.46 16.48
N PRO A 378 29.80 -1.27 17.16
CA PRO A 378 29.16 -0.89 18.43
C PRO A 378 30.14 -0.50 19.53
N ALA A 379 30.00 0.73 20.02
CA ALA A 379 30.80 1.24 21.11
C ALA A 379 29.86 1.59 22.26
N LYS A 380 30.44 1.98 23.40
CA LYS A 380 29.67 2.54 24.50
C LYS A 380 29.14 3.89 24.06
N ASN A 381 27.83 4.10 24.15
CA ASN A 381 27.25 5.33 23.66
C ASN A 381 26.04 5.79 24.48
N ASN A 382 25.73 7.08 24.42
CA ASN A 382 24.54 7.63 25.03
C ASN A 382 23.52 8.07 23.98
N SER A 383 23.11 7.11 23.15
CA SER A 383 22.18 7.34 22.04
C SER A 383 22.58 8.47 21.08
N PHE A 384 21.65 8.87 20.21
CA PHE A 384 21.95 9.79 19.13
C PHE A 384 22.26 11.20 19.61
N THR A 385 23.15 11.88 18.91
CA THR A 385 23.40 13.28 19.17
C THR A 385 22.21 14.11 18.72
N VAL A 386 21.85 15.06 19.56
CA VAL A 386 20.85 16.06 19.22
C VAL A 386 21.06 16.61 17.81
N GLU A 387 22.28 16.99 17.49
CA GLU A 387 22.59 17.53 16.17
C GLU A 387 22.21 16.58 15.02
N ALA A 388 22.41 15.28 15.20
CA ALA A 388 22.12 14.34 14.14
C ALA A 388 20.63 13.99 14.09
N LEU A 389 19.95 14.07 15.23
CA LEU A 389 18.51 13.84 15.24
C LEU A 389 17.77 14.97 14.53
N LYS A 390 18.18 16.20 14.80
CA LYS A 390 17.61 17.37 14.13
C LYS A 390 17.74 17.24 12.62
N GLY A 391 18.96 17.01 12.15
CA GLY A 391 19.19 16.87 10.72
C GLY A 391 18.08 16.06 10.05
N GLN A 392 17.80 14.89 10.60
CA GLN A 392 16.85 13.97 9.99
C GLN A 392 15.44 14.52 10.06
N ALA A 393 15.04 14.98 11.24
CA ALA A 393 13.67 15.47 11.43
C ALA A 393 13.32 16.64 10.51
N GLU A 394 14.27 17.54 10.29
CA GLU A 394 14.04 18.71 9.45
C GLU A 394 13.97 18.36 7.98
N VAL A 395 14.69 17.31 7.57
CA VAL A 395 14.66 16.89 6.19
C VAL A 395 13.45 16.01 5.95
N ARG A 396 12.96 15.38 7.01
CA ARG A 396 11.76 14.58 6.91
C ARG A 396 10.55 15.52 6.76
N ALA A 397 10.54 16.61 7.52
CA ALA A 397 9.49 17.61 7.42
C ALA A 397 9.48 18.35 6.09
N LEU A 398 10.65 18.49 5.47
CA LEU A 398 10.75 19.12 4.17
C LEU A 398 10.05 18.24 3.15
N GLU A 399 10.35 16.94 3.24
CA GLU A 399 9.74 15.94 2.37
C GLU A 399 8.23 15.96 2.53
N ASN A 400 7.76 16.09 3.77
CA ASN A 400 6.33 16.13 4.04
C ASN A 400 5.65 17.33 3.41
N THR A 401 6.25 18.50 3.59
CA THR A 401 5.72 19.74 3.05
C THR A 401 5.68 19.70 1.52
N VAL A 402 6.77 19.27 0.91
CA VAL A 402 6.82 19.15 -0.54
C VAL A 402 5.70 18.24 -1.02
N HIS A 403 5.52 17.13 -0.31
CA HIS A 403 4.48 16.17 -0.68
C HIS A 403 3.10 16.79 -0.55
N GLU A 404 2.86 17.50 0.55
CA GLU A 404 1.57 18.17 0.73
C GLU A 404 1.35 19.21 -0.36
N VAL A 405 2.39 19.95 -0.69
CA VAL A 405 2.29 21.02 -1.68
C VAL A 405 2.06 20.50 -3.09
N THR A 406 2.74 19.41 -3.46
CA THR A 406 2.60 18.92 -4.82
C THR A 406 1.27 18.20 -5.05
N THR A 407 0.70 17.58 -4.02
CA THR A 407 -0.60 16.97 -4.27
C THR A 407 -1.66 18.06 -4.39
N SER A 408 -1.37 19.22 -3.81
CA SER A 408 -2.21 20.41 -3.99
C SER A 408 -2.19 20.91 -5.42
N ILE A 409 -0.99 20.95 -6.01
CA ILE A 409 -0.84 21.34 -7.39
C ILE A 409 -1.55 20.33 -8.29
N GLY A 410 -1.34 19.05 -7.99
CA GLY A 410 -2.07 17.99 -8.67
C GLY A 410 -3.55 18.32 -8.71
N LYS A 411 -4.15 18.45 -7.53
CA LYS A 411 -5.57 18.76 -7.47
C LYS A 411 -5.89 19.95 -8.37
N ARG A 412 -5.06 20.99 -8.31
CA ARG A 412 -5.37 22.20 -9.07
C ARG A 412 -5.19 22.06 -10.59
N ILE A 413 -4.14 21.36 -11.02
CA ILE A 413 -3.93 21.14 -12.45
C ILE A 413 -5.04 20.28 -13.02
N PHE A 414 -5.30 19.15 -12.36
CA PHE A 414 -6.37 18.26 -12.78
C PHE A 414 -7.72 18.93 -12.78
N ASP A 415 -8.06 19.65 -11.72
CA ASP A 415 -9.39 20.23 -11.65
C ASP A 415 -9.57 21.36 -12.65
N HIS A 416 -8.47 21.90 -13.15
CA HIS A 416 -8.55 22.85 -14.25
C HIS A 416 -8.83 22.08 -15.54
N ALA A 417 -7.98 21.11 -15.85
CA ALA A 417 -8.11 20.27 -17.03
C ALA A 417 -9.50 19.62 -17.17
N ILE A 418 -10.01 19.05 -16.09
CA ILE A 418 -11.28 18.36 -16.17
C ILE A 418 -12.42 19.33 -16.39
N ARG A 419 -12.21 20.60 -16.03
CA ARG A 419 -13.28 21.59 -16.13
C ARG A 419 -13.31 22.26 -17.52
N TYR A 420 -12.32 21.93 -18.34
CA TYR A 420 -12.13 22.58 -19.63
C TYR A 420 -13.24 22.26 -20.63
N PRO A 421 -13.78 23.31 -21.28
CA PRO A 421 -13.38 24.71 -21.10
C PRO A 421 -13.91 25.31 -19.81
N GLU A 435 2.22 30.78 -11.74
CA GLU A 435 2.34 30.36 -10.36
C GLU A 435 1.15 29.48 -9.94
N LEU A 436 1.43 28.20 -9.82
CA LEU A 436 0.47 27.21 -9.31
C LEU A 436 0.61 27.08 -7.81
N LEU A 437 1.72 27.60 -7.29
CA LEU A 437 1.97 27.63 -5.86
C LEU A 437 1.39 28.89 -5.26
N LYS A 438 0.37 28.73 -4.43
CA LYS A 438 -0.19 29.88 -3.75
C LYS A 438 0.78 30.38 -2.68
N SER A 439 0.48 31.56 -2.13
CA SER A 439 1.31 32.18 -1.13
C SER A 439 1.35 31.33 0.14
N SER A 440 0.25 30.65 0.42
CA SER A 440 0.16 29.77 1.59
C SER A 440 1.21 28.67 1.59
N ASP A 441 1.41 28.07 0.42
CA ASP A 441 2.35 26.97 0.23
C ASP A 441 3.77 27.49 0.17
N LYS A 442 3.95 28.65 -0.46
CA LYS A 442 5.26 29.28 -0.54
C LYS A 442 5.82 29.48 0.86
N VAL A 443 4.96 29.93 1.77
CA VAL A 443 5.38 30.26 3.13
C VAL A 443 5.88 29.06 3.92
N MET A 444 5.15 27.95 3.89
CA MET A 444 5.65 26.74 4.54
C MET A 444 6.85 26.12 3.82
N LEU A 445 6.86 26.21 2.49
CA LEU A 445 8.01 25.78 1.75
C LEU A 445 9.23 26.54 2.22
N LYS A 446 9.10 27.86 2.29
CA LYS A 446 10.23 28.71 2.68
C LYS A 446 10.72 28.38 4.09
N ARG A 447 9.80 28.24 5.02
CA ARG A 447 10.15 27.90 6.38
C ARG A 447 10.96 26.60 6.47
N ARG A 448 10.50 25.57 5.76
CA ARG A 448 11.14 24.27 5.75
C ARG A 448 12.54 24.28 5.17
N ILE A 449 12.78 25.16 4.21
CA ILE A 449 14.11 25.31 3.61
C ILE A 449 15.06 26.12 4.48
N LEU A 450 14.50 27.05 5.24
CA LEU A 450 15.30 27.83 6.17
C LEU A 450 15.71 26.97 7.35
N ALA A 451 14.95 25.92 7.61
CA ALA A 451 15.23 25.06 8.74
C ALA A 451 16.49 24.24 8.47
N LEU A 452 16.94 24.22 7.23
CA LEU A 452 18.05 23.35 6.84
C LEU A 452 19.41 24.01 7.03
N ARG A 453 19.45 25.33 6.86
CA ARG A 453 20.69 26.09 7.08
C ARG A 453 21.37 25.66 8.37
N ARG A 454 22.67 25.43 8.32
CA ARG A 454 23.39 25.11 9.55
C ARG A 454 24.39 26.20 9.97
N PRO A 455 24.54 26.40 11.29
CA PRO A 455 25.43 27.41 11.88
C PRO A 455 26.71 27.54 11.07
N GLU A 456 27.20 28.76 10.87
CA GLU A 456 28.38 28.93 10.03
C GLU A 456 29.56 28.16 10.57
N GLY A 457 30.30 27.55 9.65
CA GLY A 457 31.49 26.81 9.98
C GLY A 457 31.27 25.48 10.67
N GLN A 458 30.00 25.13 10.92
CA GLN A 458 29.66 23.84 11.48
C GLN A 458 29.60 22.82 10.35
N LEU A 459 30.30 21.71 10.54
CA LEU A 459 30.42 20.68 9.52
C LEU A 459 29.56 19.49 9.89
N PRO A 460 29.20 18.66 8.90
CA PRO A 460 28.45 17.43 9.18
C PRO A 460 29.24 16.48 10.08
N PRO A 461 28.70 16.16 11.26
CA PRO A 461 29.37 15.32 12.27
C PRO A 461 30.01 14.07 11.70
N ILE A 462 31.11 13.62 12.29
CA ILE A 462 31.70 12.36 11.87
C ILE A 462 31.14 11.22 12.69
N VAL A 463 30.25 11.53 13.62
CA VAL A 463 29.68 10.50 14.49
C VAL A 463 28.20 10.74 14.77
N THR A 464 27.42 9.67 14.82
CA THR A 464 25.98 9.81 14.97
C THR A 464 25.50 9.75 16.42
N HIS A 465 26.37 9.34 17.33
CA HIS A 465 25.98 9.07 18.71
C HIS A 465 26.79 9.86 19.73
N ASN A 466 26.34 9.81 20.97
CA ASN A 466 27.07 10.39 22.09
C ASN A 466 28.05 9.36 22.60
N MET A 467 29.35 9.60 22.40
CA MET A 467 30.37 8.67 22.84
C MET A 467 30.64 8.79 24.35
N VAL A 468 30.57 7.65 25.04
CA VAL A 468 30.88 7.58 26.47
C VAL A 468 32.38 7.53 26.66
N ASP A 469 33.12 8.28 25.86
CA ASP A 469 34.57 8.28 25.95
C ASP A 469 35.14 8.99 24.75
N ASP A 470 34.61 10.15 24.44
CA ASP A 470 34.96 10.84 23.21
C ASP A 470 36.48 10.99 23.04
N ALA A 471 37.19 11.13 24.15
CA ALA A 471 38.61 11.48 24.10
C ALA A 471 39.53 10.27 23.90
N ASN A 472 39.11 9.11 24.39
CA ASN A 472 39.93 7.91 24.33
C ASN A 472 39.62 6.95 23.18
N ASP A 473 38.48 7.17 22.52
CA ASP A 473 38.04 6.24 21.47
C ASP A 473 39.06 6.09 20.36
N LEU A 474 39.32 4.85 19.98
CA LEU A 474 40.36 4.55 19.01
C LEU A 474 39.98 5.01 17.62
N ILE A 475 38.72 4.78 17.25
CA ILE A 475 38.20 5.16 15.94
C ILE A 475 38.16 6.67 15.76
N LEU A 476 37.41 7.35 16.63
CA LEU A 476 37.32 8.81 16.58
C LEU A 476 38.68 9.48 16.49
N ASN A 477 39.58 9.10 17.39
CA ASN A 477 40.93 9.67 17.40
C ASN A 477 41.71 9.45 16.11
N LYS A 478 41.47 8.32 15.44
CA LYS A 478 42.17 8.02 14.21
C LYS A 478 41.63 8.83 13.05
N ILE A 479 40.34 9.16 13.06
CA ILE A 479 39.81 9.97 11.97
C ILE A 479 40.07 11.45 12.21
N ARG A 480 40.26 11.81 13.48
CA ARG A 480 40.80 13.13 13.82
C ARG A 480 42.24 13.29 13.32
N GLN A 481 43.06 12.28 13.57
CA GLN A 481 44.45 12.30 13.15
C GLN A 481 44.60 12.52 11.66
N VAL A 482 43.70 11.94 10.86
CA VAL A 482 43.79 12.05 9.40
C VAL A 482 42.96 13.21 8.86
N GLN A 483 42.29 13.92 9.77
CA GLN A 483 41.51 15.11 9.45
C GLN A 483 40.51 14.91 8.31
N LEU A 484 39.72 13.87 8.42
CA LEU A 484 38.56 13.68 7.57
C LEU A 484 37.41 14.24 8.34
N PHE A 485 37.07 15.51 8.08
CA PHE A 485 36.08 16.17 8.91
C PHE A 485 34.82 16.50 8.13
N ASN A 486 34.72 15.98 6.92
CA ASN A 486 33.51 16.14 6.11
C ASN A 486 33.32 17.50 5.48
N SER A 487 34.39 18.29 5.41
CA SER A 487 34.34 19.59 4.73
C SER A 487 34.12 19.41 3.22
N PRO A 488 33.53 20.43 2.57
CA PRO A 488 33.07 20.32 1.18
C PRO A 488 34.18 19.92 0.22
N SER A 489 35.41 20.26 0.57
CA SER A 489 36.56 19.93 -0.26
C SER A 489 36.81 18.42 -0.23
N ASP A 490 36.63 17.85 0.96
CA ASP A 490 36.81 16.43 1.22
C ASP A 490 35.90 15.56 0.35
N ARG A 491 36.53 14.67 -0.41
CA ARG A 491 35.84 13.86 -1.41
C ARG A 491 35.40 12.49 -0.88
N VAL A 492 36.01 12.02 0.21
CA VAL A 492 35.44 10.91 0.95
C VAL A 492 34.92 11.44 2.26
N LYS A 493 33.67 11.10 2.57
CA LYS A 493 33.02 11.55 3.78
C LYS A 493 33.03 10.40 4.80
N MET A 494 32.98 10.75 6.08
CA MET A 494 33.16 9.79 7.15
C MET A 494 31.95 9.73 8.05
N ILE A 495 31.50 8.54 8.40
CA ILE A 495 30.32 8.40 9.26
C ILE A 495 30.47 7.23 10.23
N PHE A 496 30.80 7.53 11.47
CA PHE A 496 30.92 6.50 12.47
C PHE A 496 29.57 6.33 13.19
N HIS A 497 29.05 5.11 13.17
CA HIS A 497 27.76 4.75 13.79
C HIS A 497 27.93 3.65 14.83
N PRO A 498 28.33 4.01 16.05
CA PRO A 498 28.72 3.08 17.10
C PRO A 498 27.58 2.28 17.74
N GLU A 499 26.74 1.66 16.93
CA GLU A 499 25.65 0.86 17.45
C GLU A 499 25.15 -0.08 16.38
N PHE A 500 24.46 -1.14 16.79
CA PHE A 500 23.87 -2.05 15.82
C PHE A 500 22.84 -1.28 15.02
N LEU A 501 22.55 -1.76 13.82
CA LEU A 501 21.53 -1.14 12.99
C LEU A 501 20.18 -1.82 13.20
N ASN A 502 19.16 -1.01 13.48
CA ASN A 502 17.79 -1.50 13.53
C ASN A 502 16.90 -0.65 12.64
N ALA A 503 15.94 -1.28 11.96
CA ALA A 503 15.10 -0.59 10.98
C ALA A 503 14.17 0.45 11.61
N ASN A 504 14.05 0.38 12.93
CA ASN A 504 13.20 1.28 13.71
C ASN A 504 13.97 2.47 14.30
N ASN A 505 15.10 2.83 13.69
CA ASN A 505 15.90 3.93 14.22
C ASN A 505 15.64 5.25 13.52
N PRO A 506 15.62 6.34 14.29
CA PRO A 506 15.38 7.71 13.82
C PRO A 506 16.43 8.16 12.83
N ILE A 507 17.60 7.53 12.87
CA ILE A 507 18.67 7.95 11.99
C ILE A 507 18.72 7.08 10.72
N LEU A 508 19.35 5.91 10.82
CA LEU A 508 19.58 5.07 9.67
C LEU A 508 18.56 3.95 9.77
N GLY A 509 17.38 4.16 9.17
CA GLY A 509 16.27 3.23 9.30
C GLY A 509 16.42 1.92 8.54
N LEU A 510 17.55 1.25 8.74
CA LEU A 510 17.84 0.01 8.07
C LEU A 510 18.15 -1.06 9.09
N ASP A 511 17.88 -2.31 8.74
CA ASP A 511 18.40 -3.43 9.49
C ASP A 511 19.73 -3.73 8.85
N TYR A 512 20.66 -4.31 9.59
CA TYR A 512 21.99 -4.55 9.02
C TYR A 512 21.89 -5.16 7.63
N ASP A 513 21.12 -6.23 7.48
CA ASP A 513 21.02 -6.86 6.17
C ASP A 513 20.54 -5.89 5.08
N GLU A 514 19.65 -4.97 5.45
CA GLU A 514 19.15 -3.97 4.52
C GLU A 514 20.26 -3.01 4.11
N PHE A 515 20.92 -2.43 5.11
CA PHE A 515 22.04 -1.51 4.91
C PHE A 515 23.12 -2.11 4.02
N VAL A 516 23.50 -3.34 4.31
CA VAL A 516 24.55 -3.99 3.52
C VAL A 516 24.19 -4.02 2.05
N ARG A 517 22.97 -4.43 1.75
CA ARG A 517 22.53 -4.50 0.36
C ARG A 517 22.53 -3.12 -0.28
N GLY A 518 22.10 -2.12 0.47
CA GLY A 518 22.07 -0.75 -0.01
C GLY A 518 23.43 -0.22 -0.43
N CYS A 519 24.50 -0.83 0.07
CA CYS A 519 25.83 -0.28 -0.12
C CYS A 519 26.52 -0.75 -1.40
N HIS A 520 27.73 -0.28 -1.62
CA HIS A 520 28.43 -0.52 -2.87
C HIS A 520 29.66 -1.40 -2.70
N LEU A 521 30.28 -1.31 -1.53
CA LEU A 521 31.52 -2.04 -1.28
C LEU A 521 31.72 -2.22 0.22
N GLY A 522 32.02 -3.45 0.65
CA GLY A 522 32.34 -3.69 2.05
C GLY A 522 33.83 -3.76 2.20
N VAL A 523 34.38 -3.19 3.27
CA VAL A 523 35.83 -3.13 3.41
C VAL A 523 36.31 -3.67 4.75
N PHE A 524 36.92 -4.85 4.74
CA PHE A 524 37.30 -5.52 5.98
C PHE A 524 38.76 -5.96 6.00
N PRO A 525 39.67 -4.99 6.24
CA PRO A 525 41.11 -5.21 6.23
C PRO A 525 41.57 -5.86 7.54
N SER A 526 41.13 -7.08 7.81
CA SER A 526 41.37 -7.67 9.13
C SER A 526 42.81 -8.15 9.30
N TYR A 527 43.34 -8.00 10.50
CA TYR A 527 44.69 -8.46 10.81
C TYR A 527 44.70 -9.78 11.58
N TYR A 528 43.73 -9.96 12.48
CA TYR A 528 43.55 -11.25 13.13
C TYR A 528 42.09 -11.64 13.03
N GLU A 529 41.81 -12.73 12.35
CA GLU A 529 40.44 -13.05 12.02
C GLU A 529 40.40 -14.44 11.45
N PRO A 530 40.22 -15.43 12.31
CA PRO A 530 40.21 -16.87 11.98
C PRO A 530 39.17 -17.24 10.92
N TRP A 531 37.98 -16.65 10.97
CA TRP A 531 37.09 -16.81 9.82
C TRP A 531 36.73 -15.49 9.14
N GLY A 532 35.97 -14.66 9.83
CA GLY A 532 35.49 -13.45 9.21
C GLY A 532 34.11 -13.70 8.64
N TYR A 533 33.13 -13.80 9.52
CA TYR A 533 31.79 -14.02 9.04
C TYR A 533 31.29 -12.83 8.22
N THR A 534 31.51 -11.63 8.75
CA THR A 534 31.00 -10.40 8.14
C THR A 534 31.38 -10.18 6.67
N PRO A 535 32.66 -10.42 6.29
CA PRO A 535 32.92 -10.29 4.85
C PRO A 535 32.22 -11.38 4.08
N ALA A 536 32.22 -12.58 4.63
CA ALA A 536 31.66 -13.75 3.95
C ALA A 536 30.19 -13.55 3.69
N GLU A 537 29.45 -13.15 4.73
CA GLU A 537 28.02 -12.96 4.64
C GLU A 537 27.72 -11.68 3.89
N CYS A 538 28.69 -10.79 3.81
CA CYS A 538 28.58 -9.61 2.96
C CYS A 538 28.51 -10.04 1.50
N THR A 539 29.40 -10.96 1.13
CA THR A 539 29.46 -11.48 -0.23
C THR A 539 28.22 -12.30 -0.58
N VAL A 540 27.78 -13.12 0.37
CA VAL A 540 26.57 -13.91 0.17
C VAL A 540 25.39 -13.01 -0.22
N MET A 541 25.44 -11.75 0.19
CA MET A 541 24.36 -10.80 -0.11
C MET A 541 24.58 -10.05 -1.42
N GLY A 542 25.59 -10.46 -2.17
CA GLY A 542 25.84 -9.90 -3.49
C GLY A 542 26.53 -8.55 -3.46
N VAL A 543 27.41 -8.34 -2.50
CA VAL A 543 28.06 -7.06 -2.37
C VAL A 543 29.57 -7.21 -2.40
N PRO A 544 30.21 -6.63 -3.41
CA PRO A 544 31.64 -6.77 -3.55
C PRO A 544 32.30 -6.34 -2.26
N SER A 545 33.44 -6.92 -1.94
CA SER A 545 34.05 -6.71 -0.65
C SER A 545 35.57 -6.84 -0.71
N ILE A 546 36.24 -6.25 0.26
CA ILE A 546 37.67 -6.35 0.37
C ILE A 546 38.05 -7.03 1.68
N THR A 547 38.73 -8.16 1.57
CA THR A 547 39.28 -8.83 2.73
C THR A 547 40.78 -8.91 2.58
N THR A 548 41.40 -9.73 3.42
CA THR A 548 42.84 -9.84 3.43
C THR A 548 43.25 -11.30 3.43
N ASN A 549 44.53 -11.56 3.16
CA ASN A 549 44.99 -12.92 3.14
C ASN A 549 45.28 -13.45 4.54
N VAL A 550 45.09 -12.63 5.56
CA VAL A 550 45.26 -13.08 6.95
C VAL A 550 43.92 -13.30 7.69
N SER A 551 42.83 -13.02 6.99
CA SER A 551 41.51 -13.48 7.38
C SER A 551 41.33 -14.91 6.93
N GLY A 552 40.58 -15.70 7.71
CA GLY A 552 40.28 -17.05 7.33
C GLY A 552 39.55 -17.06 6.01
N PHE A 553 38.42 -16.37 5.99
CA PHE A 553 37.62 -16.22 4.78
C PHE A 553 38.48 -15.75 3.61
N GLY A 554 39.30 -14.74 3.86
CA GLY A 554 40.18 -14.23 2.83
C GLY A 554 41.02 -15.36 2.25
N SER A 555 41.77 -16.01 3.14
CA SER A 555 42.69 -17.07 2.74
C SER A 555 41.96 -18.18 1.99
N TYR A 556 40.76 -18.53 2.46
CA TYR A 556 39.97 -19.54 1.76
C TYR A 556 39.68 -19.05 0.36
N MET A 557 39.11 -17.86 0.29
CA MET A 557 38.73 -17.25 -0.98
C MET A 557 39.91 -17.19 -1.98
N GLU A 558 41.12 -17.00 -1.47
CA GLU A 558 42.29 -16.91 -2.33
C GLU A 558 42.42 -18.13 -3.26
N ASP A 559 42.14 -19.32 -2.73
CA ASP A 559 42.28 -20.54 -3.49
C ASP A 559 41.16 -20.80 -4.49
N LEU A 560 40.33 -19.81 -4.79
CA LEU A 560 39.24 -20.00 -5.73
C LEU A 560 39.07 -18.79 -6.68
N ALA A 566 40.43 -13.01 -11.39
CA ALA A 566 40.46 -13.05 -9.92
C ALA A 566 39.52 -12.01 -9.27
N LYS A 567 39.99 -10.77 -9.19
CA LYS A 567 39.24 -9.65 -8.59
C LYS A 567 37.93 -9.35 -9.32
N ASP A 568 37.75 -9.96 -10.49
CA ASP A 568 36.59 -9.71 -11.34
C ASP A 568 35.30 -10.19 -10.69
N TYR A 569 35.43 -11.07 -9.70
CA TYR A 569 34.27 -11.69 -9.03
C TYR A 569 33.79 -10.92 -7.79
N GLY A 570 34.31 -9.71 -7.62
CA GLY A 570 33.89 -8.85 -6.55
C GLY A 570 34.56 -9.16 -5.23
N ILE A 571 35.70 -9.83 -5.27
CA ILE A 571 36.50 -9.96 -4.06
C ILE A 571 37.94 -9.57 -4.30
N TYR A 572 38.36 -8.56 -3.57
CA TYR A 572 39.72 -8.12 -3.57
C TYR A 572 40.33 -8.69 -2.32
N ILE A 573 41.58 -9.09 -2.40
CA ILE A 573 42.26 -9.61 -1.22
C ILE A 573 43.51 -8.80 -1.01
N VAL A 574 43.53 -8.04 0.07
CA VAL A 574 44.72 -7.27 0.38
C VAL A 574 45.76 -8.17 1.00
N ASP A 575 46.99 -8.10 0.50
CA ASP A 575 48.08 -8.85 1.09
C ASP A 575 48.58 -8.15 2.35
N ARG A 576 48.19 -8.67 3.50
CA ARG A 576 48.65 -8.13 4.78
C ARG A 576 49.77 -9.00 5.34
N ARG A 577 50.11 -10.07 4.64
CA ARG A 577 51.02 -11.07 5.16
C ARG A 577 52.46 -10.92 4.67
N PHE A 578 52.61 -10.49 3.43
CA PHE A 578 53.94 -10.44 2.81
C PHE A 578 54.45 -9.03 2.49
N LYS A 579 53.54 -8.09 2.25
CA LYS A 579 53.92 -6.69 2.08
C LYS A 579 54.09 -6.03 3.45
N ALA A 580 54.83 -4.93 3.49
CA ALA A 580 55.03 -4.21 4.74
C ALA A 580 53.76 -3.45 5.09
N PRO A 581 53.60 -3.08 6.38
CA PRO A 581 52.37 -2.39 6.80
C PRO A 581 51.95 -1.30 5.81
N ASP A 582 52.88 -0.45 5.41
CA ASP A 582 52.55 0.66 4.51
C ASP A 582 52.15 0.21 3.11
N GLU A 583 52.86 -0.76 2.54
CA GLU A 583 52.52 -1.25 1.20
C GLU A 583 51.14 -1.89 1.18
N SER A 584 50.73 -2.40 2.34
CA SER A 584 49.41 -2.98 2.49
C SER A 584 48.37 -1.87 2.39
N VAL A 585 48.57 -0.80 3.13
CA VAL A 585 47.67 0.34 3.08
C VAL A 585 47.56 0.85 1.65
N GLU A 586 48.69 1.00 0.98
CA GLU A 586 48.72 1.49 -0.40
C GLU A 586 47.98 0.57 -1.37
N GLN A 587 48.09 -0.73 -1.16
CA GLN A 587 47.35 -1.69 -1.98
C GLN A 587 45.84 -1.59 -1.74
N LEU A 588 45.46 -1.14 -0.54
CA LEU A 588 44.06 -1.00 -0.18
C LEU A 588 43.48 0.20 -0.92
N VAL A 589 44.24 1.29 -0.91
CA VAL A 589 43.85 2.50 -1.64
C VAL A 589 43.75 2.26 -3.14
N ASP A 590 44.56 1.33 -3.67
CA ASP A 590 44.52 1.02 -5.09
C ASP A 590 43.23 0.29 -5.47
N TYR A 591 42.80 -0.60 -4.59
CA TYR A 591 41.57 -1.33 -4.82
C TYR A 591 40.37 -0.41 -4.71
N MET A 592 40.43 0.55 -3.78
CA MET A 592 39.35 1.52 -3.57
C MET A 592 39.22 2.45 -4.77
N GLU A 593 40.35 3.05 -5.15
CA GLU A 593 40.43 3.93 -6.31
C GLU A 593 39.89 3.23 -7.55
N GLU A 594 40.44 2.07 -7.86
CA GLU A 594 39.96 1.30 -9.00
C GLU A 594 38.44 1.19 -8.96
N PHE A 595 37.89 0.91 -7.77
CA PHE A 595 36.45 0.73 -7.63
C PHE A 595 35.68 2.03 -7.86
N VAL A 596 36.24 3.15 -7.42
CA VAL A 596 35.61 4.46 -7.63
C VAL A 596 35.55 4.77 -9.13
N LYS A 597 36.66 4.53 -9.83
CA LYS A 597 36.76 4.84 -11.26
C LYS A 597 36.09 3.80 -12.14
N LYS A 598 35.16 3.05 -11.58
CA LYS A 598 34.46 2.03 -12.33
C LYS A 598 33.19 2.61 -12.95
N THR A 599 33.00 2.35 -14.23
CA THR A 599 31.82 2.85 -14.95
C THR A 599 30.58 2.18 -14.39
N ALA A 600 29.43 2.78 -14.62
CA ALA A 600 28.16 2.23 -14.15
C ALA A 600 28.00 0.77 -14.59
N ALA A 601 28.49 0.46 -15.78
CA ALA A 601 28.36 -0.87 -16.35
C ALA A 601 29.43 -1.85 -15.86
N GLN A 602 30.64 -1.35 -15.61
CA GLN A 602 31.72 -2.16 -15.06
C GLN A 602 31.36 -2.66 -13.65
N ALA A 603 30.68 -1.81 -12.88
CA ALA A 603 30.22 -2.17 -11.54
C ALA A 603 29.11 -3.22 -11.56
N ILE A 604 28.15 -3.06 -12.46
CA ILE A 604 27.04 -4.02 -12.56
C ILE A 604 27.52 -5.37 -13.08
N ASN A 605 28.68 -5.38 -13.73
CA ASN A 605 29.31 -6.64 -14.10
C ASN A 605 29.70 -7.37 -12.82
N GLN A 606 30.55 -6.70 -12.04
CA GLN A 606 31.07 -7.24 -10.78
C GLN A 606 29.97 -7.70 -9.81
N ARG A 607 29.13 -6.78 -9.36
CA ARG A 607 27.97 -7.14 -8.56
C ARG A 607 27.40 -8.48 -8.97
N ASN A 608 27.02 -8.60 -10.24
CA ASN A 608 26.43 -9.82 -10.78
C ASN A 608 27.35 -11.03 -10.61
N ARG A 609 28.65 -10.81 -10.72
CA ARG A 609 29.62 -11.89 -10.54
C ARG A 609 29.67 -12.42 -9.11
N THR A 610 29.87 -11.55 -8.13
CA THR A 610 29.94 -11.97 -6.73
C THR A 610 28.68 -12.71 -6.30
N GLU A 611 27.53 -12.23 -6.77
CA GLU A 611 26.24 -12.80 -6.41
C GLU A 611 26.18 -14.30 -6.72
N ARG A 612 26.97 -14.73 -7.71
CA ARG A 612 27.04 -16.13 -8.11
C ARG A 612 28.08 -16.92 -7.32
N LEU A 613 28.89 -16.23 -6.52
CA LEU A 613 29.82 -16.88 -5.60
C LEU A 613 29.07 -17.33 -4.35
N SER A 614 27.87 -16.79 -4.16
CA SER A 614 27.09 -17.06 -2.96
C SER A 614 26.84 -18.57 -2.76
N ASP A 615 26.58 -19.28 -3.85
CA ASP A 615 26.25 -20.69 -3.71
C ASP A 615 27.48 -21.49 -3.30
N LEU A 616 28.65 -20.93 -3.54
CA LEU A 616 29.88 -21.60 -3.15
C LEU A 616 30.07 -21.68 -1.63
N LEU A 617 29.35 -20.86 -0.88
CA LEU A 617 29.52 -20.80 0.58
C LEU A 617 28.40 -21.49 1.37
N ASP A 618 27.50 -22.18 0.69
CA ASP A 618 26.44 -22.90 1.41
C ASP A 618 27.01 -24.14 2.09
N TRP A 619 26.37 -24.55 3.17
CA TRP A 619 26.76 -25.77 3.86
C TRP A 619 26.64 -27.00 2.96
N LYS A 620 25.77 -26.93 1.95
CA LYS A 620 25.63 -27.99 0.95
C LYS A 620 26.98 -28.36 0.36
N ARG A 621 27.82 -27.35 0.12
CA ARG A 621 29.16 -27.59 -0.43
C ARG A 621 30.26 -27.67 0.64
N MET A 622 30.17 -26.85 1.68
CA MET A 622 31.24 -26.77 2.67
C MET A 622 31.11 -27.91 3.65
N GLY A 623 29.91 -28.46 3.74
CA GLY A 623 29.66 -29.58 4.62
C GLY A 623 30.42 -30.82 4.21
N LEU A 624 30.90 -30.85 2.97
CA LEU A 624 31.61 -32.01 2.44
C LEU A 624 32.99 -32.13 3.07
N GLU A 625 33.49 -31.01 3.59
CA GLU A 625 34.74 -31.01 4.33
C GLU A 625 34.56 -31.61 5.71
N TYR A 626 33.37 -31.49 6.28
CA TYR A 626 33.14 -32.14 7.57
C TYR A 626 33.09 -33.64 7.33
N VAL A 627 32.61 -34.04 6.16
CA VAL A 627 32.54 -35.45 5.81
C VAL A 627 33.94 -36.05 5.61
N LYS A 628 34.85 -35.32 4.96
CA LYS A 628 36.22 -35.81 4.82
C LYS A 628 36.89 -35.95 6.19
N ALA A 629 36.58 -35.05 7.09
CA ALA A 629 37.18 -35.09 8.42
C ALA A 629 36.68 -36.32 9.17
N ARG A 630 35.38 -36.58 9.07
CA ARG A 630 34.78 -37.71 9.77
C ARG A 630 35.30 -39.01 9.18
N GLN A 631 35.23 -39.12 7.87
CA GLN A 631 35.69 -40.32 7.18
C GLN A 631 37.19 -40.55 7.30
N LEU A 632 37.96 -39.51 7.60
CA LEU A 632 39.37 -39.71 7.89
C LEU A 632 39.52 -40.18 9.34
N ALA A 633 38.62 -39.75 10.21
CA ALA A 633 38.66 -40.22 11.58
C ALA A 633 38.34 -41.72 11.60
N LEU A 634 37.46 -42.14 10.72
CA LEU A 634 37.12 -43.56 10.64
C LEU A 634 38.30 -44.38 10.06
N ARG A 635 38.74 -44.04 8.86
CA ARG A 635 39.91 -44.66 8.24
C ARG A 635 41.09 -44.83 9.22
N ARG A 636 41.25 -43.88 10.13
CA ARG A 636 42.37 -43.96 11.07
C ARG A 636 42.06 -44.89 12.24
N GLY A 637 40.78 -45.04 12.56
CA GLY A 637 40.36 -45.80 13.73
C GLY A 637 40.26 -47.30 13.49
N TYR A 638 39.69 -47.65 12.36
CA TYR A 638 39.49 -49.03 11.97
C TYR A 638 40.03 -49.22 10.56
N PRO A 639 41.37 -49.18 10.43
CA PRO A 639 42.09 -49.21 9.16
C PRO A 639 41.66 -50.43 8.36
N ASP A 640 41.60 -51.56 9.06
CA ASP A 640 41.26 -52.83 8.45
C ASP A 640 39.80 -52.82 7.98
N GLN A 641 38.89 -52.56 8.89
CA GLN A 641 37.48 -52.46 8.53
C GLN A 641 37.24 -51.49 7.36
N PHE A 642 38.03 -50.43 7.30
CA PHE A 642 37.82 -49.36 6.31
C PHE A 642 38.21 -49.81 4.91
N ARG A 643 39.24 -50.64 4.83
CA ARG A 643 39.69 -51.20 3.56
C ARG A 643 38.58 -52.05 2.95
N GLU A 644 37.91 -52.83 3.81
CA GLU A 644 36.83 -53.72 3.40
C GLU A 644 35.66 -52.96 2.78
N LEU A 645 35.40 -51.76 3.31
CA LEU A 645 34.28 -50.93 2.85
C LEU A 645 34.60 -50.18 1.54
N VAL A 646 35.88 -49.90 1.32
CA VAL A 646 36.30 -49.08 0.17
C VAL A 646 36.83 -49.88 -1.01
N GLY A 647 37.39 -51.05 -0.74
CA GLY A 647 37.89 -51.92 -1.79
C GLY A 647 39.38 -51.79 -2.04
N GLU A 648 40.07 -51.13 -1.11
CA GLU A 648 41.50 -50.94 -1.20
C GLU A 648 41.99 -50.30 0.10
N GLU A 649 43.23 -49.83 0.09
CA GLU A 649 43.70 -48.97 1.18
C GLU A 649 43.96 -47.56 0.64
N LEU A 650 43.26 -46.59 1.21
CA LEU A 650 43.43 -45.20 0.85
C LEU A 650 44.40 -44.54 1.83
N ASN A 651 45.04 -43.46 1.39
CA ASN A 651 46.02 -42.73 2.19
C ASN A 651 45.39 -41.98 3.37
N ASP A 652 46.03 -42.01 4.54
CA ASP A 652 45.41 -41.47 5.73
C ASP A 652 46.19 -40.34 6.42
N SER A 653 47.00 -39.60 5.68
CA SER A 653 47.71 -38.48 6.30
C SER A 653 46.92 -37.16 6.32
N ASN A 654 46.07 -36.92 5.31
CA ASN A 654 45.16 -35.77 5.33
C ASN A 654 43.76 -36.13 4.84
N MET A 655 42.82 -35.21 5.03
CA MET A 655 41.45 -35.41 4.59
C MET A 655 41.41 -35.33 3.08
N ASP A 656 42.31 -34.51 2.53
CA ASP A 656 42.40 -34.37 1.08
C ASP A 656 43.19 -35.54 0.48
N ALA A 657 44.17 -36.03 1.21
CA ALA A 657 44.93 -37.22 0.79
C ALA A 657 44.05 -38.47 0.72
N LEU A 658 43.03 -38.52 1.56
CA LEU A 658 42.06 -39.61 1.54
C LEU A 658 41.22 -39.55 0.26
N ALA A 659 40.47 -38.46 0.10
CA ALA A 659 39.64 -38.26 -1.09
C ALA A 659 40.36 -37.47 -2.19
N SER B 22 24.75 30.58 -54.10
CA SER B 22 25.40 29.43 -53.50
C SER B 22 24.98 29.19 -52.04
N ARG B 23 24.37 28.03 -51.81
CA ARG B 23 23.70 27.71 -50.57
C ARG B 23 24.59 27.04 -49.51
N ASP B 24 24.05 26.93 -48.30
CA ASP B 24 24.77 26.36 -47.18
C ASP B 24 24.38 24.90 -46.93
N LEU B 25 25.27 23.99 -47.32
CA LEU B 25 25.05 22.57 -47.11
C LEU B 25 25.16 22.21 -45.64
N GLN B 26 26.01 22.92 -44.91
CA GLN B 26 26.20 22.74 -43.48
C GLN B 26 24.87 22.97 -42.76
N ASN B 27 24.38 24.21 -42.85
CA ASN B 27 23.15 24.60 -42.17
C ASN B 27 21.97 24.66 -43.16
N HIS B 28 21.25 23.54 -43.24
CA HIS B 28 20.15 23.38 -44.19
C HIS B 28 18.79 23.19 -43.54
N LEU B 29 17.75 23.25 -44.36
CA LEU B 29 16.37 22.97 -43.94
C LEU B 29 16.01 21.47 -44.09
N LEU B 30 14.95 21.06 -43.40
CA LEU B 30 14.41 19.69 -43.55
C LEU B 30 12.89 19.68 -43.59
N PHE B 31 12.34 19.07 -44.63
CA PHE B 31 10.88 18.97 -44.78
C PHE B 31 10.44 17.52 -44.95
N GLU B 32 9.74 16.98 -43.95
CA GLU B 32 9.34 15.57 -44.00
C GLU B 32 7.86 15.38 -44.28
N THR B 33 7.53 14.84 -45.45
CA THR B 33 6.14 14.73 -45.86
C THR B 33 5.66 13.29 -45.80
N ALA B 34 4.49 13.07 -45.21
CA ALA B 34 3.84 11.76 -45.24
C ALA B 34 2.37 11.92 -44.94
N THR B 35 1.56 11.00 -45.43
CA THR B 35 0.13 11.05 -45.17
C THR B 35 -0.17 11.00 -43.68
N GLU B 36 0.74 10.43 -42.90
CA GLU B 36 0.42 10.08 -41.53
C GLU B 36 0.70 11.16 -40.49
N VAL B 37 1.25 12.29 -40.92
CA VAL B 37 1.82 13.26 -39.98
C VAL B 37 1.07 13.38 -38.67
N ALA B 38 -0.14 13.91 -38.69
CA ALA B 38 -0.83 14.06 -37.42
C ALA B 38 -2.15 13.35 -37.48
N ASN B 39 -2.13 12.16 -38.07
CA ASN B 39 -3.28 11.27 -38.02
C ASN B 39 -2.89 9.81 -38.23
N ARG B 40 -3.01 9.03 -37.16
CA ARG B 40 -2.71 7.60 -37.20
C ARG B 40 -3.60 6.90 -38.22
N VAL B 41 -3.00 6.51 -39.33
CA VAL B 41 -3.70 5.79 -40.38
C VAL B 41 -2.83 4.62 -40.81
N GLY B 42 -1.52 4.78 -40.63
CA GLY B 42 -0.57 3.72 -40.90
C GLY B 42 0.34 3.46 -39.72
N GLY B 43 1.44 2.76 -39.96
CA GLY B 43 2.45 2.55 -38.94
C GLY B 43 3.59 3.55 -39.13
N ILE B 44 3.52 4.31 -40.21
CA ILE B 44 4.50 5.35 -40.47
C ILE B 44 4.32 6.42 -39.43
N TYR B 45 3.05 6.68 -39.10
CA TYR B 45 2.72 7.60 -38.02
C TYR B 45 3.62 7.32 -36.82
N SER B 46 3.79 6.04 -36.51
CA SER B 46 4.62 5.64 -35.38
C SER B 46 6.08 6.02 -35.57
N VAL B 47 6.65 5.63 -36.70
CA VAL B 47 8.02 5.99 -37.04
C VAL B 47 8.25 7.48 -36.91
N LEU B 48 7.52 8.27 -37.69
CA LEU B 48 7.68 9.72 -37.67
C LEU B 48 7.61 10.27 -36.26
N LYS B 49 6.64 9.77 -35.49
CA LYS B 49 6.40 10.22 -34.12
C LYS B 49 7.57 9.86 -33.19
N SER B 50 8.08 8.65 -33.33
CA SER B 50 9.10 8.18 -32.41
C SER B 50 10.47 8.66 -32.83
N LYS B 51 10.56 9.18 -34.06
CA LYS B 51 11.80 9.73 -34.59
C LYS B 51 11.87 11.25 -34.41
N ALA B 52 10.75 11.84 -34.02
CA ALA B 52 10.68 13.29 -33.89
C ALA B 52 11.73 13.78 -32.90
N PRO B 53 11.61 13.35 -31.63
CA PRO B 53 12.54 13.80 -30.58
C PRO B 53 13.98 13.97 -31.06
N ILE B 54 14.50 12.98 -31.77
CA ILE B 54 15.90 13.03 -32.19
C ILE B 54 16.18 14.06 -33.28
N THR B 55 15.27 14.19 -34.26
CA THR B 55 15.49 15.19 -35.31
C THR B 55 15.18 16.63 -34.86
N VAL B 56 14.15 16.81 -34.05
CA VAL B 56 13.88 18.15 -33.52
C VAL B 56 15.08 18.58 -32.67
N ALA B 57 15.76 17.60 -32.09
CA ALA B 57 16.96 17.85 -31.31
C ALA B 57 18.09 18.38 -32.21
N GLN B 58 18.15 17.87 -33.43
CA GLN B 58 19.23 18.25 -34.34
C GLN B 58 18.92 19.51 -35.16
N TYR B 59 17.70 19.61 -35.70
CA TYR B 59 17.34 20.67 -36.62
C TYR B 59 16.59 21.82 -35.95
N LYS B 60 16.21 21.62 -34.68
CA LYS B 60 15.35 22.57 -33.98
C LYS B 60 14.17 23.07 -34.85
N ASP B 61 14.14 24.38 -35.12
CA ASP B 61 13.02 24.98 -35.86
C ASP B 61 13.25 25.11 -37.38
N HIS B 62 14.31 24.46 -37.85
CA HIS B 62 14.54 24.31 -39.29
C HIS B 62 13.66 23.18 -39.87
N TYR B 63 13.14 22.33 -38.96
CA TYR B 63 12.45 21.11 -39.34
C TYR B 63 10.94 21.23 -39.28
N HIS B 64 10.28 20.94 -40.39
CA HIS B 64 8.83 20.90 -40.44
C HIS B 64 8.36 19.54 -40.96
N LEU B 65 7.30 19.00 -40.36
CA LEU B 65 6.62 17.85 -40.96
C LEU B 65 5.50 18.41 -41.81
N ILE B 66 5.31 17.87 -43.01
CA ILE B 66 4.23 18.34 -43.88
C ILE B 66 3.25 17.21 -44.10
N GLY B 67 1.96 17.52 -44.14
CA GLY B 67 0.96 16.49 -44.34
C GLY B 67 -0.44 16.98 -44.63
N PRO B 68 -1.31 16.06 -45.10
CA PRO B 68 -2.73 16.32 -45.36
C PRO B 68 -3.40 16.64 -44.05
N LEU B 69 -4.10 17.76 -43.96
CA LEU B 69 -4.87 18.06 -42.76
C LEU B 69 -6.02 17.06 -42.69
N ASN B 70 -6.20 16.47 -41.51
CA ASN B 70 -7.35 15.59 -41.26
C ASN B 70 -8.38 16.31 -40.40
N LYS B 71 -9.41 16.86 -41.03
CA LYS B 71 -10.33 17.77 -40.35
C LYS B 71 -11.07 17.11 -39.17
N ALA B 72 -10.98 15.80 -39.05
CA ALA B 72 -11.70 15.07 -38.01
C ALA B 72 -10.91 14.89 -36.69
N THR B 73 -9.58 14.94 -36.78
CA THR B 73 -8.69 14.60 -35.66
C THR B 73 -7.66 15.66 -35.33
N TYR B 74 -7.37 16.57 -36.27
CA TYR B 74 -6.26 17.51 -36.11
C TYR B 74 -6.32 18.28 -34.80
N GLN B 75 -7.53 18.40 -34.26
CA GLN B 75 -7.73 19.20 -33.05
C GLN B 75 -7.24 18.53 -31.78
N ASN B 76 -7.07 17.21 -31.82
CA ASN B 76 -6.57 16.45 -30.67
C ASN B 76 -5.07 16.21 -30.78
N GLU B 77 -4.52 16.46 -31.96
CA GLU B 77 -3.13 16.13 -32.22
C GLU B 77 -2.26 17.37 -32.34
N VAL B 78 -2.87 18.52 -32.67
CA VAL B 78 -2.10 19.72 -32.97
C VAL B 78 -2.35 20.95 -32.07
N ASP B 79 -1.25 21.48 -31.55
CA ASP B 79 -1.23 22.77 -30.89
C ASP B 79 -1.22 23.84 -31.98
N ILE B 80 -2.41 24.28 -32.41
CA ILE B 80 -2.51 25.31 -33.44
C ILE B 80 -1.73 26.58 -33.08
N LEU B 81 -0.96 27.09 -34.02
CA LEU B 81 -0.24 28.33 -33.81
C LEU B 81 -0.66 29.36 -34.84
N ASP B 82 -0.45 30.64 -34.48
CA ASP B 82 -0.66 31.75 -35.39
C ASP B 82 0.65 31.98 -36.13
N TRP B 83 0.64 31.75 -37.44
CA TRP B 83 1.88 31.75 -38.23
C TRP B 83 2.24 33.14 -38.79
N LYS B 84 1.39 34.12 -38.53
CA LYS B 84 1.58 35.46 -39.05
C LYS B 84 2.39 36.36 -38.11
N LYS B 85 2.28 36.12 -36.81
CA LYS B 85 3.03 36.92 -35.85
C LYS B 85 4.52 36.93 -36.18
N PRO B 86 5.13 38.12 -36.23
CA PRO B 86 6.57 38.20 -36.44
C PRO B 86 7.37 37.28 -35.50
N GLU B 87 6.83 36.93 -34.34
CA GLU B 87 7.54 35.99 -33.45
C GLU B 87 7.58 34.56 -34.00
N ALA B 88 6.57 34.20 -34.79
CA ALA B 88 6.37 32.81 -35.20
C ALA B 88 7.56 32.15 -35.91
N PHE B 89 8.54 32.96 -36.33
CA PHE B 89 9.72 32.47 -37.04
C PHE B 89 10.96 33.28 -36.71
N SER B 90 12.11 32.61 -36.67
CA SER B 90 13.38 33.31 -36.57
C SER B 90 13.60 34.12 -37.86
N ASP B 91 14.49 35.10 -37.80
CA ASP B 91 14.73 35.94 -38.96
C ASP B 91 15.27 35.14 -40.13
N GLU B 92 16.20 34.22 -39.88
CA GLU B 92 16.77 33.41 -40.97
C GLU B 92 15.74 32.44 -41.54
N MET B 93 14.71 32.14 -40.75
CA MET B 93 13.65 31.24 -41.20
C MET B 93 12.46 32.06 -41.71
N ARG B 94 12.68 33.35 -41.87
CA ARG B 94 11.71 34.26 -42.51
C ARG B 94 11.03 33.66 -43.76
N PRO B 95 11.85 33.14 -44.70
CA PRO B 95 11.39 32.72 -46.03
C PRO B 95 10.17 31.79 -46.00
N VAL B 96 10.17 30.82 -45.08
CA VAL B 96 9.08 29.88 -44.97
C VAL B 96 7.79 30.63 -44.66
N GLN B 97 7.90 31.64 -43.80
CA GLN B 97 6.73 32.36 -43.35
C GLN B 97 6.13 33.13 -44.51
N HIS B 98 7.00 33.80 -45.27
CA HIS B 98 6.60 34.50 -46.47
C HIS B 98 6.05 33.48 -47.45
N ALA B 99 6.70 32.31 -47.47
CA ALA B 99 6.28 31.22 -48.35
C ALA B 99 4.80 30.85 -48.11
N LEU B 100 4.44 30.59 -46.86
CA LEU B 100 3.05 30.28 -46.52
C LEU B 100 2.17 31.48 -46.81
N GLN B 101 2.70 32.67 -46.51
CA GLN B 101 2.04 33.93 -46.87
C GLN B 101 1.62 33.87 -48.32
N THR B 102 2.56 33.57 -49.21
CA THR B 102 2.29 33.42 -50.64
C THR B 102 1.20 32.40 -50.90
N MET B 103 1.26 31.29 -50.16
CA MET B 103 0.32 30.19 -50.33
C MET B 103 -1.11 30.62 -50.00
N GLU B 104 -1.26 31.38 -48.93
CA GLU B 104 -2.57 31.86 -48.53
C GLU B 104 -3.17 32.84 -49.55
N SER B 105 -2.33 33.74 -50.07
CA SER B 105 -2.72 34.63 -51.17
C SER B 105 -3.55 33.83 -52.17
N ARG B 106 -2.95 32.74 -52.63
CA ARG B 106 -3.43 32.00 -53.77
C ARG B 106 -4.62 31.08 -53.46
N GLY B 107 -5.10 31.17 -52.22
CA GLY B 107 -6.31 30.47 -51.80
C GLY B 107 -6.10 29.14 -51.10
N VAL B 108 -4.84 28.85 -50.79
CA VAL B 108 -4.45 27.59 -50.15
C VAL B 108 -4.51 27.76 -48.64
N HIS B 109 -5.40 27.00 -48.01
CA HIS B 109 -5.63 27.10 -46.56
C HIS B 109 -4.97 25.95 -45.82
N PHE B 110 -4.24 26.25 -44.77
CA PHE B 110 -3.56 25.20 -44.01
C PHE B 110 -3.68 25.36 -42.51
N VAL B 111 -3.04 24.46 -41.76
CA VAL B 111 -2.90 24.63 -40.34
C VAL B 111 -1.43 24.52 -39.99
N TYR B 112 -0.88 25.59 -39.42
CA TYR B 112 0.49 25.56 -38.94
C TYR B 112 0.36 25.26 -37.47
N GLY B 113 1.35 24.61 -36.86
CA GLY B 113 1.26 24.31 -35.44
C GLY B 113 2.33 23.37 -34.90
N ARG B 114 2.10 22.91 -33.67
CA ARG B 114 2.99 21.93 -33.04
C ARG B 114 2.25 20.62 -32.82
N TRP B 115 2.83 19.55 -33.36
CA TRP B 115 2.27 18.22 -33.20
C TRP B 115 2.61 17.79 -31.79
N LEU B 116 1.58 17.61 -30.97
CA LEU B 116 1.77 17.36 -29.55
C LEU B 116 2.34 15.96 -29.31
N ILE B 117 3.61 15.78 -29.64
CA ILE B 117 4.32 14.58 -29.22
C ILE B 117 5.55 15.02 -28.46
N GLU B 118 6.26 14.06 -27.87
CA GLU B 118 7.56 14.35 -27.30
C GLU B 118 8.40 14.86 -28.46
N GLY B 119 8.98 16.05 -28.27
CA GLY B 119 9.72 16.72 -29.32
C GLY B 119 8.95 17.92 -29.85
N ALA B 120 7.62 17.83 -29.83
CA ALA B 120 6.74 18.85 -30.37
C ALA B 120 7.33 19.55 -31.61
N PRO B 121 7.56 18.78 -32.69
CA PRO B 121 8.01 19.34 -33.96
C PRO B 121 6.92 20.22 -34.56
N LYS B 122 7.37 21.20 -35.36
CA LYS B 122 6.45 22.11 -36.04
C LYS B 122 5.84 21.39 -37.24
N VAL B 123 4.60 21.72 -37.56
CA VAL B 123 3.84 20.95 -38.53
C VAL B 123 3.00 21.85 -39.45
N ILE B 124 3.07 21.58 -40.75
CA ILE B 124 2.26 22.29 -41.73
C ILE B 124 1.25 21.31 -42.34
N LEU B 125 -0.04 21.55 -42.10
CA LEU B 125 -1.08 20.62 -42.52
C LEU B 125 -2.04 21.15 -43.59
N PHE B 126 -1.69 20.97 -44.87
CA PHE B 126 -2.48 21.53 -45.98
C PHE B 126 -3.93 21.03 -46.07
N ASP B 127 -4.86 21.98 -46.10
CA ASP B 127 -6.27 21.66 -46.17
C ASP B 127 -6.61 21.26 -47.59
N LEU B 128 -6.78 19.97 -47.82
CA LEU B 128 -6.94 19.47 -49.19
C LEU B 128 -8.25 19.90 -49.87
N ASP B 129 -9.16 20.53 -49.12
CA ASP B 129 -10.38 21.09 -49.71
C ASP B 129 -10.14 22.46 -50.31
N SER B 130 -9.24 23.23 -49.70
CA SER B 130 -8.93 24.58 -50.15
C SER B 130 -8.15 24.53 -51.46
N VAL B 131 -8.05 23.33 -52.02
CA VAL B 131 -7.24 23.10 -53.23
C VAL B 131 -7.95 22.15 -54.20
N ARG B 132 -9.02 21.50 -53.74
CA ARG B 132 -9.78 20.55 -54.54
C ARG B 132 -10.30 21.08 -55.88
N GLY B 133 -10.16 22.38 -56.12
CA GLY B 133 -10.56 22.97 -57.38
C GLY B 133 -9.55 22.60 -58.45
N TYR B 134 -8.29 22.94 -58.19
CA TYR B 134 -7.19 22.57 -59.07
C TYR B 134 -7.07 21.06 -59.28
N SER B 135 -8.13 20.30 -59.01
CA SER B 135 -8.08 18.85 -59.20
C SER B 135 -7.82 18.47 -60.66
N ASN B 136 -8.82 18.69 -61.51
CA ASN B 136 -8.71 18.37 -62.93
C ASN B 136 -7.45 18.94 -63.59
N GLU B 137 -7.24 20.24 -63.44
CA GLU B 137 -6.06 20.89 -64.03
C GLU B 137 -4.77 20.15 -63.69
N TRP B 138 -4.80 19.43 -62.57
CA TRP B 138 -3.61 18.75 -62.06
C TRP B 138 -3.56 17.28 -62.48
N LYS B 139 -4.70 16.59 -62.44
CA LYS B 139 -4.73 15.21 -62.93
C LYS B 139 -4.18 15.18 -64.36
N GLY B 140 -4.48 16.25 -65.09
CA GLY B 140 -4.08 16.37 -66.47
C GLY B 140 -2.65 16.80 -66.60
N ASP B 141 -2.20 17.71 -65.74
CA ASP B 141 -0.81 18.17 -65.81
C ASP B 141 0.16 17.09 -65.39
N LEU B 142 -0.32 16.15 -64.58
CA LEU B 142 0.48 15.04 -64.11
C LEU B 142 0.73 14.05 -65.26
N TRP B 143 -0.36 13.69 -65.93
CA TRP B 143 -0.33 12.75 -67.05
C TRP B 143 0.61 13.22 -68.14
N SER B 144 0.57 14.52 -68.43
CA SER B 144 1.37 15.10 -69.50
C SER B 144 2.79 15.48 -69.10
N LEU B 145 3.28 14.94 -67.98
CA LEU B 145 4.67 15.15 -67.58
C LEU B 145 5.27 13.90 -66.90
N VAL B 146 4.48 12.83 -66.82
CA VAL B 146 4.88 11.59 -66.17
C VAL B 146 3.93 10.44 -66.52
N GLY B 147 3.02 10.71 -67.45
CA GLY B 147 2.10 9.70 -67.96
C GLY B 147 1.40 8.90 -66.89
N ILE B 148 1.13 9.55 -65.76
CA ILE B 148 0.47 8.86 -64.64
C ILE B 148 -1.06 8.94 -64.73
N PRO B 149 -1.71 7.79 -65.05
CA PRO B 149 -3.18 7.69 -65.12
C PRO B 149 -3.82 8.03 -63.77
N SER B 150 -5.11 8.35 -63.79
CA SER B 150 -5.77 8.80 -62.58
C SER B 150 -7.29 8.74 -62.68
N PRO B 151 -7.86 7.55 -62.42
CA PRO B 151 -9.33 7.44 -62.44
C PRO B 151 -9.94 8.30 -61.34
N GLU B 152 -11.18 8.73 -61.55
CA GLU B 152 -11.86 9.63 -60.63
C GLU B 152 -12.67 8.91 -59.55
N ASN B 153 -12.53 7.59 -59.49
CA ASN B 153 -13.19 6.78 -58.45
C ASN B 153 -12.23 6.39 -57.31
N ASP B 154 -10.95 6.75 -57.46
CA ASP B 154 -9.88 6.43 -56.50
C ASP B 154 -9.49 7.67 -55.69
N PHE B 155 -10.09 7.80 -54.51
CA PHE B 155 -9.96 9.02 -53.73
C PHE B 155 -8.57 9.24 -53.17
N GLU B 156 -7.91 8.15 -52.79
CA GLU B 156 -6.59 8.22 -52.18
C GLU B 156 -5.60 8.89 -53.11
N THR B 157 -5.63 8.51 -54.38
CA THR B 157 -4.73 9.09 -55.38
C THR B 157 -5.15 10.54 -55.72
N ASN B 158 -6.46 10.79 -55.73
CA ASN B 158 -6.93 12.16 -55.86
C ASN B 158 -6.25 12.99 -54.77
N ASP B 159 -6.41 12.51 -53.53
CA ASP B 159 -5.85 13.16 -52.36
C ASP B 159 -4.32 13.15 -52.39
N ALA B 160 -3.75 12.07 -52.94
CA ALA B 160 -2.29 11.99 -53.09
C ALA B 160 -1.79 13.01 -54.08
N ILE B 161 -2.53 13.18 -55.18
CA ILE B 161 -2.19 14.18 -56.22
C ILE B 161 -2.36 15.61 -55.69
N LEU B 162 -3.48 15.88 -55.03
CA LEU B 162 -3.70 17.20 -54.44
C LEU B 162 -2.55 17.54 -53.50
N LEU B 163 -2.24 16.61 -52.62
CA LEU B 163 -1.15 16.79 -51.68
C LEU B 163 0.16 17.10 -52.43
N GLY B 164 0.48 16.23 -53.39
CA GLY B 164 1.70 16.36 -54.17
C GLY B 164 1.84 17.70 -54.87
N TYR B 165 0.76 18.17 -55.48
CA TYR B 165 0.84 19.43 -56.20
C TYR B 165 1.01 20.58 -55.23
N THR B 166 0.30 20.49 -54.11
CA THR B 166 0.38 21.53 -53.11
C THR B 166 1.80 21.63 -52.56
N VAL B 167 2.35 20.51 -52.13
CA VAL B 167 3.68 20.47 -51.52
C VAL B 167 4.80 20.95 -52.47
N ALA B 168 4.75 20.52 -53.73
CA ALA B 168 5.79 20.90 -54.68
C ALA B 168 5.74 22.41 -54.83
N TRP B 169 4.53 22.91 -55.05
CA TRP B 169 4.22 24.33 -55.01
C TRP B 169 4.86 25.00 -53.79
N PHE B 170 4.46 24.55 -52.59
CA PHE B 170 4.98 25.11 -51.35
C PHE B 170 6.51 25.15 -51.30
N LEU B 171 7.11 24.06 -51.74
CA LEU B 171 8.56 23.92 -51.73
C LEU B 171 9.21 24.81 -52.78
N GLY B 172 8.57 24.93 -53.94
CA GLY B 172 9.07 25.82 -54.96
C GLY B 172 9.26 27.19 -54.36
N GLU B 173 8.22 27.63 -53.66
CA GLU B 173 8.16 28.97 -53.08
C GLU B 173 9.23 29.19 -52.04
N VAL B 174 9.57 28.13 -51.31
CA VAL B 174 10.59 28.27 -50.29
C VAL B 174 11.96 28.44 -50.95
N ALA B 175 12.23 27.59 -51.93
CA ALA B 175 13.52 27.59 -52.65
C ALA B 175 13.71 28.91 -53.37
N HIS B 176 12.58 29.50 -53.77
CA HIS B 176 12.56 30.82 -54.37
C HIS B 176 12.96 31.92 -53.35
N LEU B 177 12.23 32.02 -52.25
CA LEU B 177 12.48 33.06 -51.24
C LEU B 177 13.75 32.86 -50.38
N ASP B 178 14.00 31.62 -49.95
CA ASP B 178 15.20 31.31 -49.16
C ASP B 178 16.42 31.21 -50.10
N SER B 179 17.52 31.86 -49.72
CA SER B 179 18.71 31.82 -50.59
C SER B 179 19.99 31.68 -49.77
N GLN B 180 19.83 31.19 -48.54
CA GLN B 180 20.95 30.96 -47.64
C GLN B 180 21.08 29.47 -47.34
N HIS B 181 19.94 28.83 -47.13
CA HIS B 181 19.86 27.42 -46.71
C HIS B 181 19.67 26.45 -47.87
N ALA B 182 20.52 25.41 -47.90
CA ALA B 182 20.28 24.25 -48.76
C ALA B 182 19.05 23.49 -48.23
N ILE B 183 18.19 23.01 -49.13
CA ILE B 183 16.89 22.48 -48.70
C ILE B 183 16.64 21.01 -49.03
N VAL B 184 16.67 20.13 -48.03
CA VAL B 184 16.32 18.74 -48.30
C VAL B 184 14.85 18.46 -47.99
N ALA B 185 14.24 17.59 -48.79
CA ALA B 185 12.83 17.24 -48.61
C ALA B 185 12.60 15.72 -48.71
N HIS B 186 12.15 15.12 -47.62
CA HIS B 186 12.03 13.67 -47.47
C HIS B 186 10.57 13.26 -47.53
N PHE B 187 10.25 12.30 -48.40
CA PHE B 187 8.87 11.85 -48.54
C PHE B 187 8.76 10.37 -48.17
N HIS B 188 7.76 10.03 -47.36
CA HIS B 188 7.54 8.64 -47.00
C HIS B 188 6.29 8.08 -47.70
N GLU B 189 6.46 7.00 -48.45
CA GLU B 189 5.36 6.19 -49.00
C GLU B 189 4.63 6.86 -50.17
N TRP B 190 4.08 6.06 -51.09
CA TRP B 190 3.60 6.58 -52.38
C TRP B 190 2.55 7.67 -52.27
N LEU B 191 1.64 7.51 -51.33
CA LEU B 191 0.62 8.53 -51.09
C LEU B 191 1.20 9.95 -50.96
N ALA B 192 2.49 10.04 -50.69
CA ALA B 192 3.15 11.33 -50.54
C ALA B 192 4.19 11.57 -51.65
N GLY B 193 4.11 10.76 -52.70
CA GLY B 193 5.15 10.74 -53.72
C GLY B 193 5.04 11.72 -54.89
N VAL B 194 3.82 12.11 -55.24
CA VAL B 194 3.59 12.92 -56.44
C VAL B 194 4.41 14.23 -56.51
N ALA B 195 4.74 14.79 -55.36
CA ALA B 195 5.57 15.98 -55.31
C ALA B 195 6.94 15.70 -55.94
N LEU B 196 7.32 14.43 -55.98
CA LEU B 196 8.68 14.04 -56.38
C LEU B 196 9.02 14.20 -57.86
N PRO B 197 8.17 13.67 -58.76
CA PRO B 197 8.31 13.93 -60.19
C PRO B 197 8.35 15.44 -60.49
N LEU B 198 7.36 16.16 -59.97
CA LEU B 198 7.24 17.60 -60.19
C LEU B 198 8.50 18.37 -59.80
N CYS B 199 9.10 18.05 -58.66
CA CYS B 199 10.32 18.74 -58.27
C CYS B 199 11.42 18.49 -59.28
N ARG B 200 11.55 17.24 -59.72
CA ARG B 200 12.55 16.89 -60.72
C ARG B 200 12.27 17.57 -62.06
N LYS B 201 11.00 17.55 -62.48
CA LYS B 201 10.56 18.21 -63.70
C LYS B 201 10.75 19.74 -63.66
N ARG B 202 10.27 20.39 -62.61
CA ARG B 202 10.33 21.85 -62.50
C ARG B 202 11.70 22.34 -62.05
N ARG B 203 12.70 21.46 -62.13
CA ARG B 203 14.06 21.76 -61.69
C ARG B 203 14.17 22.62 -60.42
N ILE B 204 13.26 22.39 -59.46
CA ILE B 204 13.23 23.07 -58.15
C ILE B 204 14.54 22.84 -57.40
N ASP B 205 15.00 23.84 -56.65
CA ASP B 205 16.30 23.72 -55.98
C ASP B 205 16.26 23.06 -54.58
N VAL B 206 15.61 21.90 -54.50
CA VAL B 206 15.63 21.09 -53.29
C VAL B 206 16.21 19.74 -53.66
N VAL B 207 17.03 19.18 -52.79
CA VAL B 207 17.48 17.81 -52.96
C VAL B 207 16.42 16.94 -52.28
N THR B 208 15.98 15.87 -52.95
CA THR B 208 14.86 15.08 -52.44
C THR B 208 15.23 13.66 -52.02
N ILE B 209 14.51 13.12 -51.03
CA ILE B 209 14.64 11.71 -50.63
C ILE B 209 13.29 10.98 -50.69
N PHE B 210 13.29 9.71 -51.06
CA PHE B 210 12.06 8.92 -51.04
C PHE B 210 12.26 7.57 -50.38
N THR B 211 11.47 7.34 -49.33
CA THR B 211 11.52 6.10 -48.56
C THR B 211 10.23 5.32 -48.73
N THR B 212 10.36 4.05 -49.13
CA THR B 212 9.18 3.18 -49.21
C THR B 212 9.20 2.18 -48.04
N HIS B 213 8.04 1.98 -47.42
CA HIS B 213 7.94 1.09 -46.26
C HIS B 213 7.21 -0.18 -46.64
N ALA B 214 7.28 -0.54 -47.91
CA ALA B 214 6.58 -1.69 -48.49
C ALA B 214 6.34 -1.34 -49.95
N THR B 215 6.00 -2.31 -50.78
CA THR B 215 5.65 -1.97 -52.15
C THR B 215 4.26 -2.48 -52.46
N LEU B 216 3.55 -1.78 -53.33
CA LEU B 216 2.18 -2.18 -53.68
C LEU B 216 2.15 -3.60 -54.20
N LEU B 217 3.08 -3.91 -55.10
CA LEU B 217 3.11 -5.25 -55.66
C LEU B 217 3.40 -6.31 -54.61
N GLY B 218 4.40 -6.05 -53.76
CA GLY B 218 4.66 -6.91 -52.63
C GLY B 218 3.38 -7.25 -51.88
N ARG B 219 2.77 -6.26 -51.22
CA ARG B 219 1.52 -6.51 -50.49
C ARG B 219 0.56 -7.31 -51.33
N TYR B 220 0.20 -6.81 -52.52
CA TYR B 220 -0.85 -7.44 -53.33
C TYR B 220 -0.55 -8.87 -53.80
N LEU B 221 0.72 -9.20 -53.98
CA LEU B 221 1.07 -10.54 -54.41
C LEU B 221 0.92 -11.53 -53.25
N CYS B 222 1.43 -11.13 -52.08
CA CYS B 222 1.41 -11.98 -50.91
C CYS B 222 0.06 -12.06 -50.21
N ALA B 223 -0.92 -11.28 -50.67
CA ALA B 223 -2.24 -11.26 -50.03
C ALA B 223 -3.14 -12.40 -50.51
N SER B 224 -2.54 -13.40 -51.15
CA SER B 224 -3.28 -14.59 -51.54
C SER B 224 -2.79 -15.84 -50.81
N GLY B 225 -1.47 -15.97 -50.68
CA GLY B 225 -0.87 -17.12 -50.02
C GLY B 225 -0.05 -18.00 -50.95
N ASP B 228 3.33 -17.94 -53.89
CA ASP B 228 4.77 -17.76 -53.67
C ASP B 228 5.28 -16.39 -54.14
N PHE B 229 6.37 -15.94 -53.51
CA PHE B 229 6.85 -14.56 -53.65
C PHE B 229 8.37 -14.52 -53.73
N TYR B 230 9.04 -14.59 -52.59
CA TYR B 230 10.49 -14.33 -52.49
C TYR B 230 11.40 -15.06 -53.49
N ASN B 231 10.85 -16.01 -54.23
CA ASN B 231 11.60 -16.72 -55.28
C ASN B 231 11.34 -16.13 -56.65
N CYS B 232 10.09 -16.24 -57.09
CA CYS B 232 9.75 -15.78 -58.43
C CYS B 232 9.27 -14.33 -58.48
N LEU B 233 9.78 -13.49 -57.57
CA LEU B 233 9.47 -12.06 -57.66
C LEU B 233 10.38 -11.43 -58.71
N GLU B 234 11.48 -12.10 -59.01
CA GLU B 234 12.48 -11.56 -59.94
C GLU B 234 12.11 -11.77 -61.40
N SER B 235 10.92 -12.30 -61.66
CA SER B 235 10.53 -12.69 -63.01
C SER B 235 9.09 -12.33 -63.35
N VAL B 236 8.46 -11.52 -62.51
CA VAL B 236 7.09 -11.12 -62.75
C VAL B 236 7.02 -9.91 -63.67
N ASP B 237 6.06 -9.92 -64.60
CA ASP B 237 5.82 -8.75 -65.43
C ASP B 237 5.05 -7.72 -64.63
N VAL B 238 5.79 -6.84 -63.96
CA VAL B 238 5.18 -5.87 -63.06
C VAL B 238 4.04 -5.10 -63.72
N ASP B 239 4.26 -4.60 -64.93
CA ASP B 239 3.23 -3.83 -65.64
C ASP B 239 1.93 -4.60 -65.79
N HIS B 240 2.03 -5.93 -65.83
CA HIS B 240 0.87 -6.79 -66.08
C HIS B 240 0.21 -7.23 -64.78
N GLU B 241 1.02 -7.45 -63.75
CA GLU B 241 0.51 -7.81 -62.43
C GLU B 241 -0.24 -6.63 -61.83
N ALA B 242 0.40 -5.46 -61.86
CA ALA B 242 -0.25 -4.24 -61.39
C ALA B 242 -1.63 -4.12 -62.04
N GLY B 243 -1.65 -4.10 -63.37
CA GLY B 243 -2.89 -4.05 -64.12
C GLY B 243 -3.89 -5.08 -63.61
N ARG B 244 -3.41 -6.28 -63.29
CA ARG B 244 -4.25 -7.38 -62.84
C ARG B 244 -4.97 -7.09 -61.52
N PHE B 245 -4.37 -6.25 -60.68
CA PHE B 245 -4.96 -5.85 -59.40
C PHE B 245 -5.66 -4.49 -59.47
N GLY B 246 -5.78 -3.93 -60.69
CA GLY B 246 -6.37 -2.61 -60.86
C GLY B 246 -5.56 -1.60 -60.07
N ILE B 247 -4.25 -1.63 -60.30
CA ILE B 247 -3.27 -1.02 -59.42
C ILE B 247 -2.23 -0.26 -60.24
N TYR B 248 -2.36 -0.32 -61.56
CA TYR B 248 -1.39 0.32 -62.44
C TYR B 248 -1.13 1.78 -62.07
N HIS B 249 -2.19 2.56 -61.87
CA HIS B 249 -2.05 4.00 -61.60
C HIS B 249 -1.32 4.24 -60.28
N ARG B 250 -1.73 3.51 -59.26
CA ARG B 250 -1.02 3.55 -57.99
C ARG B 250 0.42 3.06 -58.18
N TYR B 251 0.58 1.90 -58.81
CA TYR B 251 1.90 1.35 -59.03
C TYR B 251 2.77 2.37 -59.74
N CYS B 252 2.19 3.09 -60.68
CA CYS B 252 2.93 4.10 -61.42
C CYS B 252 3.49 5.20 -60.51
N ILE B 253 2.63 5.72 -59.62
CA ILE B 253 3.00 6.73 -58.64
C ILE B 253 4.15 6.26 -57.76
N GLU B 254 4.07 5.01 -57.31
CA GLU B 254 5.14 4.47 -56.48
C GLU B 254 6.49 4.43 -57.22
N ARG B 255 6.46 4.07 -58.51
CA ARG B 255 7.68 4.01 -59.32
C ARG B 255 8.19 5.41 -59.62
N ALA B 256 7.28 6.26 -60.08
CA ALA B 256 7.60 7.64 -60.41
C ALA B 256 8.34 8.30 -59.25
N ALA B 257 7.84 8.07 -58.03
CA ALA B 257 8.46 8.64 -56.85
C ALA B 257 9.85 8.07 -56.62
N ALA B 258 10.05 6.82 -57.02
CA ALA B 258 11.31 6.13 -56.73
C ALA B 258 12.43 6.50 -57.70
N HIS B 259 12.07 6.82 -58.95
CA HIS B 259 13.07 7.29 -59.92
C HIS B 259 13.31 8.80 -59.84
N SER B 260 12.27 9.59 -59.61
CA SER B 260 12.43 11.05 -59.51
C SER B 260 13.18 11.52 -58.26
N ALA B 261 13.31 10.67 -57.26
CA ALA B 261 14.02 11.10 -56.05
C ALA B 261 15.51 11.12 -56.25
N ASP B 262 16.21 11.95 -55.51
CA ASP B 262 17.66 12.03 -55.65
C ASP B 262 18.33 10.90 -54.86
N VAL B 263 17.68 10.48 -53.78
CA VAL B 263 18.09 9.33 -53.00
C VAL B 263 16.86 8.48 -52.79
N PHE B 264 16.94 7.19 -53.12
CA PHE B 264 15.82 6.28 -52.95
C PHE B 264 16.06 5.25 -51.87
N THR B 265 15.18 5.18 -50.87
CA THR B 265 15.42 4.28 -49.75
C THR B 265 14.24 3.39 -49.37
N THR B 266 14.54 2.37 -48.55
CA THR B 266 13.53 1.51 -47.95
C THR B 266 13.91 1.22 -46.51
N VAL B 267 12.97 0.70 -45.73
CA VAL B 267 13.13 0.58 -44.29
C VAL B 267 13.99 -0.60 -43.87
N SER B 268 14.21 -1.55 -44.78
CA SER B 268 14.88 -2.81 -44.43
C SER B 268 15.57 -3.46 -45.62
N GLN B 269 16.53 -4.33 -45.34
CA GLN B 269 17.24 -5.04 -46.39
C GLN B 269 16.34 -5.91 -47.26
N ILE B 270 15.45 -6.66 -46.64
CA ILE B 270 14.61 -7.59 -47.39
C ILE B 270 13.70 -6.85 -48.36
N THR B 271 13.32 -5.63 -48.00
CA THR B 271 12.37 -4.85 -48.80
C THR B 271 13.10 -4.12 -49.92
N ALA B 272 14.36 -3.79 -49.66
CA ALA B 272 15.24 -3.22 -50.66
C ALA B 272 15.48 -4.23 -51.79
N PHE B 273 15.30 -5.49 -51.49
CA PHE B 273 15.42 -6.54 -52.50
C PHE B 273 14.13 -6.55 -53.32
N GLU B 274 13.02 -6.44 -52.62
CA GLU B 274 11.70 -6.42 -53.25
C GLU B 274 11.53 -5.17 -54.10
N ALA B 275 12.05 -4.04 -53.61
CA ALA B 275 11.94 -2.76 -54.29
C ALA B 275 12.72 -2.76 -55.60
N GLU B 276 13.96 -3.24 -55.55
CA GLU B 276 14.80 -3.38 -56.73
C GLU B 276 14.06 -4.00 -57.91
N HIS B 277 13.49 -5.17 -57.70
CA HIS B 277 12.88 -5.88 -58.81
C HIS B 277 11.45 -5.46 -59.13
N LEU B 278 10.80 -4.78 -58.19
CA LEU B 278 9.39 -4.40 -58.38
C LEU B 278 9.24 -2.95 -58.83
N LEU B 279 10.12 -2.08 -58.37
CA LEU B 279 10.07 -0.67 -58.77
C LEU B 279 11.21 -0.34 -59.74
N LYS B 280 12.11 -1.30 -59.93
CA LYS B 280 13.15 -1.21 -60.94
C LYS B 280 14.17 -0.13 -60.64
N ARG B 281 14.37 0.16 -59.36
CA ARG B 281 15.52 0.95 -58.93
C ARG B 281 16.14 0.45 -57.62
N LYS B 282 17.35 -0.08 -57.71
CA LYS B 282 18.10 -0.48 -56.51
C LYS B 282 18.29 0.70 -55.52
N PRO B 283 17.68 0.58 -54.33
CA PRO B 283 17.78 1.57 -53.25
C PRO B 283 19.21 1.96 -52.98
N ASP B 284 19.42 3.21 -52.54
CA ASP B 284 20.76 3.72 -52.27
C ASP B 284 21.20 3.36 -50.86
N GLY B 285 20.31 2.70 -50.13
CA GLY B 285 20.53 2.41 -48.73
C GLY B 285 19.23 2.14 -47.98
N ILE B 286 19.37 1.91 -46.68
CA ILE B 286 18.31 1.37 -45.85
C ILE B 286 18.09 2.28 -44.66
N LEU B 287 16.83 2.50 -44.31
CA LEU B 287 16.50 3.32 -43.14
C LEU B 287 15.66 2.55 -42.11
N PRO B 288 16.32 1.65 -41.36
CA PRO B 288 15.73 0.83 -40.30
C PRO B 288 14.96 1.70 -39.31
N ASN B 289 13.92 1.13 -38.70
CA ASN B 289 13.13 1.89 -37.74
C ASN B 289 13.61 1.72 -36.30
N GLY B 290 14.11 2.81 -35.72
CA GLY B 290 14.49 2.80 -34.32
C GLY B 290 13.30 3.18 -33.46
N LEU B 291 13.48 3.09 -32.14
CA LEU B 291 12.43 3.40 -31.18
C LEU B 291 12.94 4.40 -30.16
N ASN B 292 12.01 5.00 -29.42
CA ASN B 292 12.37 5.86 -28.29
C ASN B 292 12.54 4.99 -27.04
N VAL B 293 13.65 4.25 -26.97
CA VAL B 293 13.82 3.18 -25.97
C VAL B 293 13.52 3.60 -24.52
N ILE B 294 13.79 4.87 -24.21
CA ILE B 294 13.47 5.41 -22.90
C ILE B 294 11.99 5.26 -22.56
N LYS B 295 11.16 5.17 -23.60
CA LYS B 295 9.70 5.15 -23.47
C LYS B 295 9.19 3.81 -22.92
N PHE B 296 10.07 2.81 -22.93
CA PHE B 296 9.73 1.51 -22.37
C PHE B 296 10.34 1.33 -20.97
N GLN B 297 11.67 1.30 -20.87
CA GLN B 297 12.35 1.24 -19.59
C GLN B 297 12.58 2.64 -19.00
N LEU B 305 10.68 -6.84 -12.93
CA LEU B 305 9.34 -6.75 -13.54
C LEU B 305 8.84 -8.09 -14.06
N HIS B 306 9.71 -8.84 -14.72
CA HIS B 306 9.30 -10.11 -15.31
C HIS B 306 8.49 -10.93 -14.32
N ALA B 307 9.07 -11.17 -13.14
CA ALA B 307 8.42 -11.96 -12.12
C ALA B 307 7.10 -11.35 -11.70
N LEU B 308 7.10 -10.05 -11.43
CA LEU B 308 5.89 -9.41 -10.96
C LEU B 308 4.74 -9.52 -11.97
N LYS B 309 5.07 -9.49 -13.26
CA LYS B 309 4.06 -9.53 -14.31
C LYS B 309 3.70 -10.96 -14.73
N LYS B 310 4.65 -11.89 -14.61
CA LYS B 310 4.35 -13.30 -14.83
C LYS B 310 3.26 -13.77 -13.87
N GLU B 311 3.29 -13.26 -12.64
CA GLU B 311 2.25 -13.59 -11.66
C GLU B 311 0.85 -13.22 -12.12
N LYS B 312 0.72 -12.12 -12.83
CA LYS B 312 -0.59 -11.71 -13.33
C LYS B 312 -1.08 -12.65 -14.43
N ILE B 313 -0.12 -13.26 -15.14
CA ILE B 313 -0.44 -14.21 -16.20
C ILE B 313 -0.72 -15.55 -15.55
N ASN B 314 0.00 -15.84 -14.48
CA ASN B 314 -0.31 -16.98 -13.63
C ASN B 314 -1.76 -16.93 -13.13
N ASP B 315 -2.17 -15.81 -12.54
CA ASP B 315 -3.54 -15.64 -12.07
C ASP B 315 -4.55 -15.92 -13.19
N PHE B 316 -4.19 -15.61 -14.42
CA PHE B 316 -5.13 -15.84 -15.51
C PHE B 316 -5.23 -17.33 -15.82
N VAL B 317 -4.09 -17.95 -16.08
CA VAL B 317 -4.05 -19.36 -16.41
C VAL B 317 -4.82 -20.19 -15.38
N ARG B 318 -4.69 -19.84 -14.10
CA ARG B 318 -5.35 -20.59 -13.05
C ARG B 318 -6.87 -20.53 -13.13
N GLY B 319 -7.38 -19.37 -13.55
CA GLY B 319 -8.82 -19.15 -13.65
C GLY B 319 -9.35 -19.67 -14.95
N HIS B 320 -8.45 -19.96 -15.89
CA HIS B 320 -8.86 -20.45 -17.20
C HIS B 320 -8.88 -21.97 -17.21
N PHE B 321 -7.84 -22.56 -16.61
CA PHE B 321 -7.72 -23.99 -16.46
C PHE B 321 -8.26 -24.48 -15.12
N HIS B 322 -9.24 -23.77 -14.55
CA HIS B 322 -9.80 -24.21 -13.28
C HIS B 322 -10.51 -25.52 -13.54
N GLY B 323 -10.46 -26.41 -12.56
CA GLY B 323 -11.16 -27.68 -12.69
C GLY B 323 -10.36 -28.74 -13.40
N CYS B 324 -9.24 -28.35 -14.00
CA CYS B 324 -8.29 -29.31 -14.53
C CYS B 324 -6.94 -28.66 -14.66
N PHE B 325 -6.48 -28.10 -13.55
CA PHE B 325 -5.18 -27.51 -13.46
C PHE B 325 -4.20 -28.58 -13.00
N ASP B 326 -3.55 -29.21 -13.96
CA ASP B 326 -2.74 -30.40 -13.71
C ASP B 326 -1.30 -30.23 -14.14
N PHE B 327 -0.78 -29.00 -14.03
CA PHE B 327 0.60 -28.74 -14.40
C PHE B 327 1.28 -27.69 -13.52
N ASP B 328 2.60 -27.71 -13.49
CA ASP B 328 3.39 -26.90 -12.55
C ASP B 328 3.79 -25.57 -13.16
N LEU B 329 3.17 -24.48 -12.72
CA LEU B 329 3.52 -23.18 -13.29
C LEU B 329 5.01 -22.89 -13.16
N ASP B 330 5.63 -23.41 -12.10
CA ASP B 330 7.08 -23.31 -11.91
C ASP B 330 7.83 -24.08 -13.01
N ASN B 331 7.09 -24.77 -13.86
CA ASN B 331 7.71 -25.53 -14.92
C ASN B 331 6.91 -25.38 -16.20
N THR B 332 6.25 -24.23 -16.36
CA THR B 332 5.64 -23.87 -17.64
C THR B 332 6.19 -22.55 -18.19
N LEU B 333 6.30 -22.50 -19.51
CA LEU B 333 6.81 -21.34 -20.22
C LEU B 333 5.71 -20.69 -21.04
N TYR B 334 5.66 -19.37 -21.03
CA TYR B 334 4.67 -18.65 -21.82
C TYR B 334 5.22 -18.19 -23.16
N PHE B 335 4.63 -18.68 -24.24
CA PHE B 335 4.95 -18.23 -25.59
C PHE B 335 3.86 -17.30 -26.10
N PHE B 336 4.22 -16.29 -26.90
CA PHE B 336 3.18 -15.47 -27.52
C PHE B 336 3.50 -14.96 -28.92
N ILE B 337 2.45 -14.67 -29.67
CA ILE B 337 2.54 -13.97 -30.94
C ILE B 337 1.55 -12.84 -30.86
N ALA B 338 1.88 -11.70 -31.45
CA ALA B 338 0.96 -10.58 -31.38
C ALA B 338 0.98 -9.76 -32.67
N GLY B 339 0.05 -8.81 -32.79
CA GLY B 339 0.05 -7.87 -33.89
C GLY B 339 -1.27 -7.84 -34.62
N ARG B 340 -1.26 -7.21 -35.79
CA ARG B 340 -2.42 -7.13 -36.66
C ARG B 340 -2.82 -8.53 -37.14
N TYR B 341 -4.12 -8.78 -37.19
CA TYR B 341 -4.64 -10.09 -37.60
C TYR B 341 -4.36 -10.30 -39.09
N GLU B 342 -3.20 -10.87 -39.40
CA GLU B 342 -2.85 -11.19 -40.78
C GLU B 342 -2.41 -12.64 -40.86
N TYR B 343 -3.40 -13.53 -40.90
CA TYR B 343 -3.15 -14.95 -40.81
C TYR B 343 -1.88 -15.38 -41.55
N LYS B 344 -1.86 -15.23 -42.87
CA LYS B 344 -0.73 -15.72 -43.68
C LYS B 344 0.56 -14.92 -43.52
N ASN B 345 0.47 -13.59 -43.64
CA ASN B 345 1.65 -12.73 -43.63
C ASN B 345 2.40 -12.67 -42.30
N LYS B 346 1.65 -12.60 -41.20
CA LYS B 346 2.23 -12.55 -39.85
C LYS B 346 2.67 -13.93 -39.42
N GLY B 347 2.37 -14.92 -40.25
CA GLY B 347 2.82 -16.29 -40.01
C GLY B 347 2.13 -16.88 -38.79
N ALA B 348 0.82 -16.65 -38.67
CA ALA B 348 0.04 -17.19 -37.59
C ALA B 348 -0.17 -18.67 -37.86
N ASP B 349 -0.41 -18.99 -39.12
CA ASP B 349 -0.47 -20.39 -39.58
C ASP B 349 0.77 -21.18 -39.15
N MET B 350 1.96 -20.72 -39.55
CA MET B 350 3.18 -21.40 -39.14
C MET B 350 3.21 -21.61 -37.64
N PHE B 351 2.95 -20.55 -36.89
CA PHE B 351 3.01 -20.59 -35.43
C PHE B 351 2.22 -21.78 -34.92
N ILE B 352 0.92 -21.80 -35.25
CA ILE B 352 0.05 -22.84 -34.75
C ILE B 352 0.53 -24.22 -35.17
N GLU B 353 0.87 -24.37 -36.45
CA GLU B 353 1.39 -25.63 -36.93
C GLU B 353 2.62 -26.06 -36.14
N ALA B 354 3.62 -25.20 -36.07
CA ALA B 354 4.82 -25.53 -35.31
C ALA B 354 4.46 -25.95 -33.90
N LEU B 355 3.46 -25.30 -33.32
CA LEU B 355 3.07 -25.61 -31.94
C LEU B 355 2.57 -27.04 -31.81
N ALA B 356 1.62 -27.43 -32.65
CA ALA B 356 1.17 -28.81 -32.70
C ALA B 356 2.37 -29.78 -32.78
N ARG B 357 3.32 -29.50 -33.66
CA ARG B 357 4.47 -30.36 -33.82
C ARG B 357 5.49 -30.21 -32.68
N LEU B 358 5.34 -29.18 -31.87
CA LEU B 358 6.16 -29.04 -30.69
C LEU B 358 5.47 -29.74 -29.54
N ASN B 359 4.18 -30.04 -29.76
CA ASN B 359 3.39 -30.81 -28.81
C ASN B 359 3.83 -32.27 -28.90
N TYR B 360 3.65 -32.85 -30.09
CA TYR B 360 4.15 -34.20 -30.40
C TYR B 360 5.53 -34.41 -29.78
N ARG B 361 6.54 -33.77 -30.35
CA ARG B 361 7.90 -33.92 -29.84
C ARG B 361 7.97 -34.01 -28.33
N LEU B 362 7.15 -33.20 -27.65
CA LEU B 362 7.17 -33.10 -26.19
C LEU B 362 6.53 -34.28 -25.46
N LYS B 363 5.47 -34.83 -26.03
CA LYS B 363 4.89 -36.07 -25.52
C LYS B 363 5.87 -37.23 -25.72
N VAL B 364 6.33 -37.43 -26.95
CA VAL B 364 7.38 -38.42 -27.26
C VAL B 364 8.66 -38.31 -26.40
N SER B 365 9.24 -37.12 -26.29
CA SER B 365 10.42 -36.99 -25.42
C SER B 365 9.97 -37.04 -23.96
N GLY B 366 8.68 -37.27 -23.77
CA GLY B 366 8.05 -37.29 -22.46
C GLY B 366 8.60 -36.23 -21.52
N SER B 367 8.51 -34.97 -21.93
CA SER B 367 9.09 -33.89 -21.14
C SER B 367 8.19 -33.51 -19.98
N LYS B 368 8.81 -32.86 -19.00
CA LYS B 368 8.15 -32.46 -17.75
C LYS B 368 7.45 -31.09 -17.82
N LYS B 369 7.81 -30.31 -18.83
CA LYS B 369 7.41 -28.91 -18.90
C LYS B 369 6.10 -28.70 -19.66
N THR B 370 5.59 -27.47 -19.62
CA THR B 370 4.36 -27.11 -20.34
C THR B 370 4.49 -25.75 -21.02
N VAL B 371 3.93 -25.65 -22.21
CA VAL B 371 3.95 -24.37 -22.91
C VAL B 371 2.53 -23.83 -23.06
N VAL B 372 2.24 -22.70 -22.43
CA VAL B 372 1.00 -22.00 -22.72
C VAL B 372 1.29 -20.89 -23.72
N ALA B 373 0.61 -20.94 -24.86
CA ALA B 373 0.91 -20.08 -25.99
C ALA B 373 -0.28 -19.22 -26.36
N PHE B 374 -0.09 -17.90 -26.19
CA PHE B 374 -1.13 -16.92 -26.49
C PHE B 374 -1.03 -16.38 -27.91
N ILE B 375 -2.19 -16.15 -28.51
CA ILE B 375 -2.26 -15.47 -29.78
C ILE B 375 -3.04 -14.19 -29.55
N VAL B 376 -2.32 -13.08 -29.46
CA VAL B 376 -2.97 -11.79 -29.22
C VAL B 376 -3.12 -11.04 -30.54
N MET B 377 -4.28 -11.18 -31.17
CA MET B 377 -4.56 -10.67 -32.53
C MET B 377 -6.03 -10.30 -32.70
N PRO B 378 -6.36 -8.99 -32.71
CA PRO B 378 -7.73 -8.48 -32.68
C PRO B 378 -8.63 -8.93 -33.84
N ALA B 379 -9.69 -9.68 -33.49
CA ALA B 379 -10.69 -10.12 -34.44
C ALA B 379 -12.01 -9.45 -34.09
N LYS B 380 -13.02 -9.62 -34.94
CA LYS B 380 -14.37 -9.21 -34.61
C LYS B 380 -14.87 -10.14 -33.50
N ASN B 381 -15.42 -9.56 -32.42
CA ASN B 381 -15.86 -10.35 -31.27
C ASN B 381 -16.96 -9.72 -30.45
N ASN B 382 -17.59 -10.51 -29.58
CA ASN B 382 -18.64 -10.02 -28.70
C ASN B 382 -18.27 -10.10 -27.23
N SER B 383 -17.17 -9.43 -26.88
CA SER B 383 -16.62 -9.47 -25.53
C SER B 383 -16.28 -10.88 -25.09
N PHE B 384 -16.19 -11.09 -23.78
CA PHE B 384 -15.71 -12.36 -23.23
C PHE B 384 -16.79 -13.43 -23.19
N THR B 385 -16.37 -14.68 -23.37
CA THR B 385 -17.26 -15.82 -23.20
C THR B 385 -17.63 -15.98 -21.73
N VAL B 386 -18.93 -16.13 -21.48
CA VAL B 386 -19.40 -16.50 -20.16
C VAL B 386 -18.45 -17.53 -19.52
N GLU B 387 -18.14 -18.58 -20.28
CA GLU B 387 -17.26 -19.62 -19.77
C GLU B 387 -15.94 -19.07 -19.20
N ALA B 388 -15.26 -18.21 -19.96
CA ALA B 388 -13.97 -17.68 -19.49
C ALA B 388 -14.12 -16.67 -18.37
N LEU B 389 -15.24 -15.94 -18.34
CA LEU B 389 -15.51 -15.02 -17.25
C LEU B 389 -15.71 -15.75 -15.92
N LYS B 390 -16.54 -16.80 -15.93
CA LYS B 390 -16.82 -17.57 -14.73
C LYS B 390 -15.53 -18.09 -14.14
N GLY B 391 -14.69 -18.70 -14.97
CA GLY B 391 -13.40 -19.16 -14.50
C GLY B 391 -12.72 -18.14 -13.60
N GLN B 392 -12.57 -16.91 -14.09
CA GLN B 392 -11.78 -15.90 -13.38
C GLN B 392 -12.44 -15.47 -12.10
N ALA B 393 -13.77 -15.46 -12.09
CA ALA B 393 -14.49 -15.03 -10.90
C ALA B 393 -14.45 -16.04 -9.75
N GLU B 394 -14.60 -17.33 -10.09
CA GLU B 394 -14.59 -18.37 -9.08
C GLU B 394 -13.20 -18.48 -8.48
N VAL B 395 -12.19 -18.29 -9.30
CA VAL B 395 -10.83 -18.42 -8.82
C VAL B 395 -10.44 -17.19 -8.03
N ARG B 396 -11.09 -16.06 -8.32
CA ARG B 396 -10.83 -14.85 -7.56
C ARG B 396 -11.54 -14.94 -6.19
N ALA B 397 -12.69 -15.60 -6.12
CA ALA B 397 -13.37 -15.82 -4.84
C ALA B 397 -12.59 -16.81 -3.97
N LEU B 398 -11.89 -17.73 -4.61
CA LEU B 398 -11.09 -18.70 -3.89
C LEU B 398 -10.02 -17.94 -3.13
N GLU B 399 -9.27 -17.14 -3.87
CA GLU B 399 -8.22 -16.30 -3.31
C GLU B 399 -8.72 -15.44 -2.15
N ASN B 400 -9.91 -14.85 -2.29
CA ASN B 400 -10.47 -14.03 -1.21
C ASN B 400 -10.73 -14.85 0.03
N THR B 401 -11.37 -15.99 -0.15
CA THR B 401 -11.80 -16.82 0.96
C THR B 401 -10.58 -17.39 1.65
N VAL B 402 -9.58 -17.82 0.88
CA VAL B 402 -8.35 -18.30 1.48
C VAL B 402 -7.68 -17.19 2.27
N HIS B 403 -7.57 -16.01 1.68
CA HIS B 403 -7.01 -14.85 2.38
C HIS B 403 -7.77 -14.49 3.67
N GLU B 404 -9.09 -14.42 3.58
CA GLU B 404 -9.90 -14.25 4.78
C GLU B 404 -9.59 -15.33 5.82
N VAL B 405 -9.56 -16.59 5.39
CA VAL B 405 -9.37 -17.69 6.32
C VAL B 405 -7.97 -17.70 6.95
N THR B 406 -6.96 -17.40 6.16
CA THR B 406 -5.62 -17.43 6.72
C THR B 406 -5.39 -16.28 7.71
N THR B 407 -5.94 -15.10 7.44
CA THR B 407 -5.73 -14.05 8.45
C THR B 407 -6.38 -14.45 9.77
N SER B 408 -7.53 -15.11 9.72
CA SER B 408 -8.15 -15.65 10.93
C SER B 408 -7.23 -16.59 11.70
N ILE B 409 -6.60 -17.51 10.98
CA ILE B 409 -5.60 -18.36 11.60
C ILE B 409 -4.54 -17.44 12.23
N GLY B 410 -4.00 -16.54 11.41
CA GLY B 410 -3.06 -15.55 11.89
C GLY B 410 -3.47 -15.01 13.24
N LYS B 411 -4.63 -14.38 13.31
CA LYS B 411 -5.11 -13.83 14.58
C LYS B 411 -5.11 -14.87 15.70
N ARG B 412 -5.61 -16.07 15.41
CA ARG B 412 -5.75 -17.09 16.44
C ARG B 412 -4.44 -17.71 16.92
N ILE B 413 -3.48 -17.87 16.02
CA ILE B 413 -2.16 -18.37 16.41
C ILE B 413 -1.46 -17.33 17.27
N PHE B 414 -1.48 -16.08 16.82
CA PHE B 414 -0.88 -14.98 17.57
C PHE B 414 -1.50 -14.85 18.96
N ASP B 415 -2.81 -14.71 19.03
CA ASP B 415 -3.48 -14.49 20.30
C ASP B 415 -3.14 -15.59 21.30
N HIS B 416 -2.89 -16.80 20.81
CA HIS B 416 -2.53 -17.91 21.67
C HIS B 416 -1.10 -17.80 22.17
N ALA B 417 -0.21 -17.35 21.30
CA ALA B 417 1.19 -17.20 21.65
C ALA B 417 1.41 -16.05 22.62
N ILE B 418 0.61 -14.99 22.46
CA ILE B 418 0.82 -13.80 23.25
C ILE B 418 0.20 -13.93 24.64
N ARG B 419 -0.83 -14.78 24.75
CA ARG B 419 -1.51 -14.97 26.02
C ARG B 419 -0.74 -15.96 26.88
N TYR B 420 0.25 -16.61 26.28
CA TYR B 420 1.03 -17.65 26.94
C TYR B 420 1.77 -17.16 28.17
N PRO B 421 1.64 -17.91 29.29
CA PRO B 421 0.81 -19.12 29.43
C PRO B 421 -0.68 -18.80 29.58
N GLU B 435 -6.53 -28.78 14.67
CA GLU B 435 -7.46 -28.10 13.76
C GLU B 435 -7.67 -26.64 14.12
N LEU B 436 -6.92 -25.78 13.45
CA LEU B 436 -6.96 -24.34 13.67
C LEU B 436 -8.10 -23.70 12.89
N LEU B 437 -8.55 -24.42 11.88
CA LEU B 437 -9.69 -23.99 11.10
C LEU B 437 -10.95 -24.43 11.75
N LYS B 438 -11.79 -23.48 12.08
CA LYS B 438 -13.07 -23.87 12.63
C LYS B 438 -13.98 -24.46 11.55
N SER B 439 -15.14 -24.97 11.95
CA SER B 439 -16.10 -25.51 10.97
C SER B 439 -16.59 -24.39 10.06
N SER B 440 -16.78 -23.21 10.62
CA SER B 440 -17.26 -22.06 9.85
C SER B 440 -16.41 -21.74 8.62
N ASP B 441 -15.09 -21.86 8.77
CA ASP B 441 -14.17 -21.59 7.67
C ASP B 441 -14.10 -22.79 6.73
N LYS B 442 -14.19 -23.99 7.30
CA LYS B 442 -14.19 -25.20 6.49
C LYS B 442 -15.33 -25.14 5.48
N VAL B 443 -16.47 -24.59 5.88
CA VAL B 443 -17.64 -24.59 5.00
C VAL B 443 -17.47 -23.68 3.79
N MET B 444 -17.11 -22.43 4.01
CA MET B 444 -16.92 -21.54 2.86
C MET B 444 -15.70 -21.94 2.01
N LEU B 445 -14.71 -22.55 2.64
CA LEU B 445 -13.62 -23.15 1.90
C LEU B 445 -14.15 -24.22 0.96
N LYS B 446 -15.02 -25.09 1.47
CA LYS B 446 -15.59 -26.19 0.68
C LYS B 446 -16.41 -25.65 -0.48
N ARG B 447 -17.27 -24.69 -0.18
CA ARG B 447 -18.06 -24.01 -1.18
C ARG B 447 -17.23 -23.48 -2.35
N ARG B 448 -16.10 -22.85 -2.04
CA ARG B 448 -15.26 -22.25 -3.06
C ARG B 448 -14.50 -23.26 -3.92
N ILE B 449 -14.02 -24.34 -3.30
CA ILE B 449 -13.34 -25.41 -4.04
C ILE B 449 -14.34 -26.15 -4.93
N LEU B 450 -15.57 -26.25 -4.45
CA LEU B 450 -16.61 -26.96 -5.18
C LEU B 450 -17.00 -26.23 -6.46
N ALA B 451 -16.94 -24.90 -6.43
CA ALA B 451 -17.35 -24.11 -7.58
C ALA B 451 -16.35 -24.24 -8.70
N LEU B 452 -15.20 -24.81 -8.40
CA LEU B 452 -14.13 -24.95 -9.39
C LEU B 452 -14.32 -26.15 -10.31
N ARG B 453 -15.02 -27.17 -9.85
CA ARG B 453 -15.30 -28.35 -10.66
C ARG B 453 -15.99 -27.92 -11.95
N ARG B 454 -15.53 -28.46 -13.07
CA ARG B 454 -16.12 -28.17 -14.38
C ARG B 454 -16.77 -29.41 -15.01
N PRO B 455 -17.94 -29.22 -15.66
CA PRO B 455 -18.75 -30.26 -16.31
C PRO B 455 -17.91 -31.34 -16.98
N GLU B 456 -18.19 -32.61 -16.73
CA GLU B 456 -17.32 -33.70 -17.20
C GLU B 456 -17.02 -33.67 -18.68
N GLY B 457 -15.75 -33.87 -19.01
CA GLY B 457 -15.29 -33.90 -20.39
C GLY B 457 -15.17 -32.55 -21.06
N GLN B 458 -15.52 -31.48 -20.34
CA GLN B 458 -15.36 -30.11 -20.85
C GLN B 458 -13.92 -29.65 -20.68
N LEU B 459 -13.31 -29.23 -21.79
CA LEU B 459 -11.92 -28.82 -21.78
C LEU B 459 -11.79 -27.30 -21.68
N PRO B 460 -10.61 -26.82 -21.23
CA PRO B 460 -10.31 -25.39 -21.17
C PRO B 460 -10.32 -24.77 -22.57
N PRO B 461 -11.16 -23.75 -22.78
CA PRO B 461 -11.42 -23.15 -24.10
C PRO B 461 -10.15 -22.67 -24.82
N ILE B 462 -10.18 -22.71 -26.14
CA ILE B 462 -9.05 -22.22 -26.94
C ILE B 462 -9.21 -20.74 -27.23
N VAL B 463 -10.37 -20.19 -26.92
CA VAL B 463 -10.60 -18.79 -27.17
C VAL B 463 -11.31 -18.12 -26.00
N THR B 464 -10.91 -16.89 -25.70
CA THR B 464 -11.49 -16.17 -24.57
C THR B 464 -12.73 -15.35 -24.95
N HIS B 465 -12.99 -15.19 -26.24
CA HIS B 465 -14.04 -14.26 -26.67
C HIS B 465 -15.09 -14.92 -27.52
N ASN B 466 -16.21 -14.22 -27.67
CA ASN B 466 -17.27 -14.65 -28.57
C ASN B 466 -16.95 -14.26 -30.01
N MET B 467 -16.45 -15.23 -30.76
CA MET B 467 -16.13 -15.04 -32.17
C MET B 467 -17.36 -14.65 -32.97
N VAL B 468 -17.26 -13.54 -33.71
CA VAL B 468 -18.30 -13.13 -34.63
C VAL B 468 -18.01 -13.77 -35.99
N ASP B 469 -17.84 -15.10 -35.98
CA ASP B 469 -17.53 -15.86 -37.18
C ASP B 469 -16.77 -17.14 -36.83
N ASP B 470 -17.19 -17.79 -35.76
CA ASP B 470 -16.50 -18.97 -35.25
C ASP B 470 -16.14 -19.94 -36.38
N ALA B 471 -17.01 -20.02 -37.39
CA ALA B 471 -16.90 -21.04 -38.44
C ALA B 471 -15.84 -20.68 -39.48
N ASN B 472 -15.70 -19.39 -39.75
CA ASN B 472 -14.84 -18.91 -40.83
C ASN B 472 -13.47 -18.37 -40.39
N ASP B 473 -13.33 -18.03 -39.11
CA ASP B 473 -12.07 -17.51 -38.58
C ASP B 473 -10.85 -18.37 -38.92
N LEU B 474 -9.80 -17.74 -39.44
CA LEU B 474 -8.66 -18.48 -39.95
C LEU B 474 -7.78 -19.07 -38.87
N ILE B 475 -7.72 -18.41 -37.71
CA ILE B 475 -6.90 -18.87 -36.59
C ILE B 475 -7.52 -20.06 -35.87
N LEU B 476 -8.79 -19.94 -35.50
CA LEU B 476 -9.50 -21.04 -34.83
C LEU B 476 -9.43 -22.31 -35.68
N ASN B 477 -9.86 -22.19 -36.92
CA ASN B 477 -9.92 -23.34 -37.83
C ASN B 477 -8.58 -24.05 -38.00
N LYS B 478 -7.49 -23.33 -37.79
CA LYS B 478 -6.17 -23.96 -37.86
C LYS B 478 -5.85 -24.71 -36.57
N ILE B 479 -6.32 -24.20 -35.43
CA ILE B 479 -6.03 -24.89 -34.17
C ILE B 479 -6.92 -26.11 -34.01
N ARG B 480 -8.09 -26.06 -34.62
CA ARG B 480 -8.93 -27.24 -34.75
C ARG B 480 -8.24 -28.28 -35.65
N GLN B 481 -7.89 -27.88 -36.86
CA GLN B 481 -7.15 -28.73 -37.78
C GLN B 481 -6.00 -29.51 -37.11
N VAL B 482 -5.30 -28.90 -36.17
CA VAL B 482 -4.17 -29.59 -35.52
C VAL B 482 -4.58 -30.27 -34.21
N GLN B 483 -5.82 -30.01 -33.79
CA GLN B 483 -6.40 -30.65 -32.62
C GLN B 483 -5.66 -30.33 -31.31
N LEU B 484 -5.23 -29.08 -31.17
CA LEU B 484 -4.77 -28.55 -29.89
C LEU B 484 -6.00 -28.05 -29.14
N PHE B 485 -6.51 -28.86 -28.22
CA PHE B 485 -7.79 -28.55 -27.58
C PHE B 485 -7.70 -28.38 -26.08
N ASN B 486 -6.46 -28.33 -25.59
CA ASN B 486 -6.20 -28.10 -24.17
C ASN B 486 -6.56 -29.26 -23.26
N SER B 487 -6.45 -30.49 -23.78
CA SER B 487 -6.62 -31.69 -22.95
C SER B 487 -5.34 -31.97 -22.17
N PRO B 488 -5.47 -32.61 -21.00
CA PRO B 488 -4.37 -32.70 -20.03
C PRO B 488 -3.13 -33.33 -20.62
N SER B 489 -3.30 -34.22 -21.58
CA SER B 489 -2.18 -34.93 -22.21
C SER B 489 -1.33 -33.93 -22.97
N ASP B 490 -2.00 -33.08 -23.77
CA ASP B 490 -1.37 -32.00 -24.55
C ASP B 490 -0.41 -31.19 -23.70
N ARG B 491 0.86 -31.18 -24.08
CA ARG B 491 1.87 -30.49 -23.30
C ARG B 491 1.98 -29.00 -23.66
N VAL B 492 1.35 -28.61 -24.77
CA VAL B 492 1.24 -27.20 -25.12
C VAL B 492 -0.23 -26.80 -25.16
N LYS B 493 -0.59 -25.87 -24.29
CA LYS B 493 -1.95 -25.37 -24.25
C LYS B 493 -2.08 -24.17 -25.18
N MET B 494 -3.30 -23.88 -25.63
CA MET B 494 -3.56 -22.84 -26.61
C MET B 494 -4.53 -21.79 -26.08
N ILE B 495 -4.15 -20.52 -26.18
CA ILE B 495 -5.08 -19.44 -25.82
C ILE B 495 -5.11 -18.36 -26.88
N PHE B 496 -6.24 -18.25 -27.57
CA PHE B 496 -6.44 -17.20 -28.55
C PHE B 496 -7.22 -16.06 -27.87
N HIS B 497 -6.58 -14.89 -27.80
CA HIS B 497 -7.18 -13.69 -27.20
C HIS B 497 -7.38 -12.61 -28.26
N PRO B 498 -8.49 -12.68 -29.01
CA PRO B 498 -8.74 -11.84 -30.18
C PRO B 498 -9.18 -10.44 -29.78
N GLU B 499 -8.30 -9.71 -29.09
CA GLU B 499 -8.60 -8.36 -28.62
C GLU B 499 -7.37 -7.74 -28.01
N PHE B 500 -7.24 -6.42 -28.13
CA PHE B 500 -6.14 -5.70 -27.49
C PHE B 500 -6.19 -5.92 -25.99
N LEU B 501 -5.02 -6.05 -25.37
CA LEU B 501 -4.96 -6.17 -23.93
C LEU B 501 -5.12 -4.79 -23.26
N ASN B 502 -5.96 -4.76 -22.22
CA ASN B 502 -6.06 -3.59 -21.35
C ASN B 502 -5.89 -4.11 -19.94
N ALA B 503 -5.33 -3.31 -19.05
CA ALA B 503 -5.12 -3.77 -17.66
C ALA B 503 -6.45 -3.90 -16.91
N ASN B 504 -7.47 -3.22 -17.41
CA ASN B 504 -8.79 -3.19 -16.78
C ASN B 504 -9.71 -4.33 -17.25
N ASN B 505 -9.14 -5.44 -17.67
CA ASN B 505 -9.95 -6.57 -18.14
C ASN B 505 -10.16 -7.65 -17.08
N PRO B 506 -11.37 -8.24 -17.06
CA PRO B 506 -11.72 -9.29 -16.10
C PRO B 506 -10.87 -10.52 -16.31
N ILE B 507 -10.47 -10.75 -17.56
CA ILE B 507 -9.75 -11.96 -17.93
C ILE B 507 -8.24 -11.81 -17.70
N LEU B 508 -7.55 -11.19 -18.67
CA LEU B 508 -6.11 -11.07 -18.61
C LEU B 508 -5.80 -9.60 -18.28
N GLY B 509 -5.71 -9.28 -16.99
CA GLY B 509 -5.62 -7.89 -16.57
C GLY B 509 -4.27 -7.19 -16.78
N LEU B 510 -3.83 -7.16 -18.02
CA LEU B 510 -2.53 -6.62 -18.34
C LEU B 510 -2.60 -5.56 -19.43
N ASP B 511 -1.61 -4.67 -19.46
CA ASP B 511 -1.41 -3.83 -20.63
C ASP B 511 -0.43 -4.58 -21.50
N TYR B 512 -0.48 -4.34 -22.81
CA TYR B 512 0.35 -5.12 -23.69
C TYR B 512 1.81 -5.14 -23.21
N ASP B 513 2.36 -3.97 -22.89
CA ASP B 513 3.73 -3.92 -22.43
C ASP B 513 3.93 -4.77 -21.17
N GLU B 514 2.94 -4.78 -20.27
CA GLU B 514 3.00 -5.62 -19.07
C GLU B 514 3.01 -7.11 -19.41
N PHE B 515 2.05 -7.52 -20.24
CA PHE B 515 1.97 -8.90 -20.70
C PHE B 515 3.28 -9.33 -21.34
N VAL B 516 3.76 -8.56 -22.30
CA VAL B 516 4.96 -8.95 -23.02
C VAL B 516 6.10 -9.23 -22.06
N ARG B 517 6.26 -8.38 -21.04
CA ARG B 517 7.33 -8.60 -20.07
C ARG B 517 7.12 -9.90 -19.30
N GLY B 518 5.90 -10.12 -18.84
CA GLY B 518 5.56 -11.33 -18.11
C GLY B 518 5.86 -12.63 -18.85
N CYS B 519 6.12 -12.55 -20.16
CA CYS B 519 6.29 -13.76 -20.95
C CYS B 519 7.73 -14.23 -21.04
N HIS B 520 7.96 -15.30 -21.78
CA HIS B 520 9.26 -15.95 -21.83
C HIS B 520 9.80 -15.96 -23.26
N LEU B 521 8.93 -15.79 -24.24
CA LEU B 521 9.39 -15.86 -25.62
C LEU B 521 8.34 -15.37 -26.61
N GLY B 522 8.73 -14.42 -27.47
CA GLY B 522 7.86 -13.95 -28.53
C GLY B 522 8.12 -14.74 -29.80
N VAL B 523 7.07 -15.01 -30.56
CA VAL B 523 7.22 -15.83 -31.76
C VAL B 523 6.50 -15.23 -32.96
N PHE B 524 7.28 -14.68 -33.89
CA PHE B 524 6.72 -13.92 -35.00
C PHE B 524 7.32 -14.44 -36.29
N PRO B 525 6.75 -15.53 -36.80
CA PRO B 525 7.28 -16.19 -37.99
C PRO B 525 6.74 -15.49 -39.24
N SER B 526 7.12 -14.23 -39.43
CA SER B 526 6.48 -13.43 -40.47
C SER B 526 6.94 -13.76 -41.89
N TYR B 527 5.98 -13.75 -42.81
CA TYR B 527 6.24 -14.01 -44.23
C TYR B 527 6.39 -12.71 -45.04
N TYR B 528 5.48 -11.75 -44.84
CA TYR B 528 5.62 -10.42 -45.42
C TYR B 528 5.59 -9.36 -44.34
N GLU B 529 6.75 -8.77 -44.07
CA GLU B 529 6.89 -7.86 -42.95
C GLU B 529 8.02 -6.89 -43.25
N PRO B 530 7.72 -5.78 -43.95
CA PRO B 530 8.76 -4.82 -44.33
C PRO B 530 9.54 -4.31 -43.14
N TRP B 531 8.96 -4.33 -41.94
CA TRP B 531 9.76 -4.08 -40.75
C TRP B 531 9.48 -5.05 -39.59
N GLY B 532 8.30 -4.94 -39.01
CA GLY B 532 8.01 -5.76 -37.85
C GLY B 532 8.28 -5.00 -36.58
N TYR B 533 7.42 -4.02 -36.30
CA TYR B 533 7.55 -3.30 -35.07
C TYR B 533 7.47 -4.20 -33.85
N THR B 534 6.46 -5.07 -33.82
CA THR B 534 6.20 -5.97 -32.67
C THR B 534 7.39 -6.81 -32.20
N PRO B 535 8.04 -7.58 -33.10
CA PRO B 535 9.21 -8.29 -32.57
C PRO B 535 10.29 -7.32 -32.08
N ALA B 536 10.44 -6.18 -32.75
CA ALA B 536 11.46 -5.22 -32.36
C ALA B 536 11.17 -4.68 -30.97
N GLU B 537 9.93 -4.27 -30.75
CA GLU B 537 9.56 -3.67 -29.48
C GLU B 537 9.45 -4.76 -28.43
N CYS B 538 9.46 -6.00 -28.88
CA CYS B 538 9.51 -7.13 -27.97
C CYS B 538 10.93 -7.21 -27.41
N THR B 539 11.90 -7.32 -28.32
CA THR B 539 13.31 -7.27 -27.98
C THR B 539 13.67 -6.09 -27.07
N VAL B 540 13.17 -4.90 -27.40
CA VAL B 540 13.49 -3.73 -26.60
C VAL B 540 13.06 -3.89 -25.15
N MET B 541 12.00 -4.68 -24.92
CA MET B 541 11.51 -4.94 -23.56
C MET B 541 12.29 -6.08 -22.89
N GLY B 542 13.24 -6.66 -23.62
CA GLY B 542 14.14 -7.65 -23.05
C GLY B 542 13.53 -9.05 -23.03
N VAL B 543 12.83 -9.40 -24.09
CA VAL B 543 12.23 -10.71 -24.18
C VAL B 543 12.73 -11.43 -25.42
N PRO B 544 13.32 -12.61 -25.23
CA PRO B 544 13.78 -13.38 -26.37
C PRO B 544 12.66 -13.50 -27.37
N SER B 545 13.01 -13.62 -28.65
CA SER B 545 12.02 -13.60 -29.71
C SER B 545 12.54 -14.34 -30.93
N ILE B 546 11.61 -14.88 -31.70
CA ILE B 546 11.95 -15.51 -32.97
C ILE B 546 11.33 -14.69 -34.10
N THR B 547 12.15 -14.26 -35.05
CA THR B 547 11.63 -13.60 -36.23
C THR B 547 12.02 -14.37 -37.51
N THR B 548 12.30 -13.66 -38.60
CA THR B 548 12.42 -14.31 -39.89
C THR B 548 13.28 -13.51 -40.85
N ASN B 549 13.95 -14.20 -41.76
CA ASN B 549 14.88 -13.57 -42.69
C ASN B 549 14.15 -12.77 -43.78
N VAL B 550 12.84 -12.98 -43.92
CA VAL B 550 12.00 -12.19 -44.83
C VAL B 550 11.27 -11.05 -44.08
N SER B 551 11.60 -10.89 -42.81
CA SER B 551 11.12 -9.76 -42.04
C SER B 551 12.22 -8.72 -42.11
N GLY B 552 11.82 -7.46 -42.15
CA GLY B 552 12.77 -6.37 -42.15
C GLY B 552 13.60 -6.43 -40.89
N PHE B 553 12.91 -6.46 -39.75
CA PHE B 553 13.57 -6.48 -38.45
C PHE B 553 14.45 -7.71 -38.37
N GLY B 554 13.97 -8.79 -38.97
CA GLY B 554 14.75 -10.01 -39.01
C GLY B 554 16.08 -9.75 -39.70
N SER B 555 15.99 -9.45 -41.00
CA SER B 555 17.15 -9.25 -41.85
C SER B 555 18.10 -8.25 -41.22
N TYR B 556 17.56 -7.14 -40.71
CA TYR B 556 18.39 -6.13 -40.10
C TYR B 556 19.17 -6.75 -38.95
N MET B 557 18.46 -7.54 -38.17
CA MET B 557 19.03 -8.19 -36.99
C MET B 557 20.15 -9.15 -37.40
N GLU B 558 19.89 -9.92 -38.45
CA GLU B 558 20.85 -10.88 -39.01
C GLU B 558 22.27 -10.30 -39.16
N ASP B 559 22.37 -9.08 -39.66
CA ASP B 559 23.65 -8.43 -39.86
C ASP B 559 24.32 -7.93 -38.59
N LEU B 560 23.95 -8.47 -37.44
CA LEU B 560 24.58 -8.08 -36.19
C LEU B 560 24.69 -9.28 -35.22
N ALA B 566 25.36 -16.15 -32.05
CA ALA B 566 24.24 -15.55 -32.79
C ALA B 566 22.93 -15.59 -32.00
N LYS B 567 22.28 -16.76 -31.98
CA LYS B 567 21.04 -16.97 -31.22
C LYS B 567 21.21 -16.72 -29.71
N ASP B 568 22.44 -16.80 -29.24
CA ASP B 568 22.73 -16.66 -27.82
C ASP B 568 22.25 -15.33 -27.27
N TYR B 569 21.95 -14.38 -28.15
CA TYR B 569 21.50 -13.05 -27.72
C TYR B 569 19.99 -12.96 -27.62
N GLY B 570 19.32 -14.09 -27.78
CA GLY B 570 17.90 -14.17 -27.60
C GLY B 570 17.15 -13.80 -28.86
N ILE B 571 17.84 -13.82 -30.00
CA ILE B 571 17.15 -13.63 -31.26
C ILE B 571 17.41 -14.81 -32.17
N TYR B 572 16.33 -15.49 -32.51
CA TYR B 572 16.37 -16.65 -33.38
C TYR B 572 15.80 -16.22 -34.71
N ILE B 573 16.43 -16.64 -35.80
CA ILE B 573 15.96 -16.24 -37.12
C ILE B 573 15.59 -17.43 -37.98
N VAL B 574 14.33 -17.79 -37.99
CA VAL B 574 13.86 -18.79 -38.94
C VAL B 574 14.13 -18.30 -40.36
N ASP B 575 14.68 -19.17 -41.19
CA ASP B 575 14.87 -18.88 -42.61
C ASP B 575 13.62 -19.30 -43.39
N ARG B 576 12.84 -18.31 -43.81
CA ARG B 576 11.65 -18.56 -44.62
C ARG B 576 11.96 -18.31 -46.10
N ARG B 577 13.15 -17.75 -46.36
CA ARG B 577 13.54 -17.33 -47.71
C ARG B 577 14.17 -18.44 -48.56
N PHE B 578 14.93 -19.33 -47.92
CA PHE B 578 15.66 -20.34 -48.67
C PHE B 578 15.22 -21.80 -48.43
N LYS B 579 14.77 -22.12 -47.22
CA LYS B 579 14.21 -23.45 -46.93
C LYS B 579 12.73 -23.55 -47.32
N ALA B 580 12.28 -24.77 -47.62
CA ALA B 580 10.92 -24.99 -48.11
C ALA B 580 9.88 -24.59 -47.04
N PRO B 581 8.59 -24.58 -47.43
CA PRO B 581 7.58 -24.26 -46.41
C PRO B 581 7.70 -25.20 -45.20
N ASP B 582 8.09 -26.45 -45.47
CA ASP B 582 8.07 -27.49 -44.43
C ASP B 582 9.36 -27.59 -43.60
N GLU B 583 10.52 -27.38 -44.22
CA GLU B 583 11.76 -27.35 -43.44
C GLU B 583 11.74 -26.13 -42.55
N SER B 584 11.04 -25.08 -43.00
CA SER B 584 10.90 -23.83 -42.27
C SER B 584 10.19 -24.07 -40.94
N VAL B 585 8.95 -24.55 -41.02
CA VAL B 585 8.20 -24.92 -39.84
C VAL B 585 9.08 -25.71 -38.89
N GLU B 586 9.76 -26.71 -39.44
CA GLU B 586 10.59 -27.61 -38.63
C GLU B 586 11.74 -26.91 -37.93
N GLN B 587 12.38 -25.96 -38.59
CA GLN B 587 13.42 -25.16 -37.95
C GLN B 587 12.84 -24.39 -36.76
N LEU B 588 11.61 -23.94 -36.93
CA LEU B 588 10.90 -23.18 -35.90
C LEU B 588 10.78 -24.04 -34.65
N VAL B 589 10.29 -25.27 -34.85
CA VAL B 589 10.11 -26.22 -33.76
C VAL B 589 11.42 -26.53 -33.04
N ASP B 590 12.49 -26.77 -33.79
CA ASP B 590 13.81 -26.95 -33.20
C ASP B 590 14.14 -25.77 -32.29
N TYR B 591 13.80 -24.57 -32.75
CA TYR B 591 14.11 -23.36 -32.01
C TYR B 591 13.31 -23.29 -30.73
N MET B 592 12.05 -23.69 -30.79
CA MET B 592 11.18 -23.69 -29.61
C MET B 592 11.61 -24.76 -28.62
N GLU B 593 11.72 -25.99 -29.12
CA GLU B 593 12.21 -27.12 -28.34
C GLU B 593 13.46 -26.70 -27.56
N GLU B 594 14.48 -26.23 -28.28
CA GLU B 594 15.70 -25.79 -27.65
C GLU B 594 15.41 -24.84 -26.48
N PHE B 595 14.41 -23.97 -26.64
CA PHE B 595 14.09 -22.98 -25.60
C PHE B 595 13.41 -23.62 -24.38
N VAL B 596 12.55 -24.60 -24.64
CA VAL B 596 11.93 -25.38 -23.58
C VAL B 596 13.01 -26.05 -22.73
N LYS B 597 13.86 -26.84 -23.39
CA LYS B 597 14.93 -27.60 -22.74
C LYS B 597 16.10 -26.73 -22.26
N LYS B 598 15.81 -25.49 -21.92
CA LYS B 598 16.83 -24.61 -21.38
C LYS B 598 16.73 -24.65 -19.85
N THR B 599 17.88 -24.71 -19.17
CA THR B 599 17.90 -24.70 -17.71
C THR B 599 17.51 -23.33 -17.18
N ALA B 600 17.21 -23.28 -15.88
CA ALA B 600 16.78 -22.04 -15.25
C ALA B 600 17.83 -20.93 -15.39
N ALA B 601 19.11 -21.30 -15.38
CA ALA B 601 20.20 -20.34 -15.51
C ALA B 601 20.45 -19.98 -16.98
N GLN B 602 20.39 -20.99 -17.85
CA GLN B 602 20.56 -20.79 -19.30
C GLN B 602 19.57 -19.76 -19.85
N ALA B 603 18.35 -19.78 -19.33
CA ALA B 603 17.34 -18.80 -19.71
C ALA B 603 17.68 -17.41 -19.16
N ILE B 604 18.24 -17.34 -17.95
CA ILE B 604 18.52 -16.05 -17.32
C ILE B 604 19.73 -15.33 -17.95
N ASN B 605 20.61 -16.12 -18.57
CA ASN B 605 21.72 -15.55 -19.33
C ASN B 605 21.23 -14.96 -20.63
N GLN B 606 20.44 -15.74 -21.37
CA GLN B 606 19.83 -15.26 -22.61
C GLN B 606 19.03 -13.98 -22.37
N ARG B 607 18.07 -14.04 -21.46
CA ARG B 607 17.31 -12.86 -21.07
C ARG B 607 18.18 -11.63 -20.82
N ASN B 608 19.28 -11.81 -20.08
CA ASN B 608 20.19 -10.72 -19.78
C ASN B 608 20.89 -10.16 -21.02
N ARG B 609 21.24 -11.05 -21.93
CA ARG B 609 21.85 -10.65 -23.19
C ARG B 609 20.92 -9.81 -24.07
N THR B 610 19.75 -10.36 -24.40
CA THR B 610 18.77 -9.65 -25.23
C THR B 610 18.47 -8.24 -24.72
N GLU B 611 18.36 -8.12 -23.39
CA GLU B 611 18.05 -6.84 -22.77
C GLU B 611 19.06 -5.76 -23.17
N ARG B 612 20.31 -6.17 -23.32
CA ARG B 612 21.38 -5.23 -23.65
C ARG B 612 21.43 -4.87 -25.13
N LEU B 613 20.69 -5.62 -25.95
CA LEU B 613 20.53 -5.28 -27.37
C LEU B 613 19.65 -4.05 -27.54
N SER B 614 18.81 -3.80 -26.55
CA SER B 614 17.83 -2.72 -26.65
C SER B 614 18.45 -1.39 -27.09
N ASP B 615 19.58 -1.02 -26.51
CA ASP B 615 20.16 0.27 -26.84
C ASP B 615 20.61 0.38 -28.29
N LEU B 616 20.78 -0.77 -28.93
CA LEU B 616 21.09 -0.80 -30.36
C LEU B 616 19.94 -0.30 -31.23
N LEU B 617 18.71 -0.36 -30.70
CA LEU B 617 17.53 -0.03 -31.48
C LEU B 617 16.97 1.38 -31.23
N ASP B 618 17.58 2.13 -30.31
CA ASP B 618 17.15 3.50 -30.10
C ASP B 618 17.41 4.32 -31.36
N TRP B 619 16.65 5.40 -31.54
CA TRP B 619 16.86 6.26 -32.68
C TRP B 619 18.23 6.91 -32.57
N LYS B 620 18.74 7.04 -31.35
CA LYS B 620 20.07 7.63 -31.13
C LYS B 620 21.15 6.89 -31.88
N ARG B 621 20.95 5.59 -32.12
CA ARG B 621 21.84 4.87 -33.03
C ARG B 621 21.28 4.84 -34.44
N MET B 622 19.99 4.50 -34.57
CA MET B 622 19.37 4.31 -35.89
C MET B 622 19.29 5.60 -36.72
N GLY B 623 19.02 6.71 -36.06
CA GLY B 623 18.90 7.98 -36.74
C GLY B 623 20.14 8.41 -37.51
N LEU B 624 21.21 7.64 -37.42
CA LEU B 624 22.42 8.01 -38.16
C LEU B 624 22.25 7.64 -39.62
N GLU B 625 21.44 6.61 -39.89
CA GLU B 625 21.13 6.23 -41.26
C GLU B 625 20.28 7.30 -41.97
N TYR B 626 19.52 8.09 -41.22
CA TYR B 626 18.80 9.19 -41.84
C TYR B 626 19.76 10.31 -42.23
N VAL B 627 20.69 10.64 -41.33
CA VAL B 627 21.75 11.59 -41.64
C VAL B 627 22.48 11.18 -42.92
N LYS B 628 22.92 9.92 -42.99
CA LYS B 628 23.60 9.42 -44.20
C LYS B 628 22.76 9.68 -45.45
N ALA B 629 21.48 9.33 -45.40
CA ALA B 629 20.60 9.55 -46.54
C ALA B 629 20.56 11.02 -46.88
N ARG B 630 20.31 11.86 -45.87
CA ARG B 630 20.15 13.28 -46.12
C ARG B 630 21.43 13.87 -46.71
N GLN B 631 22.58 13.47 -46.16
CA GLN B 631 23.86 13.94 -46.68
C GLN B 631 24.17 13.46 -48.11
N LEU B 632 23.91 12.19 -48.41
CA LEU B 632 24.05 11.72 -49.79
C LEU B 632 23.14 12.55 -50.73
N ALA B 633 21.97 12.91 -50.23
CA ALA B 633 21.04 13.71 -51.01
C ALA B 633 21.68 15.04 -51.39
N LEU B 634 22.60 15.50 -50.54
CA LEU B 634 23.27 16.79 -50.72
C LEU B 634 24.50 16.67 -51.62
N ARG B 635 25.38 15.73 -51.32
CA ARG B 635 26.53 15.43 -52.17
C ARG B 635 26.13 15.18 -53.63
N ARG B 636 24.88 14.78 -53.85
CA ARG B 636 24.40 14.50 -55.21
C ARG B 636 23.74 15.72 -55.83
N GLY B 637 23.36 16.68 -55.01
CA GLY B 637 22.66 17.86 -55.50
C GLY B 637 23.61 19.00 -55.84
N TYR B 638 24.73 19.04 -55.13
CA TYR B 638 25.71 20.10 -55.29
C TYR B 638 27.10 19.48 -55.20
N PRO B 639 27.44 18.64 -56.20
CA PRO B 639 28.68 17.85 -56.20
C PRO B 639 29.88 18.72 -55.87
N ASP B 640 29.89 19.91 -56.45
CA ASP B 640 31.00 20.83 -56.27
C ASP B 640 31.04 21.34 -54.83
N GLN B 641 30.02 22.09 -54.43
CA GLN B 641 29.98 22.65 -53.08
C GLN B 641 30.34 21.62 -52.01
N PHE B 642 29.90 20.38 -52.21
CA PHE B 642 30.15 19.33 -51.24
C PHE B 642 31.65 19.09 -51.10
N ARG B 643 32.36 19.00 -52.23
CA ARG B 643 33.80 18.78 -52.20
C ARG B 643 34.53 19.87 -51.41
N GLU B 644 33.98 21.09 -51.43
CA GLU B 644 34.53 22.21 -50.69
C GLU B 644 34.38 21.99 -49.19
N LEU B 645 33.27 21.37 -48.80
CA LEU B 645 32.96 21.18 -47.39
C LEU B 645 33.62 19.93 -46.77
N VAL B 646 34.12 19.05 -47.64
CA VAL B 646 34.68 17.79 -47.16
C VAL B 646 36.19 17.70 -47.37
N GLY B 647 36.69 18.40 -48.38
CA GLY B 647 38.13 18.47 -48.61
C GLY B 647 38.62 17.44 -49.61
N GLU B 648 37.66 16.80 -50.28
CA GLU B 648 37.95 15.77 -51.27
C GLU B 648 36.68 15.47 -52.04
N GLU B 649 36.70 14.46 -52.91
CA GLU B 649 35.46 13.98 -53.50
C GLU B 649 35.14 12.56 -53.03
N LEU B 650 34.08 12.47 -52.22
CA LEU B 650 33.61 11.19 -51.69
C LEU B 650 32.68 10.51 -52.68
N ASN B 651 32.57 9.19 -52.57
CA ASN B 651 31.73 8.39 -53.46
C ASN B 651 30.23 8.64 -53.22
N ASP B 652 29.46 8.72 -54.30
CA ASP B 652 28.04 9.05 -54.21
C ASP B 652 27.12 7.99 -54.82
N SER B 653 27.53 6.73 -54.77
CA SER B 653 26.68 5.67 -55.31
C SER B 653 25.72 5.08 -54.25
N ASN B 654 26.19 4.99 -53.01
CA ASN B 654 25.36 4.53 -51.89
C ASN B 654 25.47 5.52 -50.76
N MET B 655 24.74 5.25 -49.68
CA MET B 655 24.86 6.08 -48.48
C MET B 655 26.05 5.58 -47.68
N ASP B 656 26.18 4.25 -47.62
CA ASP B 656 27.33 3.63 -47.00
C ASP B 656 28.59 4.01 -47.76
N ALA B 657 28.52 3.92 -49.09
CA ALA B 657 29.61 4.33 -49.96
C ALA B 657 30.15 5.71 -49.57
N LEU B 658 29.24 6.65 -49.30
CA LEU B 658 29.62 7.98 -48.85
C LEU B 658 30.47 7.94 -47.55
N ALA B 659 29.87 7.44 -46.47
CA ALA B 659 30.57 7.34 -45.19
C ALA B 659 31.01 5.90 -44.89
N SER C 22 -48.39 -38.59 24.84
CA SER C 22 -48.37 -37.13 24.86
C SER C 22 -46.99 -36.54 24.57
N ARG C 23 -46.97 -35.54 23.68
CA ARG C 23 -45.73 -35.02 23.10
C ARG C 23 -45.22 -33.75 23.73
N ASP C 24 -43.93 -33.49 23.54
CA ASP C 24 -43.24 -32.38 24.18
C ASP C 24 -43.31 -31.06 23.39
N LEU C 25 -44.23 -30.17 23.76
CA LEU C 25 -44.34 -28.89 23.07
C LEU C 25 -43.09 -28.03 23.25
N GLN C 26 -42.45 -28.18 24.40
CA GLN C 26 -41.28 -27.39 24.72
C GLN C 26 -40.16 -27.67 23.73
N ASN C 27 -39.62 -28.87 23.79
CA ASN C 27 -38.49 -29.28 22.97
C ASN C 27 -38.94 -30.05 21.72
N HIS C 28 -39.24 -29.30 20.65
CA HIS C 28 -39.89 -29.86 19.47
C HIS C 28 -39.00 -29.81 18.23
N LEU C 29 -39.46 -30.48 17.18
CA LEU C 29 -38.75 -30.56 15.90
C LEU C 29 -39.25 -29.53 14.90
N LEU C 30 -38.35 -29.02 14.06
CA LEU C 30 -38.74 -28.10 13.00
C LEU C 30 -38.35 -28.61 11.62
N PHE C 31 -39.33 -28.64 10.72
CA PHE C 31 -39.07 -29.00 9.32
C PHE C 31 -39.49 -27.85 8.42
N GLU C 32 -38.52 -27.21 7.79
CA GLU C 32 -38.85 -26.10 6.90
C GLU C 32 -38.78 -26.56 5.44
N THR C 33 -39.84 -26.31 4.69
CA THR C 33 -39.97 -26.89 3.35
C THR C 33 -40.26 -25.81 2.31
N ALA C 34 -39.48 -25.83 1.24
CA ALA C 34 -39.58 -24.85 0.15
C ALA C 34 -38.81 -25.38 -1.05
N THR C 35 -39.27 -25.03 -2.25
CA THR C 35 -38.62 -25.47 -3.49
C THR C 35 -37.20 -24.99 -3.55
N GLU C 36 -36.90 -23.92 -2.84
CA GLU C 36 -35.65 -23.21 -3.02
C GLU C 36 -34.50 -23.69 -2.14
N VAL C 37 -34.75 -24.58 -1.19
CA VAL C 37 -33.72 -24.91 -0.20
C VAL C 37 -32.31 -24.80 -0.72
N ALA C 38 -31.83 -25.71 -1.54
CA ALA C 38 -30.45 -25.50 -1.92
C ALA C 38 -30.29 -25.20 -3.39
N ASN C 39 -31.21 -24.44 -3.94
CA ASN C 39 -31.07 -23.96 -5.31
C ASN C 39 -31.72 -22.61 -5.54
N ARG C 40 -30.89 -21.64 -5.90
CA ARG C 40 -31.37 -20.29 -6.14
C ARG C 40 -32.26 -20.31 -7.37
N VAL C 41 -33.55 -20.12 -7.14
CA VAL C 41 -34.54 -20.14 -8.20
C VAL C 41 -35.57 -19.07 -7.90
N GLY C 42 -35.59 -18.61 -6.66
CA GLY C 42 -36.46 -17.54 -6.23
C GLY C 42 -35.73 -16.59 -5.29
N GLY C 43 -36.49 -15.78 -4.57
CA GLY C 43 -35.92 -14.91 -3.56
C GLY C 43 -35.99 -15.63 -2.23
N ILE C 44 -36.93 -16.57 -2.12
CA ILE C 44 -37.10 -17.34 -0.90
C ILE C 44 -35.80 -18.01 -0.53
N TYR C 45 -34.98 -18.31 -1.52
CA TYR C 45 -33.65 -18.84 -1.27
C TYR C 45 -32.88 -17.94 -0.32
N SER C 46 -32.91 -16.64 -0.59
CA SER C 46 -32.20 -15.69 0.24
C SER C 46 -32.80 -15.67 1.64
N VAL C 47 -34.12 -15.55 1.71
CA VAL C 47 -34.80 -15.56 2.99
C VAL C 47 -34.29 -16.72 3.82
N LEU C 48 -34.39 -17.93 3.29
CA LEU C 48 -34.04 -19.14 4.03
C LEU C 48 -32.56 -19.21 4.41
N LYS C 49 -31.69 -18.75 3.51
CA LYS C 49 -30.24 -18.80 3.74
C LYS C 49 -29.80 -17.81 4.81
N SER C 50 -30.46 -16.67 4.85
CA SER C 50 -30.08 -15.61 5.78
C SER C 50 -30.76 -15.80 7.12
N LYS C 51 -31.75 -16.69 7.17
CA LYS C 51 -32.43 -17.04 8.42
C LYS C 51 -31.82 -18.29 9.08
N ALA C 52 -30.98 -19.00 8.32
CA ALA C 52 -30.38 -20.22 8.80
C ALA C 52 -29.60 -20.06 10.10
N PRO C 53 -28.60 -19.14 10.12
CA PRO C 53 -27.76 -18.96 11.32
C PRO C 53 -28.58 -18.75 12.59
N ILE C 54 -29.59 -17.90 12.51
CA ILE C 54 -30.44 -17.68 13.67
C ILE C 54 -31.20 -18.94 14.09
N THR C 55 -31.88 -19.62 13.16
CA THR C 55 -32.66 -20.81 13.56
C THR C 55 -31.79 -22.05 13.90
N VAL C 56 -30.67 -22.24 13.22
CA VAL C 56 -29.76 -23.33 13.62
C VAL C 56 -29.26 -23.06 15.03
N ALA C 57 -29.09 -21.78 15.37
CA ALA C 57 -28.66 -21.39 16.70
C ALA C 57 -29.70 -21.80 17.74
N GLN C 58 -30.97 -21.69 17.39
CA GLN C 58 -32.03 -22.07 18.32
C GLN C 58 -32.28 -23.59 18.41
N TYR C 59 -32.43 -24.26 17.26
CA TYR C 59 -32.79 -25.66 17.21
C TYR C 59 -31.62 -26.61 17.02
N LYS C 60 -30.44 -26.08 16.73
CA LYS C 60 -29.31 -26.95 16.43
C LYS C 60 -29.68 -28.05 15.44
N ASP C 61 -29.48 -29.29 15.85
CA ASP C 61 -29.69 -30.41 14.94
C ASP C 61 -31.10 -30.94 15.02
N HIS C 62 -32.00 -30.20 15.65
CA HIS C 62 -33.41 -30.54 15.70
C HIS C 62 -34.13 -29.91 14.52
N TYR C 63 -33.35 -29.20 13.69
CA TYR C 63 -33.88 -28.40 12.58
C TYR C 63 -33.50 -28.98 11.24
N HIS C 64 -34.47 -29.07 10.34
CA HIS C 64 -34.22 -29.62 9.01
C HIS C 64 -34.89 -28.81 7.91
N LEU C 65 -34.13 -28.48 6.88
CA LEU C 65 -34.74 -27.95 5.66
C LEU C 65 -35.08 -29.10 4.70
N ILE C 66 -36.20 -28.98 3.99
CA ILE C 66 -36.63 -30.01 3.07
C ILE C 66 -36.99 -29.40 1.74
N GLY C 67 -36.42 -29.94 0.67
CA GLY C 67 -36.82 -29.53 -0.66
C GLY C 67 -36.52 -30.59 -1.71
N PRO C 68 -36.90 -30.30 -2.96
CA PRO C 68 -36.54 -31.09 -4.14
C PRO C 68 -35.07 -31.00 -4.46
N LEU C 69 -34.49 -32.11 -4.90
CA LEU C 69 -33.11 -32.15 -5.32
C LEU C 69 -33.02 -31.65 -6.73
N ASN C 70 -32.22 -30.60 -6.93
CA ASN C 70 -31.91 -30.11 -8.26
C ASN C 70 -30.59 -30.71 -8.75
N LYS C 71 -30.67 -31.84 -9.42
CA LYS C 71 -29.49 -32.62 -9.81
C LYS C 71 -28.45 -31.76 -10.50
N ALA C 72 -28.88 -30.64 -11.05
CA ALA C 72 -27.95 -29.72 -11.70
C ALA C 72 -27.04 -29.04 -10.68
N THR C 73 -27.62 -28.35 -9.70
CA THR C 73 -26.86 -27.48 -8.82
C THR C 73 -26.55 -27.97 -7.40
N TYR C 74 -27.16 -29.07 -6.96
CA TYR C 74 -26.98 -29.52 -5.58
C TYR C 74 -25.52 -29.78 -5.19
N GLN C 75 -24.69 -30.28 -6.10
CA GLN C 75 -23.30 -30.59 -5.75
C GLN C 75 -22.45 -29.37 -5.36
N ASN C 76 -22.89 -28.17 -5.74
CA ASN C 76 -22.20 -26.94 -5.39
C ASN C 76 -22.71 -26.33 -4.08
N GLU C 77 -23.92 -26.69 -3.69
CA GLU C 77 -24.56 -26.10 -2.54
C GLU C 77 -24.45 -26.95 -1.28
N VAL C 78 -24.18 -28.24 -1.45
CA VAL C 78 -24.37 -29.19 -0.35
C VAL C 78 -23.14 -29.99 0.07
N ASP C 79 -22.94 -30.07 1.37
CA ASP C 79 -21.92 -30.95 1.92
C ASP C 79 -22.56 -32.32 2.15
N ILE C 80 -22.45 -33.22 1.17
CA ILE C 80 -23.13 -34.51 1.26
C ILE C 80 -22.61 -35.41 2.40
N LEU C 81 -23.52 -35.89 3.23
CA LEU C 81 -23.16 -36.63 4.44
C LEU C 81 -23.65 -38.06 4.37
N ASP C 82 -23.01 -38.95 5.11
CA ASP C 82 -23.52 -40.30 5.24
C ASP C 82 -24.53 -40.30 6.37
N TRP C 83 -25.79 -40.54 6.02
CA TRP C 83 -26.87 -40.47 6.99
C TRP C 83 -27.09 -41.83 7.65
N LYS C 84 -26.49 -42.86 7.06
CA LYS C 84 -26.66 -44.21 7.58
C LYS C 84 -25.82 -44.45 8.83
N LYS C 85 -24.63 -43.84 8.90
CA LYS C 85 -23.77 -44.03 10.07
C LYS C 85 -24.52 -43.72 11.35
N PRO C 86 -24.37 -44.58 12.36
CA PRO C 86 -24.88 -44.32 13.71
C PRO C 86 -24.58 -42.90 14.21
N GLU C 87 -23.41 -42.37 13.86
CA GLU C 87 -22.99 -41.07 14.36
C GLU C 87 -23.70 -39.88 13.70
N ALA C 88 -24.54 -40.15 12.70
CA ALA C 88 -25.21 -39.08 11.95
C ALA C 88 -26.28 -38.34 12.74
N PHE C 89 -26.87 -39.03 13.73
CA PHE C 89 -27.95 -38.47 14.54
C PHE C 89 -27.75 -38.76 16.03
N SER C 90 -28.16 -37.84 16.90
CA SER C 90 -28.17 -38.11 18.32
C SER C 90 -29.20 -39.20 18.56
N ASP C 91 -29.17 -39.82 19.74
CA ASP C 91 -30.11 -40.89 20.01
C ASP C 91 -31.54 -40.37 20.03
N GLU C 92 -31.72 -39.14 20.50
CA GLU C 92 -33.06 -38.57 20.62
C GLU C 92 -33.63 -38.10 19.28
N MET C 93 -32.74 -37.82 18.34
CA MET C 93 -33.12 -37.42 16.99
C MET C 93 -33.19 -38.62 16.05
N ARG C 94 -33.02 -39.82 16.60
CA ARG C 94 -32.89 -40.99 15.76
C ARG C 94 -34.14 -41.38 14.98
N PRO C 95 -35.32 -40.99 15.47
CA PRO C 95 -36.48 -41.32 14.63
C PRO C 95 -36.29 -40.83 13.20
N VAL C 96 -35.84 -39.59 13.04
CA VAL C 96 -35.58 -39.05 11.71
C VAL C 96 -34.74 -40.03 10.90
N GLN C 97 -33.63 -40.51 11.46
CA GLN C 97 -32.78 -41.44 10.71
C GLN C 97 -33.58 -42.61 10.18
N HIS C 98 -34.38 -43.22 11.06
CA HIS C 98 -35.21 -44.38 10.74
C HIS C 98 -36.28 -44.08 9.70
N ALA C 99 -36.87 -42.90 9.77
CA ALA C 99 -37.79 -42.46 8.74
C ALA C 99 -37.09 -42.46 7.38
N LEU C 100 -35.94 -41.80 7.30
CA LEU C 100 -35.17 -41.82 6.06
C LEU C 100 -34.89 -43.24 5.60
N GLN C 101 -34.47 -44.10 6.53
CA GLN C 101 -34.24 -45.50 6.22
C GLN C 101 -35.46 -46.18 5.62
N THR C 102 -36.64 -45.88 6.16
CA THR C 102 -37.88 -46.43 5.67
C THR C 102 -38.10 -45.95 4.26
N MET C 103 -37.94 -44.65 4.08
CA MET C 103 -38.17 -44.03 2.79
C MET C 103 -37.29 -44.64 1.71
N GLU C 104 -36.08 -45.02 2.08
CA GLU C 104 -35.20 -45.66 1.10
C GLU C 104 -35.66 -47.07 0.70
N SER C 105 -36.35 -47.75 1.61
CA SER C 105 -36.91 -49.08 1.38
C SER C 105 -37.90 -49.04 0.25
N ARG C 106 -38.72 -48.00 0.25
CA ARG C 106 -39.80 -47.87 -0.70
C ARG C 106 -39.27 -47.31 -2.03
N GLY C 107 -37.95 -47.13 -2.09
CA GLY C 107 -37.28 -46.72 -3.31
C GLY C 107 -37.23 -45.22 -3.56
N VAL C 108 -37.36 -44.45 -2.49
CA VAL C 108 -37.31 -43.00 -2.56
C VAL C 108 -35.90 -42.54 -2.29
N HIS C 109 -35.24 -41.98 -3.30
CA HIS C 109 -33.87 -41.49 -3.12
C HIS C 109 -33.80 -40.04 -2.72
N PHE C 110 -32.72 -39.68 -2.03
CA PHE C 110 -32.55 -38.33 -1.54
C PHE C 110 -31.10 -38.08 -1.22
N VAL C 111 -30.78 -36.81 -0.97
CA VAL C 111 -29.46 -36.42 -0.49
C VAL C 111 -29.65 -35.86 0.92
N TYR C 112 -28.89 -36.38 1.87
CA TYR C 112 -28.85 -35.82 3.22
C TYR C 112 -27.55 -35.09 3.29
N GLY C 113 -27.56 -33.90 3.88
CA GLY C 113 -26.34 -33.15 4.05
C GLY C 113 -26.48 -31.83 4.77
N ARG C 114 -25.38 -31.09 4.76
CA ARG C 114 -25.32 -29.74 5.30
C ARG C 114 -25.35 -28.73 4.15
N TRP C 115 -26.13 -27.67 4.31
CA TRP C 115 -26.20 -26.62 3.29
C TRP C 115 -25.02 -25.68 3.47
N LEU C 116 -24.18 -25.56 2.44
CA LEU C 116 -22.96 -24.75 2.55
C LEU C 116 -23.25 -23.24 2.64
N ILE C 117 -23.91 -22.82 3.71
CA ILE C 117 -23.99 -21.42 4.05
C ILE C 117 -23.49 -21.21 5.47
N GLU C 118 -23.45 -19.95 5.91
CA GLU C 118 -23.30 -19.68 7.32
C GLU C 118 -24.57 -20.20 7.94
N GLY C 119 -24.42 -20.95 9.04
CA GLY C 119 -25.51 -21.62 9.70
C GLY C 119 -25.33 -23.13 9.57
N ALA C 120 -24.93 -23.55 8.37
CA ALA C 120 -24.79 -24.96 7.99
C ALA C 120 -25.92 -25.85 8.50
N PRO C 121 -27.18 -25.50 8.13
CA PRO C 121 -28.32 -26.33 8.52
C PRO C 121 -28.25 -27.64 7.80
N LYS C 122 -28.94 -28.64 8.36
CA LYS C 122 -28.98 -29.94 7.74
C LYS C 122 -30.15 -29.93 6.79
N VAL C 123 -30.02 -30.70 5.72
CA VAL C 123 -30.88 -30.53 4.55
C VAL C 123 -31.31 -31.90 4.05
N ILE C 124 -32.60 -32.04 3.72
CA ILE C 124 -33.08 -33.28 3.10
C ILE C 124 -33.61 -33.00 1.69
N LEU C 125 -32.87 -33.46 0.70
CA LEU C 125 -33.22 -33.16 -0.68
C LEU C 125 -33.77 -34.37 -1.40
N PHE C 126 -35.09 -34.39 -1.62
CA PHE C 126 -35.74 -35.56 -2.24
C PHE C 126 -35.61 -35.55 -3.74
N ASP C 127 -35.09 -36.66 -4.26
CA ASP C 127 -34.94 -36.85 -5.70
C ASP C 127 -36.29 -37.20 -6.27
N LEU C 128 -36.95 -36.23 -6.90
CA LEU C 128 -38.31 -36.43 -7.38
C LEU C 128 -38.39 -37.42 -8.51
N ASP C 129 -37.24 -37.80 -9.06
CA ASP C 129 -37.18 -38.81 -10.11
C ASP C 129 -37.49 -40.19 -9.59
N SER C 130 -37.07 -40.46 -8.37
CA SER C 130 -37.20 -41.78 -7.79
C SER C 130 -38.66 -42.07 -7.46
N VAL C 131 -39.51 -41.06 -7.60
CA VAL C 131 -40.88 -41.10 -7.13
C VAL C 131 -41.83 -40.70 -8.26
N ARG C 132 -41.26 -40.27 -9.38
CA ARG C 132 -42.01 -39.82 -10.54
C ARG C 132 -43.03 -40.85 -11.03
N GLY C 133 -42.77 -42.13 -10.77
CA GLY C 133 -43.66 -43.19 -11.20
C GLY C 133 -45.05 -43.10 -10.60
N TYR C 134 -45.13 -42.90 -9.30
CA TYR C 134 -46.41 -42.74 -8.61
C TYR C 134 -47.16 -41.50 -9.13
N SER C 135 -46.72 -40.92 -10.22
CA SER C 135 -47.26 -39.64 -10.66
C SER C 135 -48.75 -39.65 -10.97
N ASN C 136 -49.21 -40.60 -11.77
CA ASN C 136 -50.62 -40.67 -12.09
C ASN C 136 -51.45 -41.01 -10.86
N GLU C 137 -51.02 -42.01 -10.11
CA GLU C 137 -51.74 -42.42 -8.92
C GLU C 137 -52.00 -41.23 -8.01
N TRP C 138 -50.99 -40.39 -7.84
CA TRP C 138 -51.07 -39.26 -6.92
C TRP C 138 -51.87 -38.09 -7.47
N LYS C 139 -51.80 -37.87 -8.79
CA LYS C 139 -52.57 -36.81 -9.41
C LYS C 139 -54.06 -37.10 -9.20
N GLY C 140 -54.43 -38.35 -9.42
CA GLY C 140 -55.80 -38.80 -9.15
C GLY C 140 -56.19 -38.59 -7.70
N ASP C 141 -55.38 -39.12 -6.79
CA ASP C 141 -55.65 -38.97 -5.36
C ASP C 141 -55.92 -37.52 -5.01
N LEU C 142 -55.05 -36.63 -5.48
CA LEU C 142 -55.15 -35.22 -5.14
C LEU C 142 -56.50 -34.65 -5.58
N TRP C 143 -56.91 -34.99 -6.79
CA TRP C 143 -58.16 -34.49 -7.37
C TRP C 143 -59.40 -35.00 -6.64
N SER C 144 -59.34 -36.22 -6.14
CA SER C 144 -60.45 -36.80 -5.39
C SER C 144 -60.27 -36.71 -3.89
N LEU C 145 -59.58 -35.67 -3.43
CA LEU C 145 -59.46 -35.36 -2.00
C LEU C 145 -59.66 -33.89 -1.78
N VAL C 146 -59.14 -33.10 -2.71
CA VAL C 146 -59.12 -31.66 -2.54
C VAL C 146 -59.56 -31.04 -3.86
N GLY C 147 -59.84 -31.90 -4.84
CA GLY C 147 -60.31 -31.43 -6.13
C GLY C 147 -59.37 -30.43 -6.79
N ILE C 148 -58.10 -30.78 -6.78
CA ILE C 148 -57.08 -30.00 -7.46
C ILE C 148 -56.81 -30.63 -8.82
N PRO C 149 -57.10 -29.89 -9.90
CA PRO C 149 -56.81 -30.38 -11.25
C PRO C 149 -55.30 -30.36 -11.48
N SER C 150 -54.84 -31.04 -12.51
CA SER C 150 -53.41 -31.00 -12.86
C SER C 150 -53.14 -31.33 -14.32
N PRO C 151 -53.19 -30.32 -15.20
CA PRO C 151 -52.83 -30.53 -16.60
C PRO C 151 -51.42 -31.09 -16.71
N GLU C 152 -51.21 -31.99 -17.67
CA GLU C 152 -49.93 -32.69 -17.79
C GLU C 152 -48.86 -31.87 -18.50
N ASN C 153 -49.24 -30.72 -19.05
CA ASN C 153 -48.27 -29.84 -19.69
C ASN C 153 -47.69 -28.81 -18.71
N ASP C 154 -47.97 -29.02 -17.42
CA ASP C 154 -47.49 -28.12 -16.37
C ASP C 154 -46.46 -28.82 -15.51
N PHE C 155 -45.20 -28.75 -15.92
CA PHE C 155 -44.13 -29.46 -15.24
C PHE C 155 -43.87 -28.97 -13.83
N GLU C 156 -44.27 -27.72 -13.55
CA GLU C 156 -44.03 -27.13 -12.25
C GLU C 156 -44.97 -27.65 -11.17
N THR C 157 -46.24 -27.89 -11.51
CA THR C 157 -47.15 -28.50 -10.54
C THR C 157 -47.02 -30.02 -10.51
N ASN C 158 -46.69 -30.64 -11.63
CA ASN C 158 -46.29 -32.04 -11.60
C ASN C 158 -45.27 -32.20 -10.48
N ASP C 159 -44.18 -31.44 -10.56
CA ASP C 159 -43.13 -31.47 -9.55
C ASP C 159 -43.61 -31.09 -8.16
N ALA C 160 -44.58 -30.18 -8.08
CA ALA C 160 -45.07 -29.76 -6.76
C ALA C 160 -45.91 -30.86 -6.11
N ILE C 161 -46.63 -31.63 -6.91
CA ILE C 161 -47.37 -32.78 -6.40
C ILE C 161 -46.41 -33.87 -5.94
N LEU C 162 -45.49 -34.28 -6.80
CA LEU C 162 -44.47 -35.23 -6.36
C LEU C 162 -43.85 -34.83 -5.03
N LEU C 163 -43.48 -33.55 -4.91
CA LEU C 163 -42.82 -33.08 -3.69
C LEU C 163 -43.75 -33.11 -2.47
N GLY C 164 -44.98 -32.68 -2.66
CA GLY C 164 -45.96 -32.66 -1.58
C GLY C 164 -46.23 -34.06 -1.09
N TYR C 165 -46.45 -34.99 -2.01
CA TYR C 165 -46.71 -36.37 -1.62
C TYR C 165 -45.51 -36.99 -0.89
N THR C 166 -44.30 -36.73 -1.36
CA THR C 166 -43.15 -37.30 -0.69
C THR C 166 -42.97 -36.75 0.74
N VAL C 167 -42.96 -35.43 0.86
CA VAL C 167 -42.80 -34.73 2.13
C VAL C 167 -43.88 -35.06 3.15
N ALA C 168 -45.13 -35.17 2.70
CA ALA C 168 -46.22 -35.57 3.57
C ALA C 168 -45.93 -36.99 4.06
N TRP C 169 -45.62 -37.85 3.10
CA TRP C 169 -45.19 -39.23 3.32
C TRP C 169 -44.03 -39.38 4.34
N PHE C 170 -43.06 -38.48 4.27
CA PHE C 170 -41.89 -38.49 5.14
C PHE C 170 -42.25 -37.99 6.53
N LEU C 171 -43.15 -37.02 6.59
CA LEU C 171 -43.58 -36.45 7.87
C LEU C 171 -44.46 -37.45 8.57
N GLY C 172 -45.16 -38.27 7.79
CA GLY C 172 -45.95 -39.36 8.32
C GLY C 172 -45.07 -40.35 9.07
N GLU C 173 -43.99 -40.78 8.42
CA GLU C 173 -43.02 -41.66 9.03
C GLU C 173 -42.42 -41.10 10.30
N VAL C 174 -42.22 -39.80 10.35
CA VAL C 174 -41.61 -39.18 11.52
C VAL C 174 -42.59 -39.11 12.68
N ALA C 175 -43.83 -38.74 12.40
CA ALA C 175 -44.85 -38.66 13.42
C ALA C 175 -45.10 -40.05 13.97
N HIS C 176 -44.81 -41.05 13.15
CA HIS C 176 -44.98 -42.44 13.54
C HIS C 176 -43.81 -42.93 14.41
N LEU C 177 -42.58 -42.69 13.97
CA LEU C 177 -41.42 -43.27 14.65
C LEU C 177 -41.03 -42.48 15.87
N ASP C 178 -41.30 -41.18 15.85
CA ASP C 178 -40.91 -40.31 16.96
C ASP C 178 -42.13 -40.04 17.84
N SER C 179 -42.00 -40.29 19.14
CA SER C 179 -43.13 -40.10 20.04
C SER C 179 -42.84 -39.17 21.21
N GLN C 180 -41.63 -38.61 21.22
CA GLN C 180 -41.19 -37.70 22.26
C GLN C 180 -41.43 -36.22 21.93
N HIS C 181 -41.03 -35.81 20.73
CA HIS C 181 -41.11 -34.41 20.28
C HIS C 181 -42.42 -34.09 19.58
N ALA C 182 -42.94 -32.89 19.80
CA ALA C 182 -43.99 -32.37 18.93
C ALA C 182 -43.30 -31.99 17.62
N ILE C 183 -44.03 -32.02 16.52
CA ILE C 183 -43.43 -31.74 15.21
C ILE C 183 -44.14 -30.60 14.50
N VAL C 184 -43.39 -29.53 14.27
CA VAL C 184 -43.93 -28.38 13.55
C VAL C 184 -43.30 -28.32 12.15
N ALA C 185 -44.14 -28.32 11.12
CA ALA C 185 -43.68 -28.29 9.74
C ALA C 185 -44.10 -26.98 9.04
N HIS C 186 -43.11 -26.23 8.59
CA HIS C 186 -43.30 -24.93 7.97
C HIS C 186 -43.16 -25.00 6.45
N PHE C 187 -44.17 -24.50 5.71
CA PHE C 187 -44.14 -24.55 4.24
C PHE C 187 -44.14 -23.17 3.62
N HIS C 188 -43.23 -22.95 2.66
CA HIS C 188 -43.12 -21.67 1.99
C HIS C 188 -43.58 -21.74 0.53
N GLU C 189 -44.61 -20.97 0.22
CA GLU C 189 -45.08 -20.79 -1.16
C GLU C 189 -45.77 -22.02 -1.76
N TRP C 190 -46.67 -21.79 -2.71
CA TRP C 190 -47.56 -22.84 -3.18
C TRP C 190 -46.87 -24.07 -3.76
N LEU C 191 -45.74 -23.89 -4.44
CA LEU C 191 -45.02 -25.01 -5.04
C LEU C 191 -44.52 -26.01 -4.01
N ALA C 192 -44.50 -25.62 -2.73
CA ALA C 192 -44.20 -26.56 -1.66
C ALA C 192 -45.42 -26.65 -0.75
N GLY C 193 -46.60 -26.45 -1.33
CA GLY C 193 -47.82 -26.40 -0.55
C GLY C 193 -48.71 -27.62 -0.61
N VAL C 194 -48.50 -28.50 -1.58
CA VAL C 194 -49.34 -29.67 -1.72
C VAL C 194 -49.35 -30.56 -0.47
N ALA C 195 -48.22 -30.61 0.24
CA ALA C 195 -48.14 -31.45 1.44
C ALA C 195 -49.17 -31.07 2.52
N LEU C 196 -49.59 -29.80 2.54
CA LEU C 196 -50.55 -29.32 3.53
C LEU C 196 -51.91 -30.02 3.49
N PRO C 197 -52.63 -29.93 2.36
CA PRO C 197 -53.94 -30.60 2.30
C PRO C 197 -53.85 -32.07 2.71
N LEU C 198 -52.75 -32.72 2.34
CA LEU C 198 -52.57 -34.12 2.69
C LEU C 198 -52.40 -34.29 4.19
N CYS C 199 -51.64 -33.42 4.82
CA CYS C 199 -51.45 -33.58 6.26
C CYS C 199 -52.75 -33.41 7.04
N ARG C 200 -53.53 -32.40 6.70
CA ARG C 200 -54.79 -32.17 7.38
C ARG C 200 -55.77 -33.31 7.14
N LYS C 201 -55.90 -33.70 5.89
CA LYS C 201 -56.83 -34.75 5.52
C LYS C 201 -56.44 -36.13 6.07
N ARG C 202 -55.14 -36.44 6.11
CA ARG C 202 -54.68 -37.71 6.69
C ARG C 202 -54.49 -37.63 8.20
N ARG C 203 -54.85 -36.50 8.80
CA ARG C 203 -54.75 -36.35 10.25
C ARG C 203 -53.37 -36.68 10.81
N ILE C 204 -52.31 -36.30 10.10
CA ILE C 204 -50.93 -36.54 10.54
C ILE C 204 -50.63 -35.75 11.81
N ASP C 205 -49.90 -36.34 12.75
CA ASP C 205 -49.67 -35.65 14.02
C ASP C 205 -48.52 -34.64 14.00
N VAL C 206 -48.68 -33.61 13.17
CA VAL C 206 -47.77 -32.46 13.16
C VAL C 206 -48.60 -31.20 13.07
N VAL C 207 -48.08 -30.09 13.56
CA VAL C 207 -48.74 -28.81 13.36
C VAL C 207 -48.13 -28.10 12.16
N THR C 208 -48.96 -27.46 11.35
CA THR C 208 -48.50 -26.90 10.08
C THR C 208 -48.65 -25.39 9.94
N ILE C 209 -47.63 -24.79 9.33
CA ILE C 209 -47.59 -23.37 9.01
C ILE C 209 -47.36 -23.22 7.51
N PHE C 210 -48.20 -22.43 6.84
CA PHE C 210 -47.94 -22.09 5.45
C PHE C 210 -47.62 -20.59 5.38
N THR C 211 -46.60 -20.23 4.62
CA THR C 211 -46.33 -18.80 4.40
C THR C 211 -46.29 -18.50 2.92
N THR C 212 -47.04 -17.50 2.50
CA THR C 212 -47.07 -17.13 1.10
C THR C 212 -46.33 -15.80 0.94
N HIS C 213 -45.40 -15.74 -0.02
CA HIS C 213 -44.54 -14.57 -0.20
C HIS C 213 -45.03 -13.66 -1.31
N ALA C 214 -46.32 -13.76 -1.60
CA ALA C 214 -46.95 -13.16 -2.78
C ALA C 214 -48.15 -14.02 -3.05
N THR C 215 -49.01 -13.61 -3.99
CA THR C 215 -50.11 -14.48 -4.36
C THR C 215 -50.17 -14.62 -5.86
N LEU C 216 -50.40 -15.83 -6.36
CA LEU C 216 -50.54 -16.03 -7.80
C LEU C 216 -51.34 -14.90 -8.42
N LEU C 217 -52.59 -14.74 -7.99
CA LEU C 217 -53.44 -13.70 -8.55
C LEU C 217 -52.85 -12.30 -8.45
N GLY C 218 -52.32 -11.95 -7.28
CA GLY C 218 -51.59 -10.71 -7.15
C GLY C 218 -50.67 -10.46 -8.35
N ARG C 219 -49.67 -11.32 -8.54
CA ARG C 219 -48.67 -11.12 -9.58
C ARG C 219 -49.26 -11.06 -10.98
N TYR C 220 -50.27 -11.88 -11.24
CA TYR C 220 -50.87 -11.91 -12.59
C TYR C 220 -51.72 -10.68 -12.88
N LEU C 221 -52.49 -10.24 -11.89
CA LEU C 221 -53.38 -9.10 -12.09
C LEU C 221 -52.62 -7.81 -12.42
N CYS C 222 -51.45 -7.64 -11.82
CA CYS C 222 -50.64 -6.44 -11.99
C CYS C 222 -49.66 -6.52 -13.15
N ALA C 223 -49.61 -7.66 -13.83
CA ALA C 223 -48.62 -7.86 -14.88
C ALA C 223 -48.97 -7.09 -16.17
N SER C 224 -49.97 -6.22 -16.09
CA SER C 224 -50.41 -5.44 -17.26
C SER C 224 -50.22 -3.91 -17.10
N GLY C 225 -50.69 -3.36 -15.99
CA GLY C 225 -50.64 -1.92 -15.76
C GLY C 225 -51.99 -1.33 -15.39
N ASP C 228 -55.12 -1.90 -12.71
CA ASP C 228 -55.24 -1.42 -11.33
C ASP C 228 -55.25 -2.62 -10.39
N PHE C 229 -54.96 -2.36 -9.12
CA PHE C 229 -54.93 -3.43 -8.12
C PHE C 229 -55.59 -3.03 -6.79
N TYR C 230 -54.86 -2.24 -6.00
CA TYR C 230 -55.14 -2.11 -4.58
C TYR C 230 -56.52 -1.56 -4.23
N ASN C 231 -57.28 -1.21 -5.26
CA ASN C 231 -58.62 -0.72 -5.05
C ASN C 231 -59.65 -1.81 -5.32
N CYS C 232 -59.73 -2.26 -6.57
CA CYS C 232 -60.79 -3.20 -6.95
C CYS C 232 -60.38 -4.68 -6.91
N LEU C 233 -59.43 -5.02 -6.04
CA LEU C 233 -59.10 -6.42 -5.83
C LEU C 233 -60.15 -7.03 -4.91
N GLU C 234 -60.66 -6.22 -3.98
CA GLU C 234 -61.63 -6.71 -3.01
C GLU C 234 -62.94 -7.13 -3.66
N SER C 235 -63.04 -6.97 -4.98
CA SER C 235 -64.28 -7.29 -5.69
C SER C 235 -64.01 -7.96 -7.04
N VAL C 236 -63.04 -8.87 -7.07
CA VAL C 236 -62.79 -9.65 -8.27
C VAL C 236 -63.14 -11.12 -8.05
N ASP C 237 -63.68 -11.75 -9.09
CA ASP C 237 -64.03 -13.15 -9.02
C ASP C 237 -62.78 -14.02 -9.22
N VAL C 238 -62.28 -14.58 -8.11
CA VAL C 238 -61.04 -15.35 -8.15
C VAL C 238 -61.12 -16.57 -9.05
N ASP C 239 -62.13 -17.40 -8.84
CA ASP C 239 -62.34 -18.57 -9.68
C ASP C 239 -62.33 -18.19 -11.16
N HIS C 240 -62.86 -17.01 -11.48
CA HIS C 240 -62.96 -16.58 -12.88
C HIS C 240 -61.66 -15.99 -13.39
N GLU C 241 -61.05 -15.12 -12.59
CA GLU C 241 -59.81 -14.47 -12.98
C GLU C 241 -58.67 -15.48 -13.13
N ALA C 242 -58.60 -16.43 -12.21
CA ALA C 242 -57.60 -17.48 -12.27
C ALA C 242 -57.84 -18.37 -13.52
N GLY C 243 -59.10 -18.51 -13.92
CA GLY C 243 -59.41 -19.20 -15.16
C GLY C 243 -58.96 -18.40 -16.37
N ARG C 244 -59.11 -17.09 -16.32
CA ARG C 244 -58.78 -16.23 -17.43
C ARG C 244 -57.28 -16.19 -17.71
N PHE C 245 -56.49 -16.52 -16.69
CA PHE C 245 -55.03 -16.53 -16.82
C PHE C 245 -54.46 -17.94 -17.04
N GLY C 246 -55.28 -18.97 -16.87
CA GLY C 246 -54.85 -20.34 -17.05
C GLY C 246 -54.07 -20.80 -15.83
N ILE C 247 -54.49 -20.31 -14.69
CA ILE C 247 -53.77 -20.49 -13.45
C ILE C 247 -54.60 -21.34 -12.49
N TYR C 248 -55.80 -21.71 -12.90
CA TYR C 248 -56.77 -22.25 -11.96
C TYR C 248 -56.19 -23.34 -11.06
N HIS C 249 -55.56 -24.36 -11.67
CA HIS C 249 -55.01 -25.49 -10.93
C HIS C 249 -53.91 -25.04 -9.98
N ARG C 250 -53.08 -24.10 -10.42
CA ARG C 250 -52.08 -23.52 -9.55
C ARG C 250 -52.74 -22.77 -8.41
N TYR C 251 -53.81 -22.05 -8.72
CA TYR C 251 -54.52 -21.25 -7.72
C TYR C 251 -55.19 -22.13 -6.64
N CYS C 252 -55.77 -23.26 -7.07
CA CYS C 252 -56.31 -24.21 -6.11
C CYS C 252 -55.23 -24.63 -5.13
N ILE C 253 -54.07 -25.03 -5.64
CA ILE C 253 -52.95 -25.38 -4.77
C ILE C 253 -52.63 -24.29 -3.76
N GLU C 254 -52.54 -23.04 -4.19
CA GLU C 254 -52.21 -21.97 -3.25
C GLU C 254 -53.32 -21.86 -2.20
N ARG C 255 -54.57 -21.92 -2.67
CA ARG C 255 -55.71 -21.82 -1.77
C ARG C 255 -55.78 -22.99 -0.79
N ALA C 256 -55.62 -24.20 -1.32
CA ALA C 256 -55.67 -25.39 -0.49
C ALA C 256 -54.60 -25.30 0.59
N ALA C 257 -53.41 -24.84 0.21
CA ALA C 257 -52.34 -24.68 1.17
C ALA C 257 -52.74 -23.71 2.27
N ALA C 258 -53.32 -22.58 1.90
CA ALA C 258 -53.62 -21.54 2.87
C ALA C 258 -54.70 -21.97 3.82
N HIS C 259 -55.61 -22.81 3.34
CA HIS C 259 -56.73 -23.26 4.18
C HIS C 259 -56.41 -24.47 5.04
N SER C 260 -55.56 -25.36 4.53
CA SER C 260 -55.28 -26.61 5.22
C SER C 260 -54.23 -26.43 6.29
N ALA C 261 -53.66 -25.23 6.38
CA ALA C 261 -52.58 -25.02 7.33
C ALA C 261 -53.10 -24.49 8.66
N ASP C 262 -52.59 -25.05 9.76
CA ASP C 262 -52.96 -24.60 11.10
C ASP C 262 -52.74 -23.10 11.30
N VAL C 263 -51.66 -22.58 10.71
CA VAL C 263 -51.32 -21.16 10.78
C VAL C 263 -50.99 -20.59 9.40
N PHE C 264 -51.77 -19.61 8.96
CA PHE C 264 -51.54 -18.98 7.66
C PHE C 264 -50.84 -17.65 7.88
N THR C 265 -49.75 -17.39 7.15
CA THR C 265 -49.01 -16.14 7.30
C THR C 265 -48.57 -15.57 5.94
N THR C 266 -48.15 -14.31 5.92
CA THR C 266 -47.51 -13.75 4.72
C THR C 266 -46.31 -12.93 5.16
N VAL C 267 -45.49 -12.47 4.21
CA VAL C 267 -44.27 -11.73 4.55
C VAL C 267 -44.50 -10.29 5.00
N SER C 268 -45.61 -9.70 4.55
CA SER C 268 -45.80 -8.27 4.70
C SER C 268 -47.25 -7.98 5.02
N GLN C 269 -47.50 -6.82 5.63
CA GLN C 269 -48.88 -6.41 5.91
C GLN C 269 -49.68 -6.22 4.63
N ILE C 270 -49.07 -5.55 3.66
CA ILE C 270 -49.73 -5.26 2.38
C ILE C 270 -50.18 -6.57 1.70
N THR C 271 -49.33 -7.59 1.75
CA THR C 271 -49.66 -8.86 1.11
C THR C 271 -50.72 -9.66 1.90
N ALA C 272 -50.76 -9.45 3.22
CA ALA C 272 -51.83 -9.98 4.05
C ALA C 272 -53.17 -9.47 3.55
N PHE C 273 -53.20 -8.20 3.17
CA PHE C 273 -54.43 -7.60 2.65
C PHE C 273 -54.82 -8.29 1.36
N GLU C 274 -53.88 -8.31 0.43
CA GLU C 274 -54.09 -8.96 -0.86
C GLU C 274 -54.50 -10.43 -0.67
N ALA C 275 -53.90 -11.09 0.30
CA ALA C 275 -54.10 -12.54 0.45
C ALA C 275 -55.49 -12.91 0.97
N GLU C 276 -56.01 -12.07 1.87
CA GLU C 276 -57.27 -12.34 2.53
C GLU C 276 -58.44 -12.27 1.57
N HIS C 277 -58.32 -11.42 0.56
CA HIS C 277 -59.41 -11.24 -0.38
C HIS C 277 -59.27 -12.17 -1.57
N LEU C 278 -58.01 -12.47 -1.92
CA LEU C 278 -57.72 -13.33 -3.06
C LEU C 278 -57.62 -14.83 -2.70
N LEU C 279 -57.22 -15.13 -1.47
CA LEU C 279 -57.11 -16.53 -1.03
C LEU C 279 -58.26 -16.92 -0.12
N LYS C 280 -59.03 -15.92 0.31
CA LYS C 280 -60.20 -16.13 1.17
C LYS C 280 -59.83 -16.72 2.53
N ARG C 281 -58.73 -16.27 3.10
CA ARG C 281 -58.43 -16.56 4.51
C ARG C 281 -57.49 -15.52 5.10
N LYS C 282 -57.96 -14.84 6.14
CA LYS C 282 -57.17 -13.80 6.77
C LYS C 282 -55.93 -14.39 7.45
N PRO C 283 -54.74 -13.91 7.08
CA PRO C 283 -53.47 -14.34 7.69
C PRO C 283 -53.51 -14.21 9.20
N ASP C 284 -52.90 -15.14 9.91
CA ASP C 284 -52.92 -15.10 11.36
C ASP C 284 -51.77 -14.24 11.84
N GLY C 285 -50.90 -13.85 10.91
CA GLY C 285 -49.73 -13.06 11.28
C GLY C 285 -48.88 -12.56 10.13
N ILE C 286 -47.76 -11.95 10.47
CA ILE C 286 -46.88 -11.35 9.48
C ILE C 286 -45.45 -11.79 9.74
N LEU C 287 -44.80 -12.32 8.71
CA LEU C 287 -43.44 -12.83 8.85
C LEU C 287 -42.50 -12.09 7.90
N PRO C 288 -42.03 -10.93 8.33
CA PRO C 288 -41.25 -9.99 7.50
C PRO C 288 -39.80 -10.41 7.39
N ASN C 289 -39.15 -10.09 6.27
CA ASN C 289 -37.82 -10.61 5.97
C ASN C 289 -36.67 -9.82 6.58
N GLY C 290 -36.03 -10.39 7.58
CA GLY C 290 -34.82 -9.78 8.13
C GLY C 290 -33.63 -10.13 7.26
N LEU C 291 -32.45 -9.65 7.65
CA LEU C 291 -31.20 -10.00 6.97
C LEU C 291 -30.16 -10.37 8.00
N ASN C 292 -29.00 -10.81 7.54
CA ASN C 292 -27.90 -11.06 8.44
C ASN C 292 -27.01 -9.83 8.48
N VAL C 293 -27.53 -8.77 9.10
CA VAL C 293 -26.90 -7.45 9.11
C VAL C 293 -25.38 -7.45 9.28
N ILE C 294 -24.85 -8.42 10.01
CA ILE C 294 -23.39 -8.52 10.21
C ILE C 294 -22.63 -8.68 8.90
N LYS C 295 -23.26 -9.33 7.93
CA LYS C 295 -22.64 -9.62 6.63
C LYS C 295 -22.44 -8.37 5.76
N PHE C 296 -23.02 -7.26 6.19
CA PHE C 296 -22.84 -5.96 5.53
C PHE C 296 -21.78 -5.13 6.25
N GLN C 297 -22.12 -4.65 7.44
CA GLN C 297 -21.19 -3.88 8.27
C GLN C 297 -20.20 -4.79 9.01
N ASN C 304 -14.38 4.86 6.99
CA ASN C 304 -15.29 5.99 6.72
C ASN C 304 -16.12 5.90 5.43
N LEU C 305 -16.15 4.67 4.89
CA LEU C 305 -16.89 4.22 3.68
C LEU C 305 -17.60 5.19 2.71
N HIS C 306 -18.73 5.75 3.13
CA HIS C 306 -19.54 6.54 2.21
C HIS C 306 -18.80 7.57 1.36
N ALA C 307 -17.75 8.17 1.92
CA ALA C 307 -16.98 9.15 1.15
C ALA C 307 -15.95 8.46 0.28
N LEU C 308 -15.30 7.44 0.83
CA LEU C 308 -14.29 6.66 0.10
C LEU C 308 -14.86 6.08 -1.19
N LYS C 309 -16.13 5.66 -1.13
CA LYS C 309 -16.84 5.07 -2.26
C LYS C 309 -17.40 6.12 -3.22
N LYS C 310 -17.98 7.18 -2.66
CA LYS C 310 -18.48 8.29 -3.46
C LYS C 310 -17.39 8.77 -4.39
N GLU C 311 -16.15 8.67 -3.95
CA GLU C 311 -15.04 9.08 -4.81
C GLU C 311 -14.91 8.21 -6.06
N LYS C 312 -15.31 6.96 -5.96
CA LYS C 312 -15.31 6.10 -7.14
C LYS C 312 -16.45 6.49 -8.09
N ILE C 313 -17.59 6.88 -7.53
CA ILE C 313 -18.70 7.38 -8.33
C ILE C 313 -18.33 8.71 -8.94
N ASN C 314 -17.54 9.50 -8.22
CA ASN C 314 -17.04 10.76 -8.77
C ASN C 314 -16.21 10.52 -10.04
N ASP C 315 -15.30 9.56 -9.97
CA ASP C 315 -14.42 9.25 -11.11
C ASP C 315 -15.19 8.86 -12.36
N PHE C 316 -16.33 8.18 -12.19
CA PHE C 316 -17.12 7.80 -13.34
C PHE C 316 -17.81 9.01 -13.93
N VAL C 317 -18.47 9.78 -13.06
CA VAL C 317 -19.19 10.97 -13.49
C VAL C 317 -18.31 11.93 -14.26
N ARG C 318 -17.01 11.97 -13.96
CA ARG C 318 -16.12 12.84 -14.71
C ARG C 318 -15.86 12.30 -16.10
N GLY C 319 -15.43 11.05 -16.19
CA GLY C 319 -15.25 10.41 -17.49
C GLY C 319 -16.51 10.34 -18.32
N HIS C 320 -17.66 10.59 -17.70
CA HIS C 320 -18.91 10.51 -18.43
C HIS C 320 -19.43 11.87 -18.90
N PHE C 321 -19.08 12.93 -18.19
CA PHE C 321 -19.43 14.27 -18.60
C PHE C 321 -18.21 15.01 -19.15
N HIS C 322 -17.13 14.26 -19.38
CA HIS C 322 -15.92 14.82 -19.97
C HIS C 322 -16.28 15.68 -21.17
N GLY C 323 -15.66 16.85 -21.27
CA GLY C 323 -15.89 17.71 -22.42
C GLY C 323 -16.90 18.80 -22.14
N CYS C 324 -17.84 18.51 -21.25
CA CYS C 324 -18.83 19.51 -20.85
C CYS C 324 -19.18 19.35 -19.38
N PHE C 325 -18.15 19.45 -18.54
CA PHE C 325 -18.33 19.23 -17.12
C PHE C 325 -18.55 20.57 -16.40
N ASP C 326 -19.80 21.00 -16.36
CA ASP C 326 -20.18 22.37 -16.00
C ASP C 326 -20.78 22.53 -14.61
N PHE C 327 -20.70 21.50 -13.76
CA PHE C 327 -21.28 21.58 -12.41
C PHE C 327 -20.28 21.18 -11.33
N ASP C 328 -20.66 21.35 -10.06
CA ASP C 328 -19.73 21.15 -8.94
C ASP C 328 -20.01 19.87 -8.15
N LEU C 329 -19.03 18.98 -8.09
CA LEU C 329 -19.23 17.70 -7.43
C LEU C 329 -19.48 17.78 -5.92
N ASP C 330 -19.05 18.88 -5.30
CA ASP C 330 -19.30 19.10 -3.87
C ASP C 330 -20.71 19.60 -3.66
N ASN C 331 -21.43 19.76 -4.76
CA ASN C 331 -22.80 20.23 -4.71
C ASN C 331 -23.74 19.42 -5.62
N THR C 332 -23.38 18.15 -5.82
CA THR C 332 -24.27 17.20 -6.48
C THR C 332 -24.66 16.08 -5.54
N LEU C 333 -25.87 15.58 -5.72
CA LEU C 333 -26.34 14.42 -4.98
C LEU C 333 -26.50 13.28 -5.97
N TYR C 334 -26.30 12.05 -5.50
CA TYR C 334 -26.48 10.88 -6.33
C TYR C 334 -27.73 10.13 -5.92
N PHE C 335 -28.72 10.13 -6.79
CA PHE C 335 -29.89 9.26 -6.64
C PHE C 335 -29.71 7.98 -7.47
N PHE C 336 -30.31 6.89 -7.00
CA PHE C 336 -30.33 5.65 -7.77
C PHE C 336 -31.58 4.82 -7.47
N ILE C 337 -32.10 4.19 -8.52
CA ILE C 337 -33.04 3.09 -8.37
C ILE C 337 -32.26 1.88 -8.84
N ALA C 338 -32.63 0.71 -8.35
CA ALA C 338 -31.96 -0.52 -8.76
C ALA C 338 -32.87 -1.72 -8.59
N GLY C 339 -32.44 -2.87 -9.09
CA GLY C 339 -33.19 -4.10 -8.91
C GLY C 339 -33.73 -4.63 -10.22
N ARG C 340 -34.44 -5.75 -10.15
CA ARG C 340 -34.98 -6.40 -11.34
C ARG C 340 -35.60 -5.39 -12.28
N TYR C 341 -35.42 -5.60 -13.58
CA TYR C 341 -36.02 -4.74 -14.59
C TYR C 341 -37.52 -4.96 -14.76
N GLU C 342 -38.30 -4.56 -13.76
CA GLU C 342 -39.75 -4.60 -13.90
C GLU C 342 -40.27 -3.18 -14.00
N TYR C 343 -40.34 -2.69 -15.24
CA TYR C 343 -40.70 -1.31 -15.50
C TYR C 343 -41.84 -0.78 -14.61
N LYS C 344 -43.06 -1.28 -14.86
CA LYS C 344 -44.25 -0.80 -14.15
C LYS C 344 -44.20 -1.08 -12.64
N ASN C 345 -43.98 -2.36 -12.30
CA ASN C 345 -44.07 -2.86 -10.91
C ASN C 345 -43.01 -2.31 -9.94
N LYS C 346 -41.76 -2.25 -10.39
CA LYS C 346 -40.69 -1.67 -9.59
C LYS C 346 -40.74 -0.15 -9.64
N GLY C 347 -41.57 0.37 -10.53
CA GLY C 347 -41.86 1.80 -10.61
C GLY C 347 -40.79 2.71 -11.21
N ALA C 348 -40.15 2.23 -12.28
CA ALA C 348 -39.13 3.02 -12.95
C ALA C 348 -39.82 4.19 -13.61
N ASP C 349 -41.05 3.95 -14.09
CA ASP C 349 -41.86 4.98 -14.72
C ASP C 349 -41.98 6.20 -13.81
N MET C 350 -42.51 6.02 -12.60
CA MET C 350 -42.63 7.12 -11.65
C MET C 350 -41.30 7.80 -11.36
N PHE C 351 -40.25 7.00 -11.23
CA PHE C 351 -38.94 7.54 -10.90
C PHE C 351 -38.46 8.49 -11.99
N ILE C 352 -38.62 8.08 -13.24
CA ILE C 352 -38.13 8.87 -14.36
C ILE C 352 -38.98 10.10 -14.55
N GLU C 353 -40.29 9.93 -14.39
CA GLU C 353 -41.20 11.07 -14.47
C GLU C 353 -40.95 12.06 -13.34
N ALA C 354 -40.99 11.57 -12.10
CA ALA C 354 -40.82 12.43 -10.92
C ALA C 354 -39.48 13.16 -10.91
N LEU C 355 -38.50 12.62 -11.63
CA LEU C 355 -37.22 13.28 -11.80
C LEU C 355 -37.36 14.46 -12.76
N ALA C 356 -37.93 14.22 -13.93
CA ALA C 356 -38.21 15.30 -14.88
C ALA C 356 -38.88 16.45 -14.15
N ARG C 357 -39.95 16.13 -13.42
CA ARG C 357 -40.66 17.14 -12.64
C ARG C 357 -39.79 17.80 -11.56
N LEU C 358 -38.80 17.09 -11.04
CA LEU C 358 -37.88 17.66 -10.04
C LEU C 358 -36.83 18.55 -10.74
N ASN C 359 -36.66 18.32 -12.03
CA ASN C 359 -35.79 19.14 -12.87
C ASN C 359 -36.46 20.49 -13.08
N TYR C 360 -37.73 20.45 -13.50
CA TYR C 360 -38.53 21.66 -13.64
C TYR C 360 -38.45 22.49 -12.38
N ARG C 361 -38.93 21.93 -11.28
CA ARG C 361 -38.89 22.64 -10.00
C ARG C 361 -37.54 23.27 -9.69
N LEU C 362 -36.46 22.64 -10.15
CA LEU C 362 -35.11 23.07 -9.80
C LEU C 362 -34.55 24.16 -10.72
N LYS C 363 -34.99 24.16 -11.98
CA LYS C 363 -34.63 25.22 -12.91
C LYS C 363 -35.40 26.48 -12.54
N VAL C 364 -36.68 26.31 -12.20
CA VAL C 364 -37.55 27.39 -11.73
C VAL C 364 -37.06 28.00 -10.42
N SER C 365 -36.96 27.19 -9.38
CA SER C 365 -36.40 27.68 -8.12
C SER C 365 -34.94 28.08 -8.30
N GLY C 366 -34.44 27.95 -9.53
CA GLY C 366 -33.07 28.34 -9.86
C GLY C 366 -32.03 27.81 -8.89
N SER C 367 -32.11 26.51 -8.60
CA SER C 367 -31.28 25.89 -7.58
C SER C 367 -29.84 25.72 -8.02
N LYS C 368 -28.95 25.65 -7.04
CA LYS C 368 -27.51 25.60 -7.28
C LYS C 368 -26.99 24.16 -7.38
N LYS C 369 -27.83 23.21 -7.01
CA LYS C 369 -27.41 21.82 -6.87
C LYS C 369 -27.65 21.00 -8.12
N THR C 370 -27.01 19.83 -8.18
CA THR C 370 -27.17 18.90 -9.29
C THR C 370 -27.43 17.48 -8.80
N VAL C 371 -28.50 16.87 -9.28
CA VAL C 371 -28.79 15.47 -8.99
C VAL C 371 -28.38 14.57 -10.16
N VAL C 372 -27.41 13.69 -9.95
CA VAL C 372 -27.11 12.67 -10.96
C VAL C 372 -27.89 11.41 -10.61
N ALA C 373 -28.74 10.97 -11.52
CA ALA C 373 -29.64 9.87 -11.23
C ALA C 373 -29.24 8.61 -12.00
N PHE C 374 -29.01 7.54 -11.26
CA PHE C 374 -28.64 6.24 -11.84
C PHE C 374 -29.83 5.29 -11.88
N ILE C 375 -30.10 4.71 -13.04
CA ILE C 375 -31.00 3.56 -13.11
C ILE C 375 -30.17 2.30 -13.35
N VAL C 376 -30.06 1.47 -12.31
CA VAL C 376 -29.33 0.22 -12.40
C VAL C 376 -30.32 -0.94 -12.46
N MET C 377 -30.81 -1.19 -13.68
CA MET C 377 -31.72 -2.29 -13.94
C MET C 377 -31.25 -3.11 -15.14
N PRO C 378 -30.77 -4.33 -14.88
CA PRO C 378 -30.16 -5.13 -15.95
C PRO C 378 -31.13 -5.36 -17.10
N ALA C 379 -30.66 -5.10 -18.32
CA ALA C 379 -31.43 -5.33 -19.54
C ALA C 379 -30.58 -6.08 -20.59
N LYS C 380 -31.18 -6.44 -21.72
CA LYS C 380 -30.45 -7.09 -22.78
C LYS C 380 -29.60 -6.07 -23.52
N ASN C 381 -28.27 -6.26 -23.46
CA ASN C 381 -27.34 -5.28 -24.00
C ASN C 381 -26.14 -5.92 -24.68
N ASN C 382 -25.33 -5.09 -25.33
CA ASN C 382 -24.10 -5.55 -26.00
C ASN C 382 -22.82 -4.97 -25.42
N SER C 383 -22.65 -5.08 -24.10
CA SER C 383 -21.52 -4.47 -23.41
C SER C 383 -21.49 -2.95 -23.58
N PHE C 384 -20.42 -2.32 -23.12
CA PHE C 384 -20.36 -0.87 -23.06
C PHE C 384 -20.25 -0.23 -24.45
N THR C 385 -20.80 0.98 -24.59
CA THR C 385 -20.73 1.73 -25.85
C THR C 385 -19.33 2.28 -26.04
N VAL C 386 -18.96 2.52 -27.29
CA VAL C 386 -17.61 3.06 -27.58
C VAL C 386 -17.41 4.47 -27.03
N GLU C 387 -18.46 5.28 -27.14
CA GLU C 387 -18.48 6.61 -26.54
C GLU C 387 -18.22 6.55 -25.03
N ALA C 388 -19.00 5.73 -24.34
CA ALA C 388 -18.90 5.61 -22.89
C ALA C 388 -17.49 5.19 -22.47
N LEU C 389 -16.93 4.21 -23.17
CA LEU C 389 -15.61 3.70 -22.86
C LEU C 389 -14.50 4.73 -23.09
N LYS C 390 -14.63 5.51 -24.16
CA LYS C 390 -13.63 6.52 -24.50
C LYS C 390 -13.50 7.50 -23.35
N GLY C 391 -14.64 8.04 -22.94
CA GLY C 391 -14.72 8.96 -21.81
C GLY C 391 -13.84 8.57 -20.62
N GLN C 392 -14.06 7.36 -20.09
CA GLN C 392 -13.30 6.91 -18.93
C GLN C 392 -11.83 6.77 -19.25
N ALA C 393 -11.51 6.31 -20.45
CA ALA C 393 -10.11 6.12 -20.85
C ALA C 393 -9.32 7.42 -20.83
N GLU C 394 -9.89 8.45 -21.45
CA GLU C 394 -9.20 9.72 -21.59
C GLU C 394 -9.05 10.41 -20.24
N VAL C 395 -10.10 10.36 -19.42
CA VAL C 395 -10.08 10.97 -18.11
C VAL C 395 -9.15 10.20 -17.18
N ARG C 396 -9.04 8.90 -17.42
CA ARG C 396 -8.15 8.06 -16.63
C ARG C 396 -6.71 8.30 -17.07
N ALA C 397 -6.53 8.79 -18.29
CA ALA C 397 -5.20 9.11 -18.79
C ALA C 397 -4.78 10.54 -18.42
N LEU C 398 -5.77 11.38 -18.10
CA LEU C 398 -5.46 12.71 -17.61
C LEU C 398 -4.84 12.52 -16.24
N GLU C 399 -5.54 11.74 -15.41
CA GLU C 399 -5.09 11.46 -14.04
C GLU C 399 -3.67 10.93 -13.98
N ASN C 400 -3.28 10.04 -14.89
CA ASN C 400 -1.90 9.58 -14.90
C ASN C 400 -0.95 10.71 -15.22
N THR C 401 -1.24 11.41 -16.31
CA THR C 401 -0.39 12.47 -16.77
C THR C 401 -0.22 13.53 -15.70
N VAL C 402 -1.32 13.94 -15.06
CA VAL C 402 -1.23 14.93 -13.99
C VAL C 402 -0.33 14.44 -12.87
N HIS C 403 -0.52 13.20 -12.50
CA HIS C 403 0.31 12.56 -11.47
C HIS C 403 1.79 12.58 -11.85
N GLU C 404 2.13 12.08 -13.05
CA GLU C 404 3.51 12.06 -13.54
C GLU C 404 4.07 13.45 -13.51
N VAL C 405 3.32 14.37 -14.11
CA VAL C 405 3.75 15.75 -14.13
C VAL C 405 4.01 16.25 -12.73
N THR C 406 3.06 16.05 -11.79
CA THR C 406 3.29 16.58 -10.46
C THR C 406 4.38 15.88 -9.64
N THR C 407 4.61 14.59 -9.84
CA THR C 407 5.73 14.00 -9.11
C THR C 407 7.03 14.61 -9.60
N SER C 408 7.07 15.01 -10.87
CA SER C 408 8.23 15.71 -11.41
C SER C 408 8.42 17.04 -10.72
N ILE C 409 7.34 17.82 -10.65
CA ILE C 409 7.36 19.10 -9.96
C ILE C 409 7.84 18.88 -8.52
N GLY C 410 7.27 17.88 -7.87
CA GLY C 410 7.73 17.49 -6.56
C GLY C 410 9.24 17.34 -6.46
N LYS C 411 9.84 16.53 -7.33
CA LYS C 411 11.28 16.29 -7.26
C LYS C 411 12.08 17.55 -7.55
N ARG C 412 11.59 18.39 -8.45
CA ARG C 412 12.31 19.63 -8.74
C ARG C 412 12.28 20.65 -7.57
N ILE C 413 11.13 20.77 -6.90
CA ILE C 413 11.02 21.61 -5.72
C ILE C 413 11.86 21.06 -4.57
N PHE C 414 11.86 19.75 -4.38
CA PHE C 414 12.64 19.15 -3.29
C PHE C 414 14.14 19.24 -3.49
N ASP C 415 14.59 19.20 -4.73
CA ASP C 415 16.00 19.20 -4.98
C ASP C 415 16.58 20.61 -4.85
N HIS C 416 15.85 21.60 -5.34
CA HIS C 416 16.21 22.99 -5.14
C HIS C 416 16.37 23.19 -3.65
N ALA C 417 15.33 22.86 -2.89
CA ALA C 417 15.30 23.11 -1.45
C ALA C 417 16.46 22.45 -0.70
N ILE C 418 16.61 21.16 -0.90
CA ILE C 418 17.63 20.40 -0.18
C ILE C 418 19.04 20.93 -0.45
N ARG C 419 19.20 21.66 -1.55
CA ARG C 419 20.49 22.14 -2.02
C ARG C 419 20.84 23.58 -1.55
N TYR C 420 19.83 24.34 -1.16
CA TYR C 420 20.01 25.72 -0.69
C TYR C 420 21.13 25.80 0.34
N PRO C 421 22.06 26.76 0.13
CA PRO C 421 22.07 27.66 -1.03
C PRO C 421 22.49 26.99 -2.35
N GLY C 434 7.23 31.40 -12.25
CA GLY C 434 8.57 30.89 -12.48
C GLY C 434 8.55 29.65 -13.37
N GLU C 435 7.34 29.21 -13.70
CA GLU C 435 7.11 28.02 -14.52
C GLU C 435 7.96 26.82 -14.09
N LEU C 436 7.31 25.90 -13.37
CA LEU C 436 7.94 24.64 -12.92
C LEU C 436 7.60 23.50 -13.87
N LEU C 437 6.51 23.68 -14.63
CA LEU C 437 6.18 22.80 -15.73
C LEU C 437 7.07 23.15 -16.91
N LYS C 438 7.97 22.25 -17.27
CA LYS C 438 8.80 22.47 -18.44
C LYS C 438 7.97 22.18 -19.70
N SER C 439 8.54 22.52 -20.85
CA SER C 439 7.86 22.39 -22.13
C SER C 439 7.38 20.96 -22.35
N SER C 440 8.22 19.99 -22.03
CA SER C 440 7.89 18.60 -22.23
C SER C 440 6.56 18.22 -21.56
N ASP C 441 6.31 18.79 -20.39
CA ASP C 441 5.12 18.47 -19.59
C ASP C 441 3.89 19.20 -20.13
N LYS C 442 4.04 20.50 -20.39
CA LYS C 442 2.97 21.30 -20.98
C LYS C 442 2.38 20.66 -22.23
N VAL C 443 3.23 19.97 -22.97
CA VAL C 443 2.81 19.27 -24.18
C VAL C 443 1.87 18.11 -23.87
N MET C 444 2.35 17.12 -23.13
CA MET C 444 1.51 15.96 -22.86
C MET C 444 0.34 16.37 -21.98
N LEU C 445 0.45 17.50 -21.30
CA LEU C 445 -0.70 18.02 -20.59
C LEU C 445 -1.75 18.54 -21.57
N LYS C 446 -1.32 19.30 -22.56
CA LYS C 446 -2.26 19.86 -23.53
C LYS C 446 -2.98 18.75 -24.26
N ARG C 447 -2.22 17.77 -24.73
CA ARG C 447 -2.82 16.67 -25.46
C ARG C 447 -3.99 16.05 -24.67
N ARG C 448 -3.73 15.73 -23.40
CA ARG C 448 -4.72 15.11 -22.54
C ARG C 448 -5.99 15.96 -22.37
N ILE C 449 -5.82 17.28 -22.27
CA ILE C 449 -6.98 18.15 -22.12
C ILE C 449 -7.82 18.19 -23.39
N LEU C 450 -7.15 18.10 -24.53
CA LEU C 450 -7.83 18.23 -25.82
C LEU C 450 -8.60 16.97 -26.16
N ALA C 451 -8.13 15.83 -25.67
CA ALA C 451 -8.81 14.56 -25.92
C ALA C 451 -10.11 14.44 -25.13
N LEU C 452 -10.43 15.45 -24.32
CA LEU C 452 -11.67 15.45 -23.55
C LEU C 452 -12.76 16.21 -24.27
N ARG C 453 -12.36 16.94 -25.31
CA ARG C 453 -13.29 17.74 -26.09
C ARG C 453 -14.25 16.78 -26.73
N ARG C 454 -15.54 17.09 -26.68
CA ARG C 454 -16.50 16.28 -27.43
C ARG C 454 -17.09 17.00 -28.65
N PRO C 455 -17.30 16.26 -29.75
CA PRO C 455 -17.93 16.70 -31.00
C PRO C 455 -19.12 17.63 -30.74
N GLU C 456 -19.07 18.86 -31.26
CA GLU C 456 -20.10 19.85 -30.99
C GLU C 456 -21.52 19.28 -30.91
N GLY C 457 -22.27 19.72 -29.89
CA GLY C 457 -23.66 19.36 -29.76
C GLY C 457 -23.93 17.92 -29.37
N GLN C 458 -22.85 17.13 -29.23
CA GLN C 458 -22.95 15.78 -28.67
C GLN C 458 -23.06 15.90 -27.16
N LEU C 459 -24.21 15.49 -26.61
CA LEU C 459 -24.42 15.55 -25.17
C LEU C 459 -23.87 14.29 -24.49
N PRO C 460 -23.74 14.32 -23.15
CA PRO C 460 -23.34 13.12 -22.40
C PRO C 460 -24.49 12.10 -22.42
N PRO C 461 -24.20 10.85 -22.84
CA PRO C 461 -25.27 9.88 -23.11
C PRO C 461 -26.12 9.66 -21.88
N ILE C 462 -27.33 9.14 -22.07
CA ILE C 462 -28.20 8.77 -20.96
C ILE C 462 -28.03 7.29 -20.70
N VAL C 463 -27.18 6.64 -21.48
CA VAL C 463 -26.96 5.19 -21.38
C VAL C 463 -25.49 4.85 -21.50
N THR C 464 -25.10 3.74 -20.87
CA THR C 464 -23.72 3.31 -20.83
C THR C 464 -23.48 2.17 -21.81
N HIS C 465 -24.55 1.49 -22.19
CA HIS C 465 -24.44 0.24 -22.94
C HIS C 465 -25.07 0.25 -24.34
N ASN C 466 -24.63 -0.70 -25.16
CA ASN C 466 -25.29 -0.99 -26.41
C ASN C 466 -26.63 -1.70 -26.17
N MET C 467 -27.74 -1.03 -26.52
CA MET C 467 -29.07 -1.59 -26.30
C MET C 467 -29.52 -2.55 -27.41
N VAL C 468 -29.81 -3.79 -27.03
CA VAL C 468 -30.24 -4.80 -28.00
C VAL C 468 -31.72 -4.67 -28.24
N ASP C 469 -32.18 -3.46 -28.52
CA ASP C 469 -33.60 -3.16 -28.74
C ASP C 469 -33.82 -1.69 -28.44
N ASP C 470 -32.89 -0.86 -28.90
CA ASP C 470 -32.86 0.54 -28.53
C ASP C 470 -34.21 1.24 -28.67
N ALA C 471 -34.94 0.94 -29.74
CA ALA C 471 -36.17 1.67 -30.06
C ALA C 471 -37.37 1.33 -29.15
N ASN C 472 -37.44 0.09 -28.68
CA ASN C 472 -38.60 -0.38 -27.92
C ASN C 472 -38.46 -0.21 -26.41
N ASP C 473 -37.21 -0.25 -25.93
CA ASP C 473 -36.95 -0.23 -24.49
C ASP C 473 -37.80 0.78 -23.72
N LEU C 474 -38.52 0.31 -22.72
CA LEU C 474 -39.41 1.16 -21.92
C LEU C 474 -38.65 2.31 -21.22
N ILE C 475 -37.61 1.96 -20.46
CA ILE C 475 -36.80 2.94 -19.73
C ILE C 475 -36.33 4.07 -20.64
N LEU C 476 -35.54 3.72 -21.66
CA LEU C 476 -35.01 4.71 -22.58
C LEU C 476 -36.12 5.61 -23.08
N ASN C 477 -37.18 5.00 -23.63
CA ASN C 477 -38.27 5.77 -24.24
C ASN C 477 -38.95 6.72 -23.26
N LYS C 478 -39.06 6.31 -22.00
CA LYS C 478 -39.70 7.17 -21.03
C LYS C 478 -38.82 8.35 -20.65
N ILE C 479 -37.50 8.18 -20.67
CA ILE C 479 -36.64 9.32 -20.35
C ILE C 479 -36.54 10.21 -21.58
N ARG C 480 -36.69 9.59 -22.74
CA ARG C 480 -36.82 10.31 -24.01
C ARG C 480 -38.09 11.15 -24.05
N GLN C 481 -39.19 10.55 -23.62
CA GLN C 481 -40.49 11.23 -23.60
C GLN C 481 -40.49 12.42 -22.67
N VAL C 482 -39.64 12.40 -21.64
CA VAL C 482 -39.57 13.52 -20.71
C VAL C 482 -38.38 14.43 -21.05
N GLN C 483 -37.67 14.07 -22.11
CA GLN C 483 -36.56 14.87 -22.59
C GLN C 483 -35.55 15.25 -21.50
N LEU C 484 -35.14 14.26 -20.73
CA LEU C 484 -33.98 14.42 -19.86
C LEU C 484 -32.78 13.92 -20.64
N PHE C 485 -32.04 14.84 -21.26
CA PHE C 485 -30.98 14.43 -22.20
C PHE C 485 -29.60 14.85 -21.76
N ASN C 486 -29.49 15.31 -20.51
CA ASN C 486 -28.20 15.66 -19.93
C ASN C 486 -27.55 16.92 -20.51
N SER C 487 -28.39 17.84 -20.99
CA SER C 487 -27.90 19.14 -21.44
C SER C 487 -27.55 20.02 -20.23
N PRO C 488 -26.60 20.95 -20.41
CA PRO C 488 -26.04 21.75 -19.30
C PRO C 488 -27.09 22.48 -18.48
N SER C 489 -28.18 22.91 -19.13
CA SER C 489 -29.27 23.59 -18.44
C SER C 489 -29.93 22.67 -17.40
N ASP C 490 -30.13 21.41 -17.79
CA ASP C 490 -30.75 20.39 -16.95
C ASP C 490 -30.09 20.20 -15.60
N ARG C 491 -30.90 20.28 -14.54
CA ARG C 491 -30.38 20.20 -13.19
C ARG C 491 -30.54 18.80 -12.57
N VAL C 492 -31.08 17.86 -13.34
CA VAL C 492 -30.96 16.46 -12.97
C VAL C 492 -30.40 15.71 -14.17
N LYS C 493 -29.29 15.01 -13.95
CA LYS C 493 -28.69 14.20 -15.00
C LYS C 493 -29.22 12.76 -14.95
N MET C 494 -29.09 12.02 -16.04
CA MET C 494 -29.68 10.69 -16.11
C MET C 494 -28.67 9.68 -16.57
N ILE C 495 -28.53 8.57 -15.85
CA ILE C 495 -27.59 7.55 -16.24
C ILE C 495 -28.21 6.17 -16.12
N PHE C 496 -28.56 5.61 -17.26
CA PHE C 496 -29.13 4.27 -17.29
C PHE C 496 -28.04 3.22 -17.49
N HIS C 497 -27.82 2.41 -16.47
CA HIS C 497 -26.78 1.38 -16.50
C HIS C 497 -27.44 0.02 -16.50
N PRO C 498 -27.74 -0.52 -17.69
CA PRO C 498 -28.58 -1.72 -17.77
C PRO C 498 -27.77 -2.99 -17.62
N GLU C 499 -27.03 -3.13 -16.53
CA GLU C 499 -26.21 -4.29 -16.30
C GLU C 499 -25.88 -4.35 -14.83
N PHE C 500 -25.48 -5.50 -14.31
CA PHE C 500 -25.08 -5.59 -12.92
C PHE C 500 -23.74 -4.88 -12.70
N LEU C 501 -23.53 -4.36 -11.50
CA LEU C 501 -22.29 -3.68 -11.18
C LEU C 501 -21.20 -4.64 -10.66
N ASN C 502 -20.02 -4.58 -11.27
CA ASN C 502 -18.88 -5.41 -10.85
C ASN C 502 -17.60 -4.63 -10.68
N ALA C 503 -17.00 -4.74 -9.50
CA ALA C 503 -15.82 -3.95 -9.17
C ALA C 503 -14.80 -3.91 -10.32
N ASN C 504 -14.86 -4.91 -11.19
CA ASN C 504 -13.91 -5.08 -12.29
C ASN C 504 -14.38 -4.52 -13.64
N ASN C 505 -15.19 -3.47 -13.58
CA ASN C 505 -15.74 -2.84 -14.77
C ASN C 505 -15.02 -1.57 -15.21
N PRO C 506 -14.80 -1.44 -16.52
CA PRO C 506 -14.12 -0.27 -17.10
C PRO C 506 -14.86 1.02 -16.75
N ILE C 507 -16.18 0.95 -16.67
CA ILE C 507 -16.98 2.15 -16.46
C ILE C 507 -17.15 2.48 -14.97
N LEU C 508 -17.90 1.64 -14.25
CA LEU C 508 -18.26 1.96 -12.88
C LEU C 508 -17.69 0.86 -11.99
N GLY C 509 -16.43 1.03 -11.59
CA GLY C 509 -15.68 -0.01 -10.91
C GLY C 509 -16.12 -0.33 -9.50
N LEU C 510 -17.42 -0.51 -9.30
CA LEU C 510 -17.96 -0.77 -7.98
C LEU C 510 -18.72 -2.09 -7.95
N ASP C 511 -18.77 -2.72 -6.77
CA ASP C 511 -19.72 -3.79 -6.55
C ASP C 511 -20.99 -3.09 -6.14
N TYR C 512 -22.13 -3.72 -6.33
CA TYR C 512 -23.39 -3.09 -5.91
C TYR C 512 -23.28 -2.45 -4.55
N ASP C 513 -22.83 -3.22 -3.55
CA ASP C 513 -22.74 -2.70 -2.19
C ASP C 513 -21.86 -1.44 -2.07
N GLU C 514 -20.70 -1.43 -2.75
CA GLU C 514 -19.86 -0.22 -2.80
C GLU C 514 -20.67 0.93 -3.36
N PHE C 515 -21.20 0.75 -4.57
CA PHE C 515 -22.05 1.74 -5.19
C PHE C 515 -23.14 2.28 -4.26
N VAL C 516 -24.02 1.42 -3.77
CA VAL C 516 -25.09 1.84 -2.88
C VAL C 516 -24.60 2.78 -1.81
N ARG C 517 -23.50 2.39 -1.15
CA ARG C 517 -22.94 3.15 -0.04
C ARG C 517 -22.47 4.53 -0.47
N GLY C 518 -21.83 4.60 -1.63
CA GLY C 518 -21.39 5.88 -2.18
C GLY C 518 -22.48 6.88 -2.57
N CYS C 519 -23.74 6.45 -2.60
CA CYS C 519 -24.86 7.30 -3.02
C CYS C 519 -25.50 8.03 -1.85
N HIS C 520 -26.41 8.95 -2.13
CA HIS C 520 -27.00 9.77 -1.08
C HIS C 520 -28.43 9.33 -0.77
N LEU C 521 -29.12 8.83 -1.78
CA LEU C 521 -30.53 8.50 -1.63
C LEU C 521 -30.99 7.43 -2.65
N GLY C 522 -31.66 6.39 -2.16
CA GLY C 522 -32.20 5.38 -3.04
C GLY C 522 -33.70 5.55 -3.18
N VAL C 523 -34.21 5.30 -4.39
CA VAL C 523 -35.61 5.57 -4.71
C VAL C 523 -36.28 4.36 -5.38
N PHE C 524 -37.15 3.68 -4.63
CA PHE C 524 -37.81 2.46 -5.06
C PHE C 524 -39.31 2.64 -4.96
N PRO C 525 -39.89 3.33 -5.94
CA PRO C 525 -41.32 3.68 -5.99
C PRO C 525 -42.11 2.48 -6.49
N SER C 526 -42.07 1.40 -5.73
CA SER C 526 -42.63 0.13 -6.19
C SER C 526 -44.16 0.09 -6.12
N TYR C 527 -44.76 -0.44 -7.17
CA TYR C 527 -46.21 -0.62 -7.22
C TYR C 527 -46.57 -2.00 -6.68
N TYR C 528 -45.96 -3.05 -7.23
CA TYR C 528 -46.12 -4.40 -6.69
C TYR C 528 -44.82 -4.89 -6.07
N GLU C 529 -44.84 -5.17 -4.78
CA GLU C 529 -43.62 -5.55 -4.10
C GLU C 529 -43.97 -6.15 -2.75
N PRO C 530 -44.07 -7.48 -2.69
CA PRO C 530 -44.53 -8.16 -1.48
C PRO C 530 -43.50 -8.04 -0.37
N TRP C 531 -42.23 -7.86 -0.73
CA TRP C 531 -41.26 -7.39 0.24
C TRP C 531 -40.48 -6.23 -0.33
N GLY C 532 -39.52 -6.54 -1.16
CA GLY C 532 -38.60 -5.53 -1.64
C GLY C 532 -37.35 -5.59 -0.81
N TYR C 533 -36.52 -6.57 -1.12
CA TYR C 533 -35.28 -6.70 -0.44
C TYR C 533 -34.41 -5.50 -0.73
N THR C 534 -34.38 -5.06 -2.00
CA THR C 534 -33.45 -4.01 -2.43
C THR C 534 -33.54 -2.68 -1.67
N PRO C 535 -34.76 -2.23 -1.31
CA PRO C 535 -34.82 -1.07 -0.41
C PRO C 535 -34.51 -1.40 1.06
N ALA C 536 -34.71 -2.65 1.44
CA ALA C 536 -34.52 -3.06 2.83
C ALA C 536 -33.04 -3.28 3.10
N GLU C 537 -32.31 -3.65 2.06
CA GLU C 537 -30.88 -3.85 2.20
C GLU C 537 -30.20 -2.55 1.85
N CYS C 538 -30.94 -1.68 1.18
CA CYS C 538 -30.48 -0.32 0.96
C CYS C 538 -30.39 0.41 2.29
N THR C 539 -31.37 0.19 3.16
CA THR C 539 -31.43 0.82 4.48
C THR C 539 -30.42 0.22 5.46
N VAL C 540 -30.18 -1.08 5.36
CA VAL C 540 -29.24 -1.74 6.26
C VAL C 540 -27.79 -1.25 6.05
N MET C 541 -27.51 -0.69 4.87
CA MET C 541 -26.19 -0.15 4.61
C MET C 541 -26.14 1.33 4.99
N GLY C 542 -27.16 1.77 5.71
CA GLY C 542 -27.21 3.13 6.21
C GLY C 542 -27.34 4.15 5.11
N VAL C 543 -28.38 4.00 4.30
CA VAL C 543 -28.64 4.94 3.21
C VAL C 543 -30.11 5.28 3.12
N PRO C 544 -30.41 6.59 3.21
CA PRO C 544 -31.79 7.06 3.10
C PRO C 544 -32.44 6.45 1.86
N SER C 545 -33.75 6.26 1.93
CA SER C 545 -34.44 5.56 0.87
C SER C 545 -35.91 5.94 0.84
N ILE C 546 -36.47 5.98 -0.37
CA ILE C 546 -37.90 6.18 -0.55
C ILE C 546 -38.53 4.89 -1.08
N THR C 547 -39.60 4.44 -0.43
CA THR C 547 -40.31 3.24 -0.88
C THR C 547 -41.79 3.57 -1.07
N THR C 548 -42.69 2.67 -0.73
CA THR C 548 -44.10 2.96 -0.90
C THR C 548 -44.95 2.19 0.11
N ASN C 549 -46.22 2.58 0.22
CA ASN C 549 -47.11 1.92 1.18
C ASN C 549 -47.72 0.66 0.60
N VAL C 550 -47.39 0.38 -0.66
CA VAL C 550 -47.77 -0.89 -1.30
C VAL C 550 -46.57 -1.87 -1.43
N SER C 551 -45.39 -1.41 -0.99
CA SER C 551 -44.24 -2.29 -0.81
C SER C 551 -44.34 -2.91 0.56
N GLY C 552 -43.98 -4.19 0.64
CA GLY C 552 -44.05 -4.93 1.88
C GLY C 552 -43.09 -4.34 2.91
N PHE C 553 -41.90 -4.00 2.44
CA PHE C 553 -40.92 -3.36 3.31
C PHE C 553 -41.39 -1.98 3.69
N GLY C 554 -42.09 -1.33 2.77
CA GLY C 554 -42.68 -0.04 3.04
C GLY C 554 -43.73 -0.18 4.14
N SER C 555 -44.74 -1.00 3.87
CA SER C 555 -45.84 -1.26 4.80
C SER C 555 -45.29 -1.55 6.20
N TYR C 556 -44.18 -2.26 6.28
CA TYR C 556 -43.59 -2.64 7.56
C TYR C 556 -42.91 -1.45 8.22
N MET C 557 -42.13 -0.71 7.44
CA MET C 557 -41.41 0.44 7.95
C MET C 557 -42.38 1.50 8.48
N GLU C 558 -43.57 1.52 7.87
CA GLU C 558 -44.64 2.43 8.26
C GLU C 558 -45.19 2.18 9.69
N ASP C 559 -45.09 0.95 10.19
CA ASP C 559 -45.44 0.69 11.56
C ASP C 559 -44.31 1.01 12.52
N LEU C 560 -43.34 1.78 12.08
CA LEU C 560 -42.29 2.24 12.98
C LEU C 560 -41.88 3.69 12.62
N ALA C 566 -41.17 10.83 11.87
CA ALA C 566 -41.31 9.77 10.88
C ALA C 566 -40.18 9.73 9.81
N LYS C 567 -40.28 10.58 8.79
CA LYS C 567 -39.28 10.65 7.70
C LYS C 567 -37.89 11.07 8.18
N ASP C 568 -37.77 11.34 9.48
CA ASP C 568 -36.52 11.84 10.03
C ASP C 568 -35.48 10.73 10.16
N TYR C 569 -35.93 9.48 10.00
CA TYR C 569 -35.04 8.33 10.12
C TYR C 569 -34.47 7.87 8.77
N GLY C 570 -34.69 8.67 7.74
CA GLY C 570 -34.10 8.39 6.43
C GLY C 570 -35.05 7.63 5.54
N ILE C 571 -36.29 7.47 6.00
CA ILE C 571 -37.26 6.66 5.28
C ILE C 571 -38.50 7.42 4.86
N TYR C 572 -38.65 7.57 3.56
CA TYR C 572 -39.75 8.30 2.95
C TYR C 572 -40.76 7.32 2.36
N ILE C 573 -42.00 7.37 2.83
CA ILE C 573 -43.00 6.45 2.32
C ILE C 573 -44.06 7.13 1.48
N VAL C 574 -43.87 7.13 0.17
CA VAL C 574 -44.87 7.59 -0.77
C VAL C 574 -46.14 6.74 -0.70
N ASP C 575 -47.29 7.40 -0.55
CA ASP C 575 -48.58 6.70 -0.54
C ASP C 575 -48.99 6.33 -1.96
N ARG C 576 -48.91 5.04 -2.31
CA ARG C 576 -49.28 4.61 -3.66
C ARG C 576 -50.66 3.96 -3.74
N ARG C 577 -51.28 3.76 -2.58
CA ARG C 577 -52.53 2.99 -2.44
C ARG C 577 -53.78 3.87 -2.38
N PHE C 578 -53.63 5.05 -1.81
CA PHE C 578 -54.78 5.91 -1.57
C PHE C 578 -54.83 7.09 -2.55
N LYS C 579 -53.78 7.91 -2.55
CA LYS C 579 -53.70 9.02 -3.49
C LYS C 579 -53.74 8.56 -4.95
N ALA C 580 -53.96 9.49 -5.86
CA ALA C 580 -54.10 9.16 -7.27
C ALA C 580 -52.73 9.03 -7.96
N PRO C 581 -52.69 8.32 -9.10
CA PRO C 581 -51.46 8.07 -9.88
C PRO C 581 -50.57 9.31 -9.98
N ASP C 582 -51.20 10.47 -10.15
CA ASP C 582 -50.50 11.73 -10.31
C ASP C 582 -50.08 12.36 -8.97
N GLU C 583 -50.97 12.32 -7.98
CA GLU C 583 -50.66 12.88 -6.66
C GLU C 583 -49.50 12.13 -6.03
N SER C 584 -49.45 10.83 -6.27
CA SER C 584 -48.32 10.01 -5.84
C SER C 584 -47.04 10.60 -6.43
N VAL C 585 -46.98 10.63 -7.76
CA VAL C 585 -45.84 11.25 -8.43
C VAL C 585 -45.44 12.53 -7.71
N GLU C 586 -46.38 13.46 -7.56
CA GLU C 586 -46.10 14.75 -6.93
C GLU C 586 -45.55 14.61 -5.52
N GLN C 587 -46.07 13.65 -4.77
CA GLN C 587 -45.57 13.38 -3.41
C GLN C 587 -44.10 12.96 -3.47
N LEU C 588 -43.78 12.20 -4.53
CA LEU C 588 -42.43 11.71 -4.72
C LEU C 588 -41.52 12.91 -4.98
N VAL C 589 -42.02 13.88 -5.74
CA VAL C 589 -41.21 15.03 -6.12
C VAL C 589 -40.90 15.93 -4.92
N ASP C 590 -41.92 16.15 -4.09
CA ASP C 590 -41.75 17.00 -2.91
C ASP C 590 -40.64 16.39 -2.07
N TYR C 591 -40.63 15.06 -2.00
CA TYR C 591 -39.67 14.30 -1.19
C TYR C 591 -38.22 14.45 -1.66
N MET C 592 -38.02 14.42 -2.98
CA MET C 592 -36.70 14.60 -3.55
C MET C 592 -36.25 16.06 -3.41
N GLU C 593 -37.19 16.98 -3.61
CA GLU C 593 -36.86 18.40 -3.48
C GLU C 593 -36.38 18.65 -2.05
N GLU C 594 -37.20 18.21 -1.09
CA GLU C 594 -36.86 18.29 0.32
C GLU C 594 -35.45 17.77 0.58
N PHE C 595 -35.15 16.59 0.08
CA PHE C 595 -33.83 15.98 0.29
C PHE C 595 -32.71 16.78 -0.35
N VAL C 596 -33.00 17.42 -1.49
CA VAL C 596 -32.01 18.25 -2.17
C VAL C 596 -31.69 19.50 -1.35
N LYS C 597 -32.75 20.21 -0.94
CA LYS C 597 -32.63 21.48 -0.20
C LYS C 597 -32.19 21.26 1.26
N LYS C 598 -31.50 20.17 1.51
CA LYS C 598 -31.12 19.80 2.86
C LYS C 598 -29.66 20.14 3.06
N THR C 599 -29.36 20.86 4.14
CA THR C 599 -28.01 21.37 4.38
C THR C 599 -26.99 20.27 4.64
N ALA C 600 -25.71 20.59 4.49
CA ALA C 600 -24.64 19.61 4.73
C ALA C 600 -24.81 18.92 6.09
N ALA C 601 -25.42 19.64 7.04
CA ALA C 601 -25.57 19.15 8.41
C ALA C 601 -26.86 18.33 8.58
N GLN C 602 -27.95 18.81 8.01
CA GLN C 602 -29.23 18.13 8.05
C GLN C 602 -29.17 16.77 7.37
N ALA C 603 -28.22 16.61 6.46
CA ALA C 603 -28.02 15.35 5.74
C ALA C 603 -27.30 14.35 6.64
N ILE C 604 -26.17 14.76 7.21
CA ILE C 604 -25.42 13.88 8.12
C ILE C 604 -26.26 13.46 9.32
N ASN C 605 -27.16 14.33 9.76
CA ASN C 605 -28.11 13.98 10.82
C ASN C 605 -28.93 12.76 10.42
N GLN C 606 -29.60 12.89 9.27
CA GLN C 606 -30.43 11.81 8.74
C GLN C 606 -29.63 10.53 8.57
N ARG C 607 -28.55 10.61 7.79
CA ARG C 607 -27.71 9.45 7.52
C ARG C 607 -27.35 8.67 8.77
N ASN C 608 -26.98 9.37 9.84
CA ASN C 608 -26.69 8.74 11.12
C ASN C 608 -27.93 8.08 11.69
N ARG C 609 -29.08 8.71 11.46
CA ARG C 609 -30.34 8.18 11.96
C ARG C 609 -30.68 6.87 11.26
N THR C 610 -30.73 6.89 9.94
CA THR C 610 -31.02 5.65 9.22
C THR C 610 -30.04 4.56 9.61
N GLU C 611 -28.77 4.94 9.80
CA GLU C 611 -27.73 3.98 10.14
C GLU C 611 -28.04 3.21 11.41
N ARG C 612 -28.88 3.79 12.26
CA ARG C 612 -29.27 3.13 13.51
C ARG C 612 -30.54 2.29 13.36
N LEU C 613 -31.20 2.40 12.21
CA LEU C 613 -32.34 1.54 11.92
C LEU C 613 -31.86 0.15 11.51
N SER C 614 -30.65 0.07 10.98
CA SER C 614 -30.14 -1.20 10.48
C SER C 614 -30.46 -2.38 11.41
N ASP C 615 -30.03 -2.30 12.66
CA ASP C 615 -30.19 -3.42 13.58
C ASP C 615 -31.63 -3.90 13.72
N LEU C 616 -32.58 -2.99 13.70
CA LEU C 616 -33.98 -3.38 13.78
C LEU C 616 -34.34 -4.42 12.73
N LEU C 617 -33.57 -4.45 11.64
CA LEU C 617 -33.83 -5.36 10.52
C LEU C 617 -32.98 -6.64 10.49
N ASP C 618 -32.33 -6.98 11.60
CA ASP C 618 -31.53 -8.21 11.67
C ASP C 618 -32.46 -9.35 12.10
N TRP C 619 -32.12 -10.57 11.70
CA TRP C 619 -32.96 -11.72 12.06
C TRP C 619 -33.10 -11.85 13.58
N LYS C 620 -32.10 -11.37 14.31
CA LYS C 620 -32.15 -11.37 15.78
C LYS C 620 -33.39 -10.68 16.33
N ARG C 621 -34.02 -9.84 15.51
CA ARG C 621 -35.24 -9.19 15.98
C ARG C 621 -36.47 -9.68 15.22
N MET C 622 -36.29 -9.89 13.91
CA MET C 622 -37.38 -10.34 13.05
C MET C 622 -37.68 -11.82 13.30
N GLY C 623 -36.62 -12.56 13.61
CA GLY C 623 -36.76 -13.98 13.94
C GLY C 623 -37.89 -14.28 14.90
N LEU C 624 -38.22 -13.31 15.74
CA LEU C 624 -39.18 -13.55 16.83
C LEU C 624 -40.60 -13.62 16.34
N GLU C 625 -40.84 -13.16 15.11
CA GLU C 625 -42.18 -13.25 14.54
C GLU C 625 -42.43 -14.68 14.11
N TYR C 626 -41.36 -15.37 13.73
CA TYR C 626 -41.41 -16.77 13.36
C TYR C 626 -41.75 -17.59 14.60
N VAL C 627 -41.04 -17.33 15.70
CA VAL C 627 -41.33 -17.99 16.97
C VAL C 627 -42.79 -17.85 17.37
N LYS C 628 -43.36 -16.67 17.18
CA LYS C 628 -44.78 -16.49 17.45
C LYS C 628 -45.58 -17.44 16.56
N ALA C 629 -45.26 -17.46 15.27
CA ALA C 629 -45.95 -18.34 14.34
C ALA C 629 -45.90 -19.81 14.79
N ARG C 630 -44.69 -20.29 15.06
CA ARG C 630 -44.52 -21.69 15.43
C ARG C 630 -45.29 -22.00 16.70
N GLN C 631 -45.22 -21.10 17.67
CA GLN C 631 -45.96 -21.33 18.91
C GLN C 631 -47.47 -21.19 18.75
N LEU C 632 -47.92 -20.32 17.85
CA LEU C 632 -49.35 -20.30 17.57
C LEU C 632 -49.76 -21.64 16.96
N ALA C 633 -48.86 -22.23 16.18
CA ALA C 633 -49.11 -23.53 15.56
C ALA C 633 -49.32 -24.63 16.60
N LEU C 634 -48.51 -24.64 17.65
CA LEU C 634 -48.63 -25.62 18.72
C LEU C 634 -49.88 -25.36 19.56
N ARG C 635 -50.08 -24.11 19.95
CA ARG C 635 -51.26 -23.72 20.71
C ARG C 635 -52.56 -24.17 20.04
N ARG C 636 -52.61 -24.12 18.70
CA ARG C 636 -53.82 -24.53 18.00
C ARG C 636 -54.02 -26.04 17.91
N GLY C 637 -52.91 -26.79 17.87
CA GLY C 637 -52.99 -28.23 17.64
C GLY C 637 -53.04 -29.02 18.93
N TYR C 638 -52.50 -28.43 19.99
CA TYR C 638 -52.51 -29.07 21.30
C TYR C 638 -53.02 -28.11 22.37
N PRO C 639 -54.27 -27.66 22.24
CA PRO C 639 -54.88 -26.67 23.14
C PRO C 639 -54.71 -27.04 24.60
N ASP C 640 -54.89 -28.31 24.90
CA ASP C 640 -54.83 -28.78 26.27
C ASP C 640 -53.38 -28.77 26.79
N GLN C 641 -52.48 -29.46 26.10
CA GLN C 641 -51.09 -29.57 26.54
C GLN C 641 -50.44 -28.20 26.69
N PHE C 642 -50.88 -27.24 25.89
CA PHE C 642 -50.27 -25.91 25.88
C PHE C 642 -50.62 -25.19 27.16
N ARG C 643 -51.86 -25.37 27.59
CA ARG C 643 -52.37 -24.78 28.83
C ARG C 643 -51.48 -25.14 30.02
N GLU C 644 -51.09 -26.40 30.11
CA GLU C 644 -50.23 -26.88 31.19
C GLU C 644 -48.88 -26.20 31.13
N LEU C 645 -48.37 -25.98 29.92
CA LEU C 645 -47.03 -25.44 29.75
C LEU C 645 -46.97 -23.93 30.02
N VAL C 646 -48.14 -23.30 30.02
CA VAL C 646 -48.21 -21.84 30.16
C VAL C 646 -48.83 -21.44 31.50
N GLY C 647 -49.76 -22.25 32.00
CA GLY C 647 -50.37 -22.01 33.28
C GLY C 647 -51.74 -21.34 33.20
N GLU C 648 -52.22 -21.20 31.97
CA GLU C 648 -53.51 -20.56 31.70
C GLU C 648 -53.89 -20.84 30.26
N GLU C 649 -55.01 -20.28 29.80
CA GLU C 649 -55.35 -20.37 28.38
C GLU C 649 -55.26 -19.03 27.66
N LEU C 650 -54.24 -18.91 26.81
CA LEU C 650 -54.00 -17.73 26.00
C LEU C 650 -54.83 -17.76 24.73
N ASN C 651 -55.08 -16.58 24.17
CA ASN C 651 -55.87 -16.47 22.95
C ASN C 651 -55.15 -17.06 21.74
N ASP C 652 -55.90 -17.73 20.86
CA ASP C 652 -55.33 -18.43 19.72
C ASP C 652 -55.88 -17.95 18.37
N SER C 653 -56.13 -16.66 18.23
CA SER C 653 -56.71 -16.16 16.99
C SER C 653 -55.71 -15.47 16.05
N ASN C 654 -54.66 -14.86 16.61
CA ASN C 654 -53.57 -14.26 15.85
C ASN C 654 -52.26 -14.65 16.50
N MET C 655 -51.14 -14.28 15.88
CA MET C 655 -49.84 -14.54 16.50
C MET C 655 -49.56 -13.45 17.53
N ASP C 656 -50.11 -12.27 17.29
CA ASP C 656 -49.95 -11.17 18.23
C ASP C 656 -50.90 -11.35 19.41
N ALA C 657 -52.11 -11.80 19.12
CA ALA C 657 -53.08 -12.12 20.17
C ALA C 657 -52.54 -13.11 21.20
N LEU C 658 -51.59 -13.96 20.79
CA LEU C 658 -51.00 -14.94 21.69
C LEU C 658 -49.90 -14.34 22.59
N ALA C 659 -49.09 -13.45 22.04
CA ALA C 659 -48.10 -12.76 22.87
C ALA C 659 -48.28 -11.25 22.83
N SER D 22 -10.12 64.24 14.22
CA SER D 22 -11.09 63.15 14.47
C SER D 22 -10.80 61.88 13.65
N ARG D 23 -10.72 60.76 14.37
CA ARG D 23 -10.15 59.52 13.84
C ARG D 23 -11.19 58.45 13.60
N ASP D 24 -10.94 57.63 12.57
CA ASP D 24 -11.90 56.64 12.11
C ASP D 24 -11.91 55.40 13.01
N LEU D 25 -12.88 55.30 13.92
CA LEU D 25 -12.95 54.14 14.81
C LEU D 25 -13.27 52.86 14.03
N GLN D 26 -13.84 53.03 12.85
CA GLN D 26 -14.33 51.91 12.06
C GLN D 26 -13.18 51.17 11.44
N ASN D 27 -12.48 51.85 10.55
CA ASN D 27 -11.30 51.31 9.91
C ASN D 27 -10.07 51.76 10.69
N HIS D 28 -9.58 50.91 11.59
CA HIS D 28 -8.52 51.27 12.53
C HIS D 28 -7.36 50.30 12.47
N LEU D 29 -6.22 50.73 13.02
CA LEU D 29 -4.98 49.95 13.00
C LEU D 29 -4.83 49.07 14.24
N LEU D 30 -4.21 47.89 14.09
CA LEU D 30 -3.96 47.02 15.23
C LEU D 30 -2.49 46.64 15.36
N PHE D 31 -1.90 46.99 16.51
CA PHE D 31 -0.54 46.57 16.84
C PHE D 31 -0.58 45.66 18.05
N GLU D 32 -0.13 44.42 17.87
CA GLU D 32 -0.14 43.46 18.95
C GLU D 32 1.28 43.16 19.34
N THR D 33 1.60 43.41 20.60
CA THR D 33 2.99 43.37 21.07
C THR D 33 3.18 42.29 22.12
N ALA D 34 4.22 41.49 21.98
CA ALA D 34 4.57 40.46 22.97
C ALA D 34 5.99 39.97 22.73
N THR D 35 6.68 39.61 23.80
CA THR D 35 8.05 39.11 23.71
C THR D 35 8.14 37.93 22.77
N GLU D 36 7.05 37.22 22.62
CA GLU D 36 7.07 35.93 21.95
C GLU D 36 6.79 35.95 20.47
N VAL D 37 6.65 37.12 19.85
CA VAL D 37 6.19 37.15 18.46
C VAL D 37 6.89 36.12 17.59
N ALA D 38 8.03 36.43 17.03
CA ALA D 38 8.60 35.37 16.21
C ALA D 38 9.71 34.61 16.93
N ASN D 39 9.46 34.27 18.19
CA ASN D 39 10.34 33.32 18.91
C ASN D 39 9.65 32.55 20.02
N ARG D 40 9.63 31.23 19.86
CA ARG D 40 9.04 30.34 20.84
C ARG D 40 9.85 30.37 22.12
N VAL D 41 9.30 31.02 23.13
CA VAL D 41 9.96 31.13 24.42
C VAL D 41 8.92 30.86 25.50
N GLY D 42 7.65 31.05 25.16
CA GLY D 42 6.55 30.72 26.05
C GLY D 42 5.42 30.04 25.28
N GLY D 43 4.21 30.12 25.81
CA GLY D 43 3.05 29.54 25.13
C GLY D 43 2.27 30.61 24.40
N ILE D 44 2.59 31.86 24.67
CA ILE D 44 1.94 32.96 24.00
C ILE D 44 2.34 32.92 22.56
N TYR D 45 3.54 32.44 22.29
CA TYR D 45 3.95 32.19 20.91
C TYR D 45 2.84 31.45 20.21
N SER D 46 2.37 30.37 20.84
CA SER D 46 1.34 29.55 20.22
C SER D 46 0.04 30.29 20.05
N VAL D 47 -0.32 31.11 21.04
CA VAL D 47 -1.56 31.84 20.97
C VAL D 47 -1.58 32.80 19.78
N LEU D 48 -0.55 33.63 19.67
CA LEU D 48 -0.47 34.58 18.57
C LEU D 48 -0.34 33.87 17.22
N LYS D 49 0.44 32.80 17.17
CA LYS D 49 0.63 32.07 15.92
C LYS D 49 -0.67 31.47 15.36
N SER D 50 -1.50 30.93 16.24
CA SER D 50 -2.72 30.27 15.83
C SER D 50 -3.83 31.29 15.58
N LYS D 51 -3.70 32.46 16.20
CA LYS D 51 -4.68 33.54 16.06
C LYS D 51 -4.44 34.36 14.79
N ALA D 52 -3.25 34.21 14.21
CA ALA D 52 -2.86 35.02 13.06
C ALA D 52 -3.83 34.91 11.88
N PRO D 53 -4.14 33.67 11.45
CA PRO D 53 -5.01 33.48 10.29
C PRO D 53 -6.34 34.19 10.44
N ILE D 54 -6.92 34.14 11.63
CA ILE D 54 -8.19 34.82 11.84
C ILE D 54 -8.04 36.34 11.77
N THR D 55 -7.13 36.92 12.55
CA THR D 55 -6.98 38.37 12.60
C THR D 55 -6.37 38.98 11.33
N VAL D 56 -5.50 38.25 10.64
CA VAL D 56 -5.01 38.74 9.35
C VAL D 56 -6.16 38.77 8.35
N ALA D 57 -7.11 37.86 8.52
CA ALA D 57 -8.29 37.82 7.68
C ALA D 57 -9.17 39.05 7.86
N GLN D 58 -9.18 39.60 9.08
CA GLN D 58 -10.01 40.73 9.41
C GLN D 58 -9.36 42.08 9.05
N TYR D 59 -8.06 42.19 9.34
CA TYR D 59 -7.33 43.46 9.23
C TYR D 59 -6.43 43.55 8.01
N LYS D 60 -6.09 42.42 7.42
CA LYS D 60 -5.14 42.38 6.32
C LYS D 60 -3.83 43.06 6.70
N ASP D 61 -3.53 44.16 6.01
CA ASP D 61 -2.26 44.85 6.20
C ASP D 61 -2.35 46.02 7.17
N HIS D 62 -3.49 46.16 7.82
CA HIS D 62 -3.65 47.10 8.91
C HIS D 62 -3.22 46.48 10.25
N TYR D 63 -2.73 45.24 10.19
CA TYR D 63 -2.37 44.48 11.39
C TYR D 63 -0.87 44.25 11.45
N HIS D 64 -0.27 44.56 12.59
CA HIS D 64 1.15 44.33 12.80
C HIS D 64 1.43 43.71 14.16
N LEU D 65 2.28 42.69 14.18
CA LEU D 65 2.80 42.18 15.44
C LEU D 65 4.14 42.84 15.72
N ILE D 66 4.35 43.25 16.96
CA ILE D 66 5.60 43.88 17.35
C ILE D 66 6.26 43.06 18.44
N GLY D 67 7.58 42.89 18.36
CA GLY D 67 8.30 42.21 19.41
C GLY D 67 9.79 42.48 19.35
N PRO D 68 10.53 42.07 20.40
CA PRO D 68 11.99 42.15 20.40
C PRO D 68 12.58 41.17 19.39
N LEU D 69 13.61 41.59 18.67
CA LEU D 69 14.28 40.73 17.71
C LEU D 69 15.19 39.80 18.46
N ASN D 70 15.02 38.50 18.24
CA ASN D 70 15.94 37.51 18.77
C ASN D 70 16.93 37.11 17.69
N LYS D 71 18.14 37.65 17.77
CA LYS D 71 19.11 37.48 16.70
C LYS D 71 19.43 36.02 16.42
N ALA D 72 19.17 35.15 17.39
CA ALA D 72 19.50 33.75 17.22
C ALA D 72 18.50 33.00 16.32
N THR D 73 17.22 33.31 16.46
CA THR D 73 16.17 32.51 15.81
C THR D 73 15.37 33.18 14.70
N TYR D 74 15.46 34.50 14.54
CA TYR D 74 14.58 35.20 13.62
C TYR D 74 14.73 34.80 12.14
N GLN D 75 15.91 34.36 11.72
CA GLN D 75 16.10 33.96 10.33
C GLN D 75 15.32 32.71 9.93
N ASN D 76 14.90 31.93 10.94
CA ASN D 76 14.11 30.73 10.75
C ASN D 76 12.61 31.01 10.69
N GLU D 77 12.21 32.12 11.29
CA GLU D 77 10.80 32.42 11.49
C GLU D 77 10.28 33.49 10.54
N VAL D 78 11.18 34.35 10.08
CA VAL D 78 10.77 35.56 9.39
C VAL D 78 11.21 35.63 7.93
N ASP D 79 10.29 36.05 7.07
CA ASP D 79 10.56 36.37 5.69
C ASP D 79 10.95 37.83 5.65
N ILE D 80 12.24 38.12 5.70
CA ILE D 80 12.72 39.51 5.73
C ILE D 80 12.34 40.30 4.48
N LEU D 81 11.69 41.44 4.69
CA LEU D 81 11.18 42.26 3.60
C LEU D 81 11.89 43.59 3.52
N ASP D 82 11.91 44.20 2.33
CA ASP D 82 12.46 45.54 2.19
C ASP D 82 11.39 46.58 2.41
N TRP D 83 11.37 47.12 3.62
CA TRP D 83 10.35 48.07 4.03
C TRP D 83 10.55 49.46 3.44
N LYS D 84 11.66 49.69 2.75
CA LYS D 84 11.90 51.02 2.22
C LYS D 84 11.22 51.23 0.86
N LYS D 85 11.11 50.17 0.06
CA LYS D 85 10.47 50.28 -1.24
C LYS D 85 9.09 50.92 -1.10
N PRO D 86 8.72 51.74 -2.08
CA PRO D 86 7.40 52.40 -2.06
C PRO D 86 6.25 51.40 -2.07
N GLU D 87 6.44 50.24 -2.67
CA GLU D 87 5.42 49.20 -2.76
C GLU D 87 5.21 48.42 -1.47
N ALA D 88 5.99 48.73 -0.44
CA ALA D 88 5.94 47.98 0.82
C ALA D 88 4.69 48.29 1.65
N PHE D 89 4.09 49.45 1.40
CA PHE D 89 2.90 49.88 2.12
C PHE D 89 1.89 50.55 1.18
N SER D 90 0.61 50.28 1.39
CA SER D 90 -0.44 51.01 0.70
C SER D 90 -0.26 52.48 1.01
N ASP D 91 -0.91 53.34 0.27
CA ASP D 91 -0.77 54.74 0.54
C ASP D 91 -1.46 55.13 1.85
N GLU D 92 -2.57 54.46 2.16
CA GLU D 92 -3.27 54.77 3.40
C GLU D 92 -2.48 54.33 4.61
N MET D 93 -1.57 53.38 4.42
CA MET D 93 -0.69 52.92 5.51
C MET D 93 0.72 53.56 5.49
N ARG D 94 0.95 54.53 4.60
CA ARG D 94 2.20 55.32 4.60
C ARG D 94 2.73 55.64 5.97
N PRO D 95 1.85 56.12 6.86
CA PRO D 95 2.35 56.54 8.17
C PRO D 95 3.25 55.50 8.82
N VAL D 96 2.82 54.24 8.91
CA VAL D 96 3.68 53.24 9.52
C VAL D 96 5.07 53.30 8.88
N GLN D 97 5.14 53.38 7.55
CA GLN D 97 6.43 53.37 6.88
C GLN D 97 7.29 54.58 7.27
N HIS D 98 6.69 55.75 7.26
CA HIS D 98 7.37 56.95 7.71
C HIS D 98 7.82 56.82 9.17
N ALA D 99 6.99 56.20 9.99
CA ALA D 99 7.35 55.95 11.37
C ALA D 99 8.61 55.13 11.49
N LEU D 100 8.71 54.06 10.70
CA LEU D 100 9.92 53.25 10.65
C LEU D 100 11.12 54.03 10.09
N GLN D 101 10.89 54.80 9.03
CA GLN D 101 11.94 55.67 8.51
C GLN D 101 12.49 56.57 9.61
N THR D 102 11.59 57.12 10.42
CA THR D 102 12.00 58.02 11.51
C THR D 102 12.81 57.26 12.54
N MET D 103 12.30 56.10 12.94
CA MET D 103 13.01 55.27 13.89
C MET D 103 14.42 54.93 13.39
N GLU D 104 14.57 54.72 12.10
CA GLU D 104 15.88 54.43 11.55
C GLU D 104 16.85 55.61 11.65
N SER D 105 16.31 56.83 11.65
CA SER D 105 17.08 58.06 11.76
C SER D 105 17.76 58.21 13.11
N ARG D 106 17.02 57.83 14.16
CA ARG D 106 17.47 58.03 15.53
C ARG D 106 18.34 56.87 15.99
N GLY D 107 18.61 55.95 15.06
CA GLY D 107 19.52 54.85 15.28
C GLY D 107 18.87 53.62 15.86
N VAL D 108 17.56 53.47 15.64
CA VAL D 108 16.84 52.29 16.09
C VAL D 108 16.78 51.29 14.96
N HIS D 109 17.37 50.11 15.15
CA HIS D 109 17.34 49.06 14.12
C HIS D 109 16.20 48.08 14.33
N PHE D 110 15.78 47.45 13.25
CA PHE D 110 14.68 46.51 13.29
C PHE D 110 14.59 45.66 12.01
N VAL D 111 13.92 44.52 12.11
CA VAL D 111 13.63 43.70 10.95
C VAL D 111 12.15 43.85 10.66
N TYR D 112 11.81 44.19 9.42
CA TYR D 112 10.41 44.23 9.02
C TYR D 112 10.20 43.04 8.14
N GLY D 113 9.26 42.17 8.49
CA GLY D 113 9.02 41.01 7.68
C GLY D 113 7.63 40.39 7.77
N ARG D 114 7.48 39.27 7.08
CA ARG D 114 6.29 38.45 7.19
C ARG D 114 6.65 37.29 8.07
N TRP D 115 5.82 37.00 9.06
CA TRP D 115 6.05 35.87 9.95
C TRP D 115 5.61 34.58 9.26
N LEU D 116 6.53 33.64 9.09
CA LEU D 116 6.24 32.44 8.31
C LEU D 116 5.33 31.44 9.02
N ILE D 117 4.10 31.85 9.35
CA ILE D 117 3.07 30.90 9.74
C ILE D 117 1.86 31.07 8.85
N GLU D 118 0.92 30.11 8.93
CA GLU D 118 -0.37 30.27 8.26
C GLU D 118 -0.89 31.62 8.70
N GLY D 119 -1.20 32.46 7.70
CA GLY D 119 -1.61 33.84 7.95
C GLY D 119 -0.58 34.83 7.43
N ALA D 120 0.68 34.51 7.64
CA ALA D 120 1.81 35.34 7.22
C ALA D 120 1.58 36.82 7.54
N PRO D 121 1.33 37.12 8.81
CA PRO D 121 1.01 38.47 9.27
C PRO D 121 2.27 39.32 9.29
N LYS D 122 2.15 40.61 9.05
CA LYS D 122 3.34 41.45 9.03
C LYS D 122 3.90 41.67 10.43
N VAL D 123 5.22 41.85 10.51
CA VAL D 123 5.93 41.80 11.78
C VAL D 123 7.00 42.91 11.86
N ILE D 124 7.10 43.56 13.00
CA ILE D 124 8.17 44.54 13.21
C ILE D 124 9.02 44.05 14.37
N LEU D 125 10.27 43.70 14.14
CA LEU D 125 11.09 43.16 15.22
C LEU D 125 12.22 44.12 15.62
N PHE D 126 12.10 44.75 16.78
CA PHE D 126 13.07 45.77 17.22
C PHE D 126 14.36 45.20 17.77
N ASP D 127 15.49 45.66 17.23
CA ASP D 127 16.80 45.21 17.67
C ASP D 127 17.21 45.95 18.94
N LEU D 128 16.99 45.33 20.09
CA LEU D 128 17.16 46.03 21.35
C LEU D 128 18.59 46.47 21.60
N ASP D 129 19.54 45.88 20.88
CA ASP D 129 20.94 46.24 20.99
C ASP D 129 21.20 47.65 20.52
N SER D 130 20.31 48.16 19.67
CA SER D 130 20.49 49.44 19.03
C SER D 130 19.91 50.56 19.87
N VAL D 131 19.50 50.19 21.07
CA VAL D 131 18.72 51.06 21.92
C VAL D 131 19.20 50.87 23.36
N ARG D 132 20.14 49.96 23.53
CA ARG D 132 20.62 49.57 24.84
C ARG D 132 21.37 50.69 25.56
N GLY D 133 21.96 51.61 24.77
CA GLY D 133 22.66 52.74 25.33
C GLY D 133 21.76 53.69 26.14
N TYR D 134 20.50 53.80 25.72
CA TYR D 134 19.53 54.63 26.42
C TYR D 134 19.07 53.93 27.70
N SER D 135 19.73 52.83 28.05
CA SER D 135 19.28 51.99 29.15
C SER D 135 19.25 52.71 30.47
N ASN D 136 20.37 53.33 30.84
CA ASN D 136 20.42 54.02 32.12
C ASN D 136 19.42 55.16 32.19
N GLU D 137 19.31 55.92 31.10
CA GLU D 137 18.40 57.06 31.05
C GLU D 137 16.95 56.64 31.27
N TRP D 138 16.59 55.51 30.65
CA TRP D 138 15.23 55.00 30.67
C TRP D 138 14.88 54.28 31.97
N LYS D 139 15.81 53.52 32.53
CA LYS D 139 15.59 52.90 33.82
C LYS D 139 15.23 53.99 34.81
N GLY D 140 15.90 55.13 34.70
CA GLY D 140 15.73 56.26 35.60
C GLY D 140 14.42 57.02 35.42
N ASP D 141 14.10 57.35 34.16
CA ASP D 141 12.79 57.92 33.85
C ASP D 141 11.66 57.05 34.37
N LEU D 142 11.72 55.74 34.11
CA LEU D 142 10.65 54.83 34.52
C LEU D 142 10.42 54.90 36.03
N TRP D 143 11.50 55.06 36.78
CA TRP D 143 11.43 55.15 38.23
C TRP D 143 10.73 56.42 38.68
N SER D 144 11.04 57.53 38.05
CA SER D 144 10.45 58.81 38.44
C SER D 144 9.20 59.16 37.64
N LEU D 145 8.51 58.15 37.12
CA LEU D 145 7.22 58.36 36.47
C LEU D 145 6.21 57.38 37.02
N VAL D 146 6.69 56.19 37.33
CA VAL D 146 5.81 55.12 37.74
C VAL D 146 6.41 54.41 38.96
N GLY D 147 7.63 54.78 39.31
CA GLY D 147 8.25 54.22 40.49
C GLY D 147 8.41 52.73 40.36
N ILE D 148 8.96 52.32 39.23
CA ILE D 148 9.30 50.93 38.99
C ILE D 148 10.80 50.80 39.16
N PRO D 149 11.22 50.06 40.21
CA PRO D 149 12.62 49.76 40.49
C PRO D 149 13.21 48.95 39.35
N SER D 150 14.52 48.81 39.31
CA SER D 150 15.12 47.94 38.30
C SER D 150 16.55 47.56 38.63
N PRO D 151 16.72 46.46 39.38
CA PRO D 151 18.04 45.88 39.62
C PRO D 151 18.75 45.69 38.30
N GLU D 152 20.07 45.89 38.28
CA GLU D 152 20.83 45.75 37.05
C GLU D 152 21.14 44.29 36.75
N ASN D 153 20.89 43.42 37.73
CA ASN D 153 21.12 41.99 37.55
C ASN D 153 19.86 41.20 37.18
N ASP D 154 18.84 41.92 36.70
CA ASP D 154 17.66 41.31 36.11
C ASP D 154 17.62 41.62 34.63
N PHE D 155 18.20 40.74 33.83
CA PHE D 155 18.33 40.97 32.40
C PHE D 155 17.00 40.92 31.66
N GLU D 156 15.99 40.31 32.25
CA GLU D 156 14.71 40.22 31.57
C GLU D 156 13.93 41.52 31.67
N THR D 157 13.96 42.19 32.83
CA THR D 157 13.28 43.47 32.91
C THR D 157 14.09 44.54 32.22
N ASN D 158 15.42 44.44 32.24
CA ASN D 158 16.22 45.31 31.40
C ASN D 158 15.65 45.30 29.99
N ASP D 159 15.57 44.11 29.40
CA ASP D 159 15.05 44.01 28.05
C ASP D 159 13.61 44.52 28.01
N ALA D 160 12.81 44.17 29.00
CA ALA D 160 11.42 44.63 29.06
C ALA D 160 11.28 46.15 28.98
N ILE D 161 12.11 46.88 29.73
CA ILE D 161 12.16 48.33 29.65
C ILE D 161 12.65 48.83 28.28
N LEU D 162 13.73 48.26 27.76
CA LEU D 162 14.19 48.64 26.44
C LEU D 162 13.07 48.52 25.41
N LEU D 163 12.44 47.35 25.36
CA LEU D 163 11.29 47.12 24.47
C LEU D 163 10.18 48.09 24.81
N GLY D 164 9.89 48.20 26.09
CA GLY D 164 8.90 49.12 26.59
C GLY D 164 9.06 50.46 25.93
N TYR D 165 10.19 51.11 26.20
CA TYR D 165 10.43 52.45 25.70
C TYR D 165 10.46 52.56 24.18
N THR D 166 10.92 51.53 23.50
CA THR D 166 11.01 51.59 22.04
C THR D 166 9.63 51.58 21.41
N VAL D 167 8.74 50.75 21.94
CA VAL D 167 7.41 50.55 21.39
C VAL D 167 6.49 51.73 21.68
N ALA D 168 6.69 52.38 22.81
CA ALA D 168 5.94 53.58 23.14
C ALA D 168 6.36 54.68 22.16
N TRP D 169 7.66 54.76 21.93
CA TRP D 169 8.31 55.64 20.96
C TRP D 169 7.76 55.49 19.55
N PHE D 170 7.52 54.24 19.14
CA PHE D 170 7.00 53.93 17.80
C PHE D 170 5.52 54.23 17.69
N LEU D 171 4.76 53.98 18.75
CA LEU D 171 3.34 54.28 18.75
C LEU D 171 3.14 55.80 18.77
N GLY D 172 4.09 56.49 19.39
CA GLY D 172 4.11 57.94 19.38
C GLY D 172 4.28 58.45 17.97
N GLU D 173 5.26 57.91 17.25
CA GLU D 173 5.51 58.31 15.87
C GLU D 173 4.32 58.01 14.98
N VAL D 174 3.66 56.89 15.22
CA VAL D 174 2.58 56.47 14.35
C VAL D 174 1.33 57.31 14.62
N ALA D 175 1.14 57.68 15.88
CA ALA D 175 0.02 58.54 16.24
C ALA D 175 0.23 59.93 15.68
N HIS D 176 1.49 60.31 15.55
CA HIS D 176 1.82 61.64 15.08
C HIS D 176 1.68 61.74 13.56
N LEU D 177 2.10 60.70 12.86
CA LEU D 177 2.16 60.76 11.40
C LEU D 177 0.83 60.40 10.79
N ASP D 178 0.08 59.55 11.48
CA ASP D 178 -1.18 59.06 10.96
C ASP D 178 -2.33 59.81 11.58
N SER D 179 -3.27 60.25 10.74
CA SER D 179 -4.38 61.06 11.26
C SER D 179 -5.72 60.58 10.73
N GLN D 180 -5.72 59.43 10.08
CA GLN D 180 -6.94 58.88 9.50
C GLN D 180 -7.57 57.81 10.38
N HIS D 181 -6.71 56.95 10.92
CA HIS D 181 -7.14 55.73 11.59
C HIS D 181 -7.08 55.85 13.09
N ALA D 182 -8.01 55.23 13.79
CA ALA D 182 -7.87 55.07 15.23
C ALA D 182 -6.74 54.07 15.41
N ILE D 183 -6.03 54.13 16.53
CA ILE D 183 -4.97 53.15 16.74
C ILE D 183 -5.21 52.36 18.00
N VAL D 184 -5.44 51.07 17.87
CA VAL D 184 -5.54 50.21 19.04
C VAL D 184 -4.26 49.40 19.22
N ALA D 185 -3.74 49.39 20.44
CA ALA D 185 -2.48 48.72 20.75
C ALA D 185 -2.65 47.69 21.89
N HIS D 186 -2.54 46.41 21.53
CA HIS D 186 -2.76 45.29 22.45
C HIS D 186 -1.42 44.71 22.92
N PHE D 187 -1.25 44.58 24.23
CA PHE D 187 0.01 44.08 24.81
C PHE D 187 -0.21 42.78 25.59
N HIS D 188 0.73 41.84 25.52
CA HIS D 188 0.57 40.52 26.13
C HIS D 188 1.64 40.18 27.15
N GLU D 189 1.22 40.02 28.41
CA GLU D 189 2.11 39.63 29.50
C GLU D 189 3.02 40.78 29.94
N TRP D 190 3.51 40.75 31.18
CA TRP D 190 4.24 41.88 31.76
C TRP D 190 5.50 42.32 31.01
N LEU D 191 6.24 41.36 30.48
CA LEU D 191 7.48 41.66 29.76
C LEU D 191 7.26 42.63 28.61
N ALA D 192 6.10 42.55 27.98
CA ALA D 192 5.75 43.49 26.92
C ALA D 192 4.92 44.65 27.47
N GLY D 193 4.86 44.76 28.80
CA GLY D 193 3.97 45.70 29.47
C GLY D 193 4.45 47.11 29.77
N VAL D 194 5.75 47.35 29.70
CA VAL D 194 6.28 48.65 30.13
C VAL D 194 5.76 49.79 29.25
N ALA D 195 5.44 49.49 28.01
CA ALA D 195 4.98 50.52 27.09
C ALA D 195 3.67 51.15 27.57
N LEU D 196 2.94 50.44 28.43
CA LEU D 196 1.61 50.89 28.85
C LEU D 196 1.59 52.13 29.72
N PRO D 197 2.36 52.14 30.83
CA PRO D 197 2.49 53.36 31.64
C PRO D 197 2.94 54.57 30.82
N LEU D 198 3.95 54.40 29.97
CA LEU D 198 4.47 55.49 29.15
C LEU D 198 3.37 56.02 28.25
N CYS D 199 2.56 55.12 27.71
CA CYS D 199 1.48 55.55 26.81
C CYS D 199 0.43 56.41 27.52
N ARG D 200 0.06 56.04 28.74
CA ARG D 200 -0.96 56.79 29.47
C ARG D 200 -0.41 58.09 30.02
N LYS D 201 0.77 58.03 30.62
CA LYS D 201 1.40 59.21 31.17
C LYS D 201 1.69 60.23 30.06
N ARG D 202 2.20 59.76 28.92
CA ARG D 202 2.57 60.66 27.83
C ARG D 202 1.36 61.07 27.02
N ARG D 203 0.21 60.50 27.35
CA ARG D 203 -1.03 60.85 26.68
C ARG D 203 -1.04 60.57 25.17
N ILE D 204 -0.27 59.57 24.73
CA ILE D 204 -0.26 59.13 23.32
C ILE D 204 -1.67 58.86 22.83
N ASP D 205 -1.94 59.18 21.56
CA ASP D 205 -3.29 59.01 21.03
C ASP D 205 -3.55 57.62 20.42
N VAL D 206 -3.41 56.59 21.25
CA VAL D 206 -3.79 55.23 20.91
C VAL D 206 -4.67 54.70 22.02
N VAL D 207 -5.45 53.66 21.74
CA VAL D 207 -6.17 52.98 22.82
C VAL D 207 -5.56 51.63 23.09
N THR D 208 -5.34 51.32 24.36
CA THR D 208 -4.52 50.17 24.73
C THR D 208 -5.28 49.06 25.45
N ILE D 209 -4.90 47.82 25.15
CA ILE D 209 -5.40 46.63 25.84
C ILE D 209 -4.24 45.88 26.50
N PHE D 210 -4.41 45.44 27.74
CA PHE D 210 -3.43 44.57 28.36
C PHE D 210 -4.06 43.24 28.70
N THR D 211 -3.45 42.16 28.20
CA THR D 211 -3.87 40.79 28.53
C THR D 211 -2.79 40.08 29.32
N THR D 212 -3.14 39.52 30.47
CA THR D 212 -2.21 38.74 31.26
C THR D 212 -2.59 37.28 31.17
N HIS D 213 -1.59 36.43 30.97
CA HIS D 213 -1.83 35.00 30.77
C HIS D 213 -1.52 34.20 32.03
N ALA D 214 -1.30 34.92 33.11
CA ALA D 214 -0.95 34.36 34.40
C ALA D 214 -0.67 35.58 35.25
N THR D 215 -0.26 35.38 36.49
CA THR D 215 0.18 36.52 37.27
C THR D 215 1.52 36.14 37.86
N LEU D 216 2.33 37.12 38.23
CA LEU D 216 3.63 36.78 38.77
C LEU D 216 3.44 36.11 40.12
N LEU D 217 2.56 36.67 40.94
CA LEU D 217 2.35 36.11 42.27
C LEU D 217 1.64 34.77 42.18
N GLY D 218 0.66 34.66 41.29
CA GLY D 218 0.06 33.37 41.01
C GLY D 218 1.09 32.26 40.94
N ARG D 219 2.06 32.40 40.04
CA ARG D 219 3.05 31.34 39.83
C ARG D 219 3.95 31.12 41.03
N TYR D 220 4.51 32.18 41.59
CA TYR D 220 5.45 32.04 42.70
C TYR D 220 4.82 31.47 43.98
N LEU D 221 3.55 31.78 44.21
CA LEU D 221 2.83 31.26 45.37
C LEU D 221 2.53 29.77 45.25
N CYS D 222 2.21 29.31 44.04
CA CYS D 222 1.87 27.92 43.83
C CYS D 222 3.07 27.02 43.62
N ALA D 223 4.26 27.60 43.53
CA ALA D 223 5.47 26.84 43.24
C ALA D 223 6.01 26.05 44.43
N SER D 224 5.21 25.90 45.48
CA SER D 224 5.64 25.16 46.66
C SER D 224 4.76 23.93 46.98
N GLY D 225 3.44 24.13 47.03
CA GLY D 225 2.52 23.05 47.35
C GLY D 225 1.63 23.40 48.54
N ASP D 228 -0.44 26.32 49.39
CA ASP D 228 -1.84 26.57 49.03
C ASP D 228 -2.02 27.92 48.30
N PHE D 229 -3.10 28.00 47.51
CA PHE D 229 -3.42 29.18 46.67
C PHE D 229 -4.86 29.66 46.85
N TYR D 230 -5.80 28.95 46.23
CA TYR D 230 -7.12 29.51 45.91
C TYR D 230 -7.99 29.99 47.08
N ASN D 231 -7.63 29.61 48.30
CA ASN D 231 -8.42 30.05 49.45
C ASN D 231 -7.89 31.34 50.05
N CYS D 232 -6.61 31.35 50.37
CA CYS D 232 -6.03 32.51 51.03
C CYS D 232 -5.20 33.39 50.10
N LEU D 233 -5.65 33.55 48.86
CA LEU D 233 -5.00 34.51 47.95
C LEU D 233 -5.66 35.86 48.05
N GLU D 234 -6.93 35.88 48.44
CA GLU D 234 -7.67 37.14 48.55
C GLU D 234 -7.17 37.90 49.75
N SER D 235 -6.40 37.22 50.59
CA SER D 235 -5.94 37.78 51.85
C SER D 235 -4.42 37.83 51.97
N VAL D 236 -3.73 38.09 50.86
CA VAL D 236 -2.27 38.22 50.93
C VAL D 236 -1.80 39.65 50.67
N ASP D 237 -0.82 40.06 51.45
CA ASP D 237 -0.17 41.33 51.26
C ASP D 237 0.75 41.21 50.05
N VAL D 238 0.25 41.67 48.91
CA VAL D 238 0.97 41.60 47.66
C VAL D 238 2.35 42.25 47.73
N ASP D 239 2.42 43.48 48.21
CA ASP D 239 3.71 44.15 48.31
C ASP D 239 4.69 43.30 49.11
N HIS D 240 4.25 42.74 50.22
CA HIS D 240 5.13 41.91 51.05
C HIS D 240 5.56 40.60 50.38
N GLU D 241 4.60 39.85 49.83
CA GLU D 241 4.90 38.58 49.19
C GLU D 241 5.83 38.74 48.00
N ALA D 242 5.55 39.72 47.15
CA ALA D 242 6.44 40.04 46.04
C ALA D 242 7.88 40.23 46.52
N GLY D 243 8.07 41.02 47.57
CA GLY D 243 9.37 41.18 48.19
C GLY D 243 10.03 39.87 48.61
N ARG D 244 9.35 39.10 49.45
CA ARG D 244 9.86 37.81 49.90
C ARG D 244 10.38 36.93 48.76
N PHE D 245 9.78 37.05 47.57
CA PHE D 245 10.22 36.26 46.42
C PHE D 245 11.28 36.97 45.56
N GLY D 246 11.59 38.21 45.91
CA GLY D 246 12.54 39.01 45.14
C GLY D 246 12.00 39.37 43.78
N ILE D 247 10.72 39.66 43.74
CA ILE D 247 9.97 39.78 42.50
C ILE D 247 9.44 41.20 42.33
N TYR D 248 9.64 42.01 43.37
CA TYR D 248 8.93 43.29 43.47
C TYR D 248 8.86 44.08 42.17
N HIS D 249 10.02 44.39 41.60
CA HIS D 249 10.10 45.20 40.40
C HIS D 249 9.32 44.60 39.21
N ARG D 250 9.35 43.28 39.11
CA ARG D 250 8.57 42.60 38.08
C ARG D 250 7.09 42.74 38.40
N TYR D 251 6.75 42.60 39.68
CA TYR D 251 5.37 42.80 40.09
C TYR D 251 4.87 44.20 39.73
N CYS D 252 5.63 45.23 40.08
CA CYS D 252 5.32 46.61 39.74
C CYS D 252 5.07 46.88 38.25
N ILE D 253 5.76 46.14 37.37
CA ILE D 253 5.54 46.25 35.94
C ILE D 253 4.21 45.61 35.53
N GLU D 254 3.92 44.44 36.06
CA GLU D 254 2.69 43.74 35.71
C GLU D 254 1.52 44.57 36.22
N ARG D 255 1.71 45.21 37.35
CA ARG D 255 0.65 46.00 37.97
C ARG D 255 0.43 47.30 37.18
N ALA D 256 1.52 48.01 36.92
CA ALA D 256 1.43 49.23 36.15
C ALA D 256 0.76 48.97 34.80
N ALA D 257 1.07 47.84 34.17
CA ALA D 257 0.49 47.52 32.87
C ALA D 257 -1.01 47.29 32.97
N ALA D 258 -1.45 46.53 33.97
CA ALA D 258 -2.87 46.27 34.14
C ALA D 258 -3.62 47.55 34.48
N HIS D 259 -2.97 48.45 35.20
CA HIS D 259 -3.64 49.68 35.63
C HIS D 259 -3.65 50.77 34.56
N SER D 260 -2.60 50.83 33.75
CA SER D 260 -2.43 51.89 32.78
C SER D 260 -3.15 51.62 31.47
N ALA D 261 -3.80 50.47 31.37
CA ALA D 261 -4.44 50.07 30.13
C ALA D 261 -5.92 50.43 30.07
N ASP D 262 -6.38 50.84 28.90
CA ASP D 262 -7.78 51.17 28.72
C ASP D 262 -8.68 49.95 28.99
N VAL D 263 -8.23 48.79 28.55
CA VAL D 263 -8.91 47.52 28.80
C VAL D 263 -7.94 46.50 29.41
N PHE D 264 -8.34 45.93 30.55
CA PHE D 264 -7.57 44.86 31.20
C PHE D 264 -8.29 43.52 31.06
N THR D 265 -7.62 42.53 30.48
CA THR D 265 -8.23 41.20 30.28
C THR D 265 -7.30 40.10 30.77
N THR D 266 -7.82 38.88 30.88
CA THR D 266 -7.00 37.72 31.19
C THR D 266 -7.50 36.55 30.35
N VAL D 267 -6.77 35.44 30.31
CA VAL D 267 -7.15 34.35 29.41
C VAL D 267 -8.36 33.57 29.85
N SER D 268 -8.56 33.46 31.16
CA SER D 268 -9.54 32.54 31.69
C SER D 268 -10.26 33.15 32.89
N GLN D 269 -11.47 32.66 33.16
CA GLN D 269 -12.21 33.14 34.31
C GLN D 269 -11.49 32.94 35.63
N ILE D 270 -10.75 31.84 35.76
CA ILE D 270 -10.02 31.56 37.00
C ILE D 270 -8.88 32.56 37.22
N THR D 271 -8.24 32.95 36.13
CA THR D 271 -7.11 33.88 36.19
C THR D 271 -7.61 35.33 36.35
N ALA D 272 -8.88 35.56 36.00
CA ALA D 272 -9.51 36.83 36.29
C ALA D 272 -9.71 36.97 37.78
N PHE D 273 -10.04 35.86 38.44
CA PHE D 273 -10.22 35.88 39.89
C PHE D 273 -8.88 36.18 40.57
N GLU D 274 -7.89 35.38 40.23
CA GLU D 274 -6.53 35.56 40.72
C GLU D 274 -6.04 36.96 40.45
N ALA D 275 -6.32 37.49 39.26
CA ALA D 275 -5.77 38.77 38.86
C ALA D 275 -6.41 39.92 39.62
N GLU D 276 -7.70 39.79 39.91
CA GLU D 276 -8.43 40.86 40.55
C GLU D 276 -7.90 41.11 41.95
N HIS D 277 -7.41 40.06 42.60
CA HIS D 277 -6.99 40.18 43.98
C HIS D 277 -5.50 40.43 44.13
N LEU D 278 -4.71 39.86 43.23
CA LEU D 278 -3.26 40.02 43.26
C LEU D 278 -2.75 41.24 42.51
N LEU D 279 -3.46 41.68 41.46
CA LEU D 279 -3.06 42.86 40.70
C LEU D 279 -3.94 44.06 41.03
N LYS D 280 -4.97 43.82 41.83
CA LYS D 280 -5.86 44.87 42.32
C LYS D 280 -6.59 45.64 41.20
N ARG D 281 -7.06 44.91 40.20
CA ARG D 281 -7.96 45.48 39.20
C ARG D 281 -8.77 44.37 38.56
N LYS D 282 -10.08 44.50 38.62
CA LYS D 282 -10.95 43.48 38.04
C LYS D 282 -10.89 43.54 36.51
N PRO D 283 -10.56 42.41 35.87
CA PRO D 283 -10.50 42.34 34.41
C PRO D 283 -11.80 42.81 33.79
N ASP D 284 -11.70 43.54 32.67
CA ASP D 284 -12.87 44.00 31.97
C ASP D 284 -13.46 42.87 31.15
N GLY D 285 -12.90 41.67 31.29
CA GLY D 285 -13.36 40.54 30.51
C GLY D 285 -12.31 39.48 30.28
N ILE D 286 -12.68 38.47 29.49
CA ILE D 286 -11.90 37.25 29.34
C ILE D 286 -11.57 37.01 27.87
N LEU D 287 -10.35 36.57 27.61
CA LEU D 287 -9.91 36.28 26.25
C LEU D 287 -9.37 34.85 26.15
N PRO D 288 -10.26 33.88 26.07
CA PRO D 288 -9.90 32.46 26.10
C PRO D 288 -9.18 32.11 24.83
N ASN D 289 -8.26 31.15 24.90
CA ASN D 289 -7.45 30.73 23.74
C ASN D 289 -8.14 29.71 22.84
N GLY D 290 -8.46 30.11 21.62
CA GLY D 290 -9.04 29.18 20.66
C GLY D 290 -7.92 28.41 19.98
N LEU D 291 -8.27 27.53 19.06
CA LEU D 291 -7.28 26.83 18.24
C LEU D 291 -7.64 26.92 16.77
N ASN D 292 -6.71 26.51 15.92
CA ASN D 292 -6.96 26.44 14.49
C ASN D 292 -7.50 25.05 14.17
N VAL D 293 -8.76 24.80 14.52
CA VAL D 293 -9.33 23.44 14.54
C VAL D 293 -9.14 22.65 13.25
N ILE D 294 -9.03 23.35 12.13
CA ILE D 294 -8.79 22.69 10.84
C ILE D 294 -7.45 21.95 10.81
N LYS D 295 -6.46 22.50 11.51
CA LYS D 295 -5.11 21.97 11.52
C LYS D 295 -5.02 20.59 12.20
N PHE D 296 -6.09 20.20 12.88
CA PHE D 296 -6.17 18.89 13.50
C PHE D 296 -7.00 17.96 12.62
N GLN D 297 -8.31 18.22 12.57
CA GLN D 297 -9.21 17.48 11.68
C GLN D 297 -9.14 18.03 10.25
N ASN D 304 -11.09 5.97 9.85
CA ASN D 304 -11.53 5.22 11.02
C ASN D 304 -10.88 5.74 12.33
N LEU D 305 -9.80 6.50 12.12
CA LEU D 305 -8.85 7.02 13.14
C LEU D 305 -8.70 6.40 14.54
N HIS D 306 -9.66 6.62 15.43
CA HIS D 306 -9.47 6.12 16.80
C HIS D 306 -9.05 4.65 16.79
N ALA D 307 -9.80 3.82 16.09
CA ALA D 307 -9.53 2.39 16.07
C ALA D 307 -8.21 2.06 15.38
N LEU D 308 -7.92 2.75 14.30
CA LEU D 308 -6.67 2.55 13.58
C LEU D 308 -5.45 2.84 14.45
N LYS D 309 -5.57 3.85 15.31
CA LYS D 309 -4.45 4.31 16.13
C LYS D 309 -4.34 3.52 17.44
N LYS D 310 -5.48 3.20 18.06
CA LYS D 310 -5.50 2.38 19.27
C LYS D 310 -4.77 1.08 19.02
N GLU D 311 -4.76 0.63 17.78
CA GLU D 311 -4.05 -0.59 17.43
C GLU D 311 -2.55 -0.44 17.62
N LYS D 312 -2.01 0.75 17.39
CA LYS D 312 -0.58 0.95 17.58
C LYS D 312 -0.25 0.93 19.07
N ILE D 313 -1.20 1.33 19.91
CA ILE D 313 -0.99 1.25 21.35
C ILE D 313 -1.09 -0.21 21.80
N ASN D 314 -2.10 -0.90 21.32
CA ASN D 314 -2.19 -2.35 21.51
C ASN D 314 -0.86 -3.07 21.29
N ASP D 315 -0.16 -2.75 20.20
CA ASP D 315 1.13 -3.39 19.89
C ASP D 315 2.15 -3.12 21.00
N PHE D 316 2.15 -1.90 21.52
CA PHE D 316 3.06 -1.52 22.61
C PHE D 316 2.71 -2.25 23.89
N VAL D 317 1.44 -2.22 24.26
CA VAL D 317 0.98 -2.93 25.45
C VAL D 317 1.39 -4.40 25.42
N ARG D 318 1.32 -5.03 24.26
CA ARG D 318 1.65 -6.45 24.16
C ARG D 318 3.12 -6.68 24.38
N GLY D 319 3.94 -5.82 23.77
CA GLY D 319 5.38 -5.93 23.94
C GLY D 319 5.85 -5.60 25.34
N HIS D 320 4.97 -4.96 26.11
CA HIS D 320 5.35 -4.50 27.43
C HIS D 320 4.99 -5.54 28.48
N PHE D 321 3.81 -6.12 28.32
CA PHE D 321 3.31 -7.13 29.23
C PHE D 321 3.64 -8.56 28.74
N HIS D 322 4.56 -8.65 27.79
CA HIS D 322 4.96 -9.95 27.26
C HIS D 322 5.33 -10.84 28.42
N GLY D 323 4.89 -12.09 28.35
CA GLY D 323 5.26 -13.05 29.36
C GLY D 323 4.24 -13.10 30.49
N CYS D 324 3.41 -12.06 30.57
CA CYS D 324 2.31 -12.08 31.51
C CYS D 324 1.20 -11.14 31.05
N PHE D 325 0.67 -11.48 29.89
CA PHE D 325 -0.45 -10.77 29.30
C PHE D 325 -1.71 -11.54 29.65
N ASP D 326 -2.31 -11.15 30.77
CA ASP D 326 -3.42 -11.90 31.35
C ASP D 326 -4.73 -11.13 31.30
N PHE D 327 -4.89 -10.23 30.34
CA PHE D 327 -6.11 -9.44 30.27
C PHE D 327 -6.56 -9.17 28.84
N ASP D 328 -7.79 -8.71 28.67
CA ASP D 328 -8.40 -8.63 27.35
C ASP D 328 -8.43 -7.23 26.78
N LEU D 329 -7.69 -7.01 25.69
CA LEU D 329 -7.59 -5.67 25.12
C LEU D 329 -8.93 -5.15 24.61
N ASP D 330 -9.86 -6.06 24.31
CA ASP D 330 -11.20 -5.66 23.90
C ASP D 330 -11.96 -5.17 25.12
N ASN D 331 -11.33 -5.28 26.27
CA ASN D 331 -11.97 -4.89 27.52
C ASN D 331 -11.06 -4.00 28.37
N THR D 332 -10.02 -3.43 27.76
CA THR D 332 -9.18 -2.45 28.46
C THR D 332 -9.36 -1.04 27.93
N LEU D 333 -9.19 -0.07 28.82
CA LEU D 333 -9.33 1.33 28.45
C LEU D 333 -7.99 2.05 28.66
N TYR D 334 -7.67 2.96 27.75
CA TYR D 334 -6.43 3.71 27.86
C TYR D 334 -6.63 5.11 28.46
N PHE D 335 -6.08 5.32 29.65
CA PHE D 335 -6.11 6.64 30.28
C PHE D 335 -4.74 7.23 30.08
N PHE D 336 -4.66 8.56 29.91
CA PHE D 336 -3.36 9.19 29.81
C PHE D 336 -3.40 10.59 30.35
N ILE D 337 -2.33 10.97 31.05
CA ILE D 337 -2.05 12.36 31.38
C ILE D 337 -0.82 12.76 30.58
N ALA D 338 -0.78 13.98 30.08
CA ALA D 338 0.40 14.47 29.37
C ALA D 338 0.62 15.94 29.68
N GLY D 339 1.79 16.46 29.34
CA GLY D 339 2.06 17.87 29.47
C GLY D 339 3.40 18.08 30.15
N ARG D 340 3.77 19.34 30.36
CA ARG D 340 4.99 19.67 31.08
C ARG D 340 5.06 18.88 32.38
N TYR D 341 6.27 18.58 32.84
CA TYR D 341 6.45 17.81 34.06
C TYR D 341 6.39 18.68 35.31
N GLU D 342 5.21 19.24 35.58
CA GLU D 342 4.99 19.97 36.81
C GLU D 342 4.19 19.10 37.78
N TYR D 343 4.90 18.38 38.63
CA TYR D 343 4.28 17.34 39.45
C TYR D 343 3.03 17.79 40.19
N LYS D 344 3.16 18.80 41.05
CA LYS D 344 2.03 19.28 41.83
C LYS D 344 1.02 20.04 40.97
N ASN D 345 1.52 20.90 40.09
CA ASN D 345 0.67 21.83 39.34
C ASN D 345 -0.15 21.23 38.21
N LYS D 346 0.44 20.28 37.48
CA LYS D 346 -0.32 19.60 36.43
C LYS D 346 -1.13 18.47 37.05
N GLY D 347 -1.02 18.32 38.36
CA GLY D 347 -1.79 17.35 39.10
C GLY D 347 -1.51 15.89 38.75
N ALA D 348 -0.23 15.56 38.62
CA ALA D 348 0.18 14.17 38.39
C ALA D 348 0.06 13.40 39.70
N ASP D 349 0.36 14.07 40.81
CA ASP D 349 0.14 13.50 42.14
C ASP D 349 -1.29 12.96 42.26
N MET D 350 -2.28 13.83 42.14
CA MET D 350 -3.68 13.41 42.20
C MET D 350 -4.02 12.31 41.20
N PHE D 351 -3.40 12.34 40.03
CA PHE D 351 -3.69 11.36 38.99
C PHE D 351 -3.25 9.99 39.44
N ILE D 352 -2.05 9.90 39.99
CA ILE D 352 -1.52 8.62 40.43
C ILE D 352 -2.28 8.11 41.65
N GLU D 353 -2.43 8.96 42.66
CA GLU D 353 -3.21 8.60 43.84
C GLU D 353 -4.59 8.11 43.45
N ALA D 354 -5.33 8.93 42.71
CA ALA D 354 -6.68 8.58 42.28
C ALA D 354 -6.74 7.29 41.47
N LEU D 355 -5.66 6.92 40.78
CA LEU D 355 -5.61 5.65 40.07
C LEU D 355 -5.50 4.49 41.05
N ALA D 356 -4.63 4.61 42.04
CA ALA D 356 -4.49 3.58 43.07
C ALA D 356 -5.83 3.32 43.74
N ARG D 357 -6.60 4.37 43.94
CA ARG D 357 -7.89 4.24 44.60
C ARG D 357 -8.92 3.61 43.67
N LEU D 358 -8.74 3.82 42.38
CA LEU D 358 -9.62 3.25 41.38
C LEU D 358 -9.27 1.78 41.24
N ASN D 359 -8.03 1.43 41.58
CA ASN D 359 -7.58 0.05 41.54
C ASN D 359 -8.27 -0.73 42.63
N TYR D 360 -8.30 -0.14 43.81
CA TYR D 360 -9.03 -0.70 44.94
C TYR D 360 -10.48 -0.94 44.53
N ARG D 361 -11.17 0.12 44.13
CA ARG D 361 -12.57 -0.01 43.77
C ARG D 361 -12.84 -1.13 42.76
N LEU D 362 -11.94 -1.29 41.80
CA LEU D 362 -12.16 -2.25 40.73
C LEU D 362 -11.86 -3.69 41.13
N LYS D 363 -10.90 -3.88 42.05
CA LYS D 363 -10.62 -5.20 42.60
C LYS D 363 -11.82 -5.64 43.45
N VAL D 364 -12.21 -4.80 44.40
CA VAL D 364 -13.37 -5.04 45.24
C VAL D 364 -14.65 -5.32 44.46
N SER D 365 -15.04 -4.42 43.57
CA SER D 365 -16.26 -4.64 42.80
C SER D 365 -16.09 -5.82 41.83
N GLY D 366 -14.96 -6.51 41.96
CA GLY D 366 -14.64 -7.65 41.11
C GLY D 366 -14.82 -7.41 39.62
N SER D 367 -14.37 -6.24 39.14
CA SER D 367 -14.58 -5.88 37.74
C SER D 367 -13.68 -6.68 36.81
N LYS D 368 -14.15 -6.90 35.59
CA LYS D 368 -13.40 -7.66 34.59
C LYS D 368 -12.62 -6.75 33.63
N LYS D 369 -12.82 -5.44 33.78
CA LYS D 369 -12.16 -4.44 32.93
C LYS D 369 -10.75 -4.10 33.40
N THR D 370 -9.89 -3.68 32.46
CA THR D 370 -8.53 -3.26 32.81
C THR D 370 -8.23 -1.86 32.31
N VAL D 371 -7.62 -1.04 33.16
CA VAL D 371 -7.18 0.29 32.75
C VAL D 371 -5.65 0.39 32.68
N VAL D 372 -5.14 0.75 31.51
CA VAL D 372 -3.71 0.99 31.33
C VAL D 372 -3.46 2.50 31.30
N ALA D 373 -2.79 3.01 32.32
CA ALA D 373 -2.60 4.46 32.46
C ALA D 373 -1.21 4.91 32.03
N PHE D 374 -1.18 5.81 31.04
CA PHE D 374 0.06 6.38 30.53
C PHE D 374 0.35 7.76 31.12
N ILE D 375 1.53 7.92 31.68
CA ILE D 375 2.00 9.24 32.08
C ILE D 375 3.07 9.67 31.09
N VAL D 376 2.72 10.60 30.20
CA VAL D 376 3.66 11.11 29.23
C VAL D 376 4.15 12.49 29.67
N MET D 377 5.22 12.49 30.46
CA MET D 377 5.76 13.74 31.00
C MET D 377 7.28 13.78 30.90
N PRO D 378 7.80 14.43 29.85
CA PRO D 378 9.24 14.49 29.56
C PRO D 378 10.07 14.79 30.79
N ALA D 379 10.98 13.88 31.12
CA ALA D 379 11.94 14.06 32.20
C ALA D 379 13.38 13.77 31.73
N LYS D 380 14.35 14.09 32.57
CA LYS D 380 15.74 13.78 32.30
C LYS D 380 15.93 12.25 32.32
N ASN D 381 16.33 11.70 31.18
CA ASN D 381 16.49 10.25 31.06
C ASN D 381 17.70 9.82 30.22
N ASN D 382 17.92 8.52 30.15
CA ASN D 382 18.98 7.94 29.31
C ASN D 382 18.44 6.99 28.25
N SER D 383 17.52 7.47 27.42
CA SER D 383 16.82 6.65 26.43
C SER D 383 16.15 5.41 27.04
N PHE D 384 15.74 4.47 26.19
CA PHE D 384 14.94 3.33 26.63
C PHE D 384 15.72 2.29 27.42
N THR D 385 15.05 1.65 28.38
CA THR D 385 15.65 0.57 29.19
C THR D 385 15.83 -0.68 28.36
N VAL D 386 16.95 -1.36 28.53
CA VAL D 386 17.19 -2.61 27.82
C VAL D 386 16.00 -3.58 27.95
N GLU D 387 15.42 -3.65 29.14
CA GLU D 387 14.25 -4.46 29.36
C GLU D 387 13.11 -4.12 28.38
N ALA D 388 12.65 -2.88 28.42
CA ALA D 388 11.54 -2.43 27.58
C ALA D 388 11.81 -2.67 26.11
N LEU D 389 13.04 -2.44 25.69
CA LEU D 389 13.41 -2.56 24.29
C LEU D 389 13.38 -3.98 23.81
N LYS D 390 13.65 -4.91 24.72
CA LYS D 390 13.65 -6.34 24.41
C LYS D 390 12.25 -6.79 24.09
N GLY D 391 11.36 -6.67 25.08
CA GLY D 391 9.95 -6.97 24.93
C GLY D 391 9.37 -6.67 23.56
N GLN D 392 9.58 -5.45 23.05
CA GLN D 392 8.98 -5.08 21.77
C GLN D 392 9.61 -5.86 20.63
N ALA D 393 10.93 -6.00 20.70
CA ALA D 393 11.66 -6.76 19.70
C ALA D 393 11.09 -8.16 19.58
N GLU D 394 10.93 -8.81 20.73
CA GLU D 394 10.53 -10.19 20.75
C GLU D 394 9.13 -10.34 20.18
N VAL D 395 8.21 -9.50 20.62
CA VAL D 395 6.83 -9.55 20.13
C VAL D 395 6.79 -9.20 18.65
N ARG D 396 7.61 -8.25 18.23
CA ARG D 396 7.66 -7.85 16.84
C ARG D 396 8.13 -9.03 16.00
N ALA D 397 8.94 -9.90 16.62
CA ALA D 397 9.44 -11.08 15.95
C ALA D 397 8.38 -12.17 15.88
N LEU D 398 7.55 -12.25 16.92
CA LEU D 398 6.48 -13.23 16.93
C LEU D 398 5.62 -12.92 15.73
N GLU D 399 5.36 -11.63 15.53
CA GLU D 399 4.48 -11.15 14.47
C GLU D 399 4.98 -11.53 13.09
N ASN D 400 6.30 -11.45 12.87
CA ASN D 400 6.87 -11.87 11.59
C ASN D 400 6.77 -13.37 11.40
N THR D 401 7.12 -14.12 12.44
CA THR D 401 7.02 -15.56 12.39
C THR D 401 5.60 -15.96 12.07
N VAL D 402 4.63 -15.39 12.78
CA VAL D 402 3.23 -15.73 12.58
C VAL D 402 2.81 -15.41 11.15
N HIS D 403 3.20 -14.24 10.66
CA HIS D 403 2.89 -13.85 9.29
C HIS D 403 3.55 -14.79 8.27
N GLU D 404 4.82 -15.08 8.44
CA GLU D 404 5.52 -16.04 7.57
C GLU D 404 4.80 -17.37 7.57
N VAL D 405 4.55 -17.87 8.77
CA VAL D 405 3.89 -19.15 8.89
C VAL D 405 2.50 -19.14 8.27
N THR D 406 1.74 -18.07 8.51
CA THR D 406 0.36 -18.04 8.00
C THR D 406 0.29 -17.98 6.48
N THR D 407 1.21 -17.27 5.83
CA THR D 407 1.16 -17.23 4.38
C THR D 407 1.63 -18.56 3.82
N SER D 408 2.56 -19.21 4.52
CA SER D 408 2.94 -20.57 4.18
C SER D 408 1.69 -21.43 4.09
N ILE D 409 0.82 -21.28 5.08
CA ILE D 409 -0.44 -22.03 5.12
C ILE D 409 -1.37 -21.64 3.96
N GLY D 410 -1.66 -20.36 3.84
CA GLY D 410 -2.41 -19.85 2.70
C GLY D 410 -1.93 -20.40 1.36
N LYS D 411 -0.63 -20.42 1.14
CA LYS D 411 -0.10 -20.98 -0.09
C LYS D 411 -0.45 -22.46 -0.22
N ARG D 412 -0.26 -23.21 0.86
CA ARG D 412 -0.56 -24.65 0.84
C ARG D 412 -2.05 -24.96 0.69
N ILE D 413 -2.91 -24.13 1.27
CA ILE D 413 -4.35 -24.36 1.17
C ILE D 413 -4.84 -24.07 -0.24
N PHE D 414 -4.34 -23.00 -0.82
CA PHE D 414 -4.75 -22.59 -2.16
C PHE D 414 -4.26 -23.61 -3.18
N ASP D 415 -2.97 -23.91 -3.11
CA ASP D 415 -2.36 -24.83 -4.07
C ASP D 415 -3.08 -26.17 -4.06
N HIS D 416 -3.56 -26.58 -2.89
CA HIS D 416 -4.36 -27.79 -2.79
C HIS D 416 -5.64 -27.59 -3.59
N ALA D 417 -6.49 -26.69 -3.11
CA ALA D 417 -7.78 -26.43 -3.77
C ALA D 417 -7.69 -26.23 -5.29
N ILE D 418 -6.75 -25.41 -5.75
CA ILE D 418 -6.66 -25.14 -7.17
C ILE D 418 -6.33 -26.41 -7.97
N ARG D 419 -5.65 -27.35 -7.34
CA ARG D 419 -5.27 -28.60 -8.00
C ARG D 419 -6.42 -29.61 -8.01
N TYR D 420 -7.39 -29.39 -7.12
CA TYR D 420 -8.49 -30.33 -6.90
C TYR D 420 -9.27 -30.72 -8.15
N PRO D 421 -9.42 -32.03 -8.39
CA PRO D 421 -8.82 -33.10 -7.57
C PRO D 421 -7.29 -33.20 -7.70
N GLY D 434 -5.14 -32.15 10.64
CA GLY D 434 -4.32 -32.54 9.51
C GLY D 434 -2.95 -31.88 9.55
N GLU D 435 -2.72 -31.07 10.59
CA GLU D 435 -1.48 -30.33 10.75
C GLU D 435 -1.02 -29.69 9.44
N LEU D 436 -1.46 -28.47 9.20
CA LEU D 436 -1.03 -27.69 8.04
C LEU D 436 0.29 -27.01 8.35
N LEU D 437 0.73 -27.15 9.59
CA LEU D 437 2.00 -26.64 10.06
C LEU D 437 3.07 -27.71 10.04
N LYS D 438 3.98 -27.67 9.07
CA LYS D 438 5.07 -28.64 9.08
C LYS D 438 5.94 -28.50 10.34
N SER D 439 6.89 -29.41 10.51
CA SER D 439 7.79 -29.34 11.66
C SER D 439 8.64 -28.06 11.62
N SER D 440 9.05 -27.69 10.41
CA SER D 440 9.86 -26.49 10.24
C SER D 440 9.21 -25.28 10.93
N ASP D 441 7.90 -25.16 10.78
CA ASP D 441 7.16 -23.98 11.23
C ASP D 441 6.87 -24.01 12.73
N LYS D 442 6.64 -25.21 13.27
CA LYS D 442 6.38 -25.41 14.69
C LYS D 442 7.59 -25.07 15.55
N VAL D 443 8.78 -25.35 15.02
CA VAL D 443 9.99 -25.01 15.74
C VAL D 443 10.13 -23.50 15.87
N MET D 444 10.09 -22.78 14.75
CA MET D 444 10.24 -21.32 14.84
C MET D 444 9.11 -20.66 15.63
N LEU D 445 7.90 -21.19 15.55
CA LEU D 445 6.82 -20.70 16.42
C LEU D 445 7.17 -20.88 17.90
N LYS D 446 7.60 -22.08 18.28
CA LYS D 446 7.92 -22.38 19.68
C LYS D 446 9.05 -21.51 20.24
N ARG D 447 10.08 -21.25 19.42
CA ARG D 447 11.15 -20.39 19.89
C ARG D 447 10.60 -19.02 20.21
N ARG D 448 9.86 -18.48 19.25
CA ARG D 448 9.29 -17.15 19.39
C ARG D 448 8.41 -17.03 20.62
N ILE D 449 7.68 -18.09 20.94
CA ILE D 449 6.83 -18.09 22.12
C ILE D 449 7.62 -18.15 23.43
N LEU D 450 8.73 -18.87 23.44
CA LEU D 450 9.53 -19.03 24.64
C LEU D 450 10.34 -17.78 24.92
N ALA D 451 10.71 -17.07 23.86
CA ALA D 451 11.49 -15.85 24.00
C ALA D 451 10.70 -14.78 24.75
N LEU D 452 9.44 -15.05 25.04
CA LEU D 452 8.57 -14.09 25.70
C LEU D 452 8.44 -14.39 27.18
N ARG D 453 8.95 -15.55 27.59
CA ARG D 453 8.94 -15.91 29.00
C ARG D 453 9.76 -14.89 29.73
N ARG D 454 9.21 -14.29 30.78
CA ARG D 454 10.02 -13.41 31.61
C ARG D 454 10.53 -14.08 32.90
N PRO D 455 11.76 -13.72 33.32
CA PRO D 455 12.39 -14.19 34.57
C PRO D 455 11.38 -14.17 35.71
N GLU D 456 11.29 -15.27 36.46
CA GLU D 456 10.28 -15.37 37.52
C GLU D 456 10.22 -14.17 38.46
N GLY D 457 8.99 -13.70 38.71
CA GLY D 457 8.78 -12.59 39.61
C GLY D 457 9.02 -11.23 38.97
N GLN D 458 9.55 -11.22 37.76
CA GLN D 458 9.68 -9.97 37.02
C GLN D 458 8.28 -9.52 36.63
N LEU D 459 7.92 -8.31 37.03
CA LEU D 459 6.65 -7.68 36.65
C LEU D 459 6.95 -6.66 35.56
N PRO D 460 5.96 -6.34 34.72
CA PRO D 460 6.13 -5.35 33.65
C PRO D 460 6.51 -4.00 34.25
N PRO D 461 7.65 -3.43 33.84
CA PRO D 461 8.16 -2.19 34.44
C PRO D 461 7.08 -1.12 34.51
N ILE D 462 7.20 -0.20 35.46
CA ILE D 462 6.29 0.93 35.52
C ILE D 462 6.81 2.07 34.65
N VAL D 463 8.07 1.95 34.23
CA VAL D 463 8.69 3.00 33.45
C VAL D 463 9.36 2.39 32.25
N THR D 464 9.42 3.15 31.16
CA THR D 464 9.96 2.67 29.91
C THR D 464 11.40 3.10 29.73
N HIS D 465 11.80 4.13 30.46
CA HIS D 465 13.11 4.75 30.25
C HIS D 465 14.10 4.55 31.38
N ASN D 466 15.34 4.99 31.14
CA ASN D 466 16.36 5.05 32.17
C ASN D 466 16.32 6.39 32.88
N MET D 467 16.00 6.37 34.16
CA MET D 467 15.88 7.60 34.93
C MET D 467 17.23 8.11 35.47
N VAL D 468 17.55 9.35 35.10
CA VAL D 468 18.78 10.00 35.50
C VAL D 468 18.57 10.58 36.88
N ASP D 469 18.24 9.73 37.85
CA ASP D 469 17.88 10.14 39.21
C ASP D 469 16.71 9.30 39.69
N ASP D 470 16.80 8.01 39.43
CA ASP D 470 15.74 7.06 39.72
C ASP D 470 15.15 7.17 41.13
N ALA D 471 15.99 7.51 42.11
CA ALA D 471 15.55 7.44 43.50
C ALA D 471 14.79 8.66 43.97
N ASN D 472 15.08 9.81 43.36
CA ASN D 472 14.48 11.08 43.77
C ASN D 472 13.24 11.48 42.98
N ASP D 473 13.00 10.82 41.85
CA ASP D 473 11.91 11.19 40.95
C ASP D 473 10.52 11.20 41.59
N LEU D 474 9.79 12.31 41.41
CA LEU D 474 8.51 12.50 42.08
C LEU D 474 7.46 11.50 41.62
N ILE D 475 7.37 11.31 40.30
CA ILE D 475 6.41 10.40 39.70
C ILE D 475 6.68 8.95 40.11
N LEU D 476 7.88 8.45 39.83
CA LEU D 476 8.24 7.10 40.24
C LEU D 476 7.97 6.86 41.73
N ASN D 477 8.44 7.79 42.56
CA ASN D 477 8.27 7.64 44.00
C ASN D 477 6.81 7.61 44.45
N LYS D 478 5.96 8.36 43.76
CA LYS D 478 4.55 8.38 44.13
C LYS D 478 3.87 7.10 43.71
N ILE D 479 4.27 6.54 42.57
CA ILE D 479 3.61 5.31 42.13
C ILE D 479 4.18 4.13 42.89
N ARG D 480 5.37 4.33 43.45
CA ARG D 480 5.95 3.37 44.39
C ARG D 480 5.23 3.39 45.74
N GLN D 481 4.98 4.59 46.26
CA GLN D 481 4.23 4.74 47.52
C GLN D 481 2.79 4.24 47.43
N VAL D 482 2.21 4.22 46.24
CA VAL D 482 0.86 3.69 46.10
C VAL D 482 0.91 2.24 45.65
N GLN D 483 2.13 1.79 45.35
CA GLN D 483 2.39 0.38 45.06
C GLN D 483 1.56 -0.16 43.89
N LEU D 484 1.53 0.58 42.79
CA LEU D 484 0.96 0.07 41.56
C LEU D 484 2.12 -0.52 40.79
N PHE D 485 2.34 -1.81 40.96
CA PHE D 485 3.54 -2.41 40.41
C PHE D 485 3.29 -3.29 39.18
N ASN D 486 2.09 -3.19 38.63
CA ASN D 486 1.72 -3.92 37.42
C ASN D 486 1.58 -5.43 37.55
N SER D 487 1.38 -5.90 38.77
CA SER D 487 1.15 -7.32 39.01
C SER D 487 -0.24 -7.68 38.50
N PRO D 488 -0.46 -8.96 38.13
CA PRO D 488 -1.68 -9.42 37.47
C PRO D 488 -2.98 -9.15 38.23
N SER D 489 -2.88 -9.07 39.56
CA SER D 489 -4.02 -8.80 40.42
C SER D 489 -4.52 -7.35 40.24
N ASP D 490 -3.57 -6.47 39.92
CA ASP D 490 -3.85 -5.04 39.71
C ASP D 490 -4.70 -4.82 38.46
N ARG D 491 -5.82 -4.14 38.63
CA ARG D 491 -6.75 -3.89 37.54
C ARG D 491 -6.53 -2.53 36.85
N VAL D 492 -5.60 -1.73 37.36
CA VAL D 492 -5.05 -0.62 36.57
C VAL D 492 -3.53 -0.74 36.43
N LYS D 493 -3.07 -0.72 35.19
CA LYS D 493 -1.64 -0.82 34.93
C LYS D 493 -1.04 0.58 34.77
N MET D 494 0.24 0.71 35.10
CA MET D 494 0.90 2.00 35.21
C MET D 494 2.08 2.10 34.25
N ILE D 495 2.04 3.01 33.26
CA ILE D 495 3.17 3.17 32.35
C ILE D 495 3.69 4.61 32.27
N PHE D 496 4.87 4.85 32.82
CA PHE D 496 5.46 6.19 32.82
C PHE D 496 6.43 6.33 31.66
N HIS D 497 6.15 7.25 30.73
CA HIS D 497 6.97 7.40 29.52
C HIS D 497 7.63 8.78 29.47
N PRO D 498 8.78 8.96 30.15
CA PRO D 498 9.37 10.27 30.40
C PRO D 498 10.02 10.90 29.18
N GLU D 499 9.28 11.08 28.10
CA GLU D 499 9.86 11.65 26.90
C GLU D 499 8.75 11.95 25.92
N PHE D 500 8.97 12.93 25.06
CA PHE D 500 8.01 13.27 24.02
C PHE D 500 7.77 12.08 23.12
N LEU D 501 6.56 11.98 22.60
CA LEU D 501 6.22 10.90 21.69
C LEU D 501 6.56 11.23 20.24
N ASN D 502 7.24 10.29 19.57
CA ASN D 502 7.56 10.39 18.15
C ASN D 502 7.26 9.12 17.40
N ALA D 503 6.64 9.25 16.24
CA ALA D 503 6.27 8.10 15.44
C ALA D 503 7.44 7.16 15.21
N ASN D 504 8.65 7.72 15.13
CA ASN D 504 9.85 6.96 14.77
C ASN D 504 10.57 6.33 15.97
N ASN D 505 9.82 5.94 16.98
CA ASN D 505 10.40 5.31 18.17
C ASN D 505 10.21 3.80 18.21
N PRO D 506 11.20 3.11 18.78
CA PRO D 506 11.18 1.66 18.98
C PRO D 506 10.05 1.21 19.90
N ILE D 507 9.70 2.05 20.88
CA ILE D 507 8.75 1.65 21.91
C ILE D 507 7.30 2.02 21.58
N LEU D 508 7.02 3.31 21.47
CA LEU D 508 5.66 3.76 21.21
C LEU D 508 5.67 4.61 19.94
N GLY D 509 5.52 3.96 18.80
CA GLY D 509 5.69 4.58 17.51
C GLY D 509 4.50 5.39 17.07
N LEU D 510 4.26 6.48 17.79
CA LEU D 510 3.15 7.37 17.52
C LEU D 510 3.61 8.79 17.73
N ASP D 511 3.02 9.73 17.00
CA ASP D 511 3.22 11.13 17.34
C ASP D 511 2.25 11.37 18.47
N TYR D 512 2.48 12.42 19.25
CA TYR D 512 1.53 12.78 20.29
C TYR D 512 0.10 12.71 19.76
N ASP D 513 -0.16 13.40 18.65
CA ASP D 513 -1.51 13.49 18.11
C ASP D 513 -2.14 12.13 17.75
N GLU D 514 -1.32 11.19 17.27
CA GLU D 514 -1.81 9.83 17.02
C GLU D 514 -2.20 9.17 18.32
N PHE D 515 -1.25 9.11 19.25
CA PHE D 515 -1.46 8.54 20.56
C PHE D 515 -2.69 9.10 21.29
N VAL D 516 -2.82 10.41 21.36
CA VAL D 516 -3.99 10.98 22.01
C VAL D 516 -5.22 10.37 21.40
N ARG D 517 -5.30 10.39 20.08
CA ARG D 517 -6.52 9.95 19.40
C ARG D 517 -6.87 8.50 19.70
N GLY D 518 -5.84 7.66 19.82
CA GLY D 518 -6.03 6.25 20.09
C GLY D 518 -6.32 5.91 21.54
N CYS D 519 -6.36 6.90 22.43
CA CYS D 519 -6.71 6.67 23.82
C CYS D 519 -8.22 6.80 24.02
N HIS D 520 -8.68 6.61 25.25
CA HIS D 520 -10.10 6.70 25.56
C HIS D 520 -10.45 7.89 26.44
N LEU D 521 -9.54 8.23 27.33
CA LEU D 521 -9.79 9.31 28.26
C LEU D 521 -8.51 10.04 28.66
N GLY D 522 -8.48 11.35 28.49
CA GLY D 522 -7.36 12.15 28.94
C GLY D 522 -7.65 12.71 30.32
N VAL D 523 -6.69 12.64 31.23
CA VAL D 523 -6.88 13.11 32.60
C VAL D 523 -5.86 14.19 33.00
N PHE D 524 -6.38 15.41 33.25
CA PHE D 524 -5.52 16.57 33.52
C PHE D 524 -5.97 17.33 34.77
N PRO D 525 -5.70 16.77 35.95
CA PRO D 525 -6.17 17.30 37.23
C PRO D 525 -5.34 18.49 37.70
N SER D 526 -5.23 19.51 36.87
CA SER D 526 -4.32 20.62 37.15
C SER D 526 -4.70 21.43 38.38
N TYR D 527 -3.70 21.91 39.11
CA TYR D 527 -3.89 22.80 40.26
C TYR D 527 -3.61 24.27 39.92
N TYR D 528 -2.52 24.50 39.19
CA TYR D 528 -2.30 25.83 38.64
C TYR D 528 -2.16 25.75 37.14
N GLU D 529 -3.03 26.48 36.44
CA GLU D 529 -3.05 26.37 34.99
C GLU D 529 -3.96 27.43 34.42
N PRO D 530 -3.36 28.55 34.02
CA PRO D 530 -4.14 29.69 33.56
C PRO D 530 -4.89 29.40 32.27
N TRP D 531 -4.43 28.46 31.46
CA TRP D 531 -5.29 27.94 30.39
C TRP D 531 -5.30 26.44 30.39
N GLY D 532 -4.29 25.85 29.76
CA GLY D 532 -4.26 24.41 29.64
C GLY D 532 -4.52 24.04 28.20
N TYR D 533 -3.46 24.11 27.41
CA TYR D 533 -3.60 23.86 26.01
C TYR D 533 -3.72 22.38 25.79
N THR D 534 -3.14 21.59 26.70
CA THR D 534 -3.13 20.14 26.54
C THR D 534 -4.52 19.52 26.61
N PRO D 535 -5.30 19.83 27.67
CA PRO D 535 -6.66 19.31 27.73
C PRO D 535 -7.53 19.89 26.63
N ALA D 536 -7.27 21.13 26.26
CA ALA D 536 -8.07 21.78 25.24
C ALA D 536 -7.87 21.11 23.89
N GLU D 537 -6.62 20.85 23.52
CA GLU D 537 -6.39 20.27 22.21
C GLU D 537 -6.81 18.82 22.24
N CYS D 538 -6.73 18.22 23.42
CA CYS D 538 -7.21 16.86 23.62
C CYS D 538 -8.67 16.80 23.20
N THR D 539 -9.46 17.76 23.69
CA THR D 539 -10.88 17.84 23.35
C THR D 539 -11.16 18.14 21.88
N VAL D 540 -10.33 18.95 21.25
CA VAL D 540 -10.50 19.26 19.84
C VAL D 540 -10.23 18.02 18.95
N MET D 541 -9.58 17.02 19.52
CA MET D 541 -9.30 15.79 18.79
C MET D 541 -10.32 14.69 19.06
N GLY D 542 -11.39 15.06 19.77
CA GLY D 542 -12.51 14.17 19.98
C GLY D 542 -12.30 13.11 21.04
N VAL D 543 -11.66 13.50 22.14
CA VAL D 543 -11.38 12.56 23.21
C VAL D 543 -11.91 13.08 24.53
N PRO D 544 -12.77 12.31 25.19
CA PRO D 544 -13.27 12.69 26.51
C PRO D 544 -12.09 13.04 27.41
N SER D 545 -12.31 13.92 28.37
CA SER D 545 -11.21 14.46 29.15
C SER D 545 -11.68 14.96 30.49
N ILE D 546 -10.79 14.90 31.47
CA ILE D 546 -11.09 15.39 32.80
C ILE D 546 -10.17 16.57 33.09
N THR D 547 -10.76 17.73 33.36
CA THR D 547 -9.96 18.89 33.76
C THR D 547 -10.39 19.33 35.15
N THR D 548 -10.24 20.60 35.46
CA THR D 548 -10.59 21.08 36.79
C THR D 548 -11.16 22.49 36.76
N ASN D 549 -11.86 22.88 37.82
CA ASN D 549 -12.45 24.21 37.89
C ASN D 549 -11.43 25.29 38.27
N VAL D 550 -10.17 24.86 38.46
CA VAL D 550 -9.06 25.78 38.66
C VAL D 550 -8.15 25.83 37.42
N SER D 551 -8.53 25.11 36.38
CA SER D 551 -7.86 25.18 35.11
C SER D 551 -8.55 26.24 34.28
N GLY D 552 -7.80 26.99 33.50
CA GLY D 552 -8.40 27.99 32.66
C GLY D 552 -9.44 27.40 31.74
N PHE D 553 -9.03 26.35 31.04
CA PHE D 553 -9.88 25.66 30.06
C PHE D 553 -11.08 25.02 30.74
N GLY D 554 -10.84 24.41 31.89
CA GLY D 554 -11.90 23.79 32.68
C GLY D 554 -12.96 24.83 33.01
N SER D 555 -12.53 25.90 33.66
CA SER D 555 -13.39 27.01 34.04
C SER D 555 -14.21 27.46 32.83
N TYR D 556 -13.55 27.65 31.70
CA TYR D 556 -14.23 28.13 30.51
C TYR D 556 -15.26 27.11 30.05
N MET D 557 -14.98 25.84 30.32
CA MET D 557 -15.84 24.76 29.85
C MET D 557 -17.09 24.65 30.74
N GLU D 558 -16.87 24.84 32.04
CA GLU D 558 -17.94 24.87 33.05
C GLU D 558 -19.06 25.87 32.74
N ASP D 559 -18.74 26.93 31.99
CA ASP D 559 -19.75 27.86 31.52
C ASP D 559 -20.42 27.45 30.23
N LEU D 560 -20.35 26.18 29.86
CA LEU D 560 -21.11 25.64 28.74
C LEU D 560 -21.52 24.19 29.06
N ALA D 566 -24.70 17.80 31.42
CA ALA D 566 -23.38 18.39 31.63
C ALA D 566 -22.21 17.49 31.18
N LYS D 567 -21.85 16.49 32.01
CA LYS D 567 -20.74 15.57 31.74
C LYS D 567 -20.98 14.70 30.51
N ASP D 568 -22.19 14.77 29.97
CA ASP D 568 -22.58 13.90 28.86
C ASP D 568 -21.82 14.25 27.59
N TYR D 569 -21.18 15.41 27.59
CA TYR D 569 -20.44 15.87 26.43
C TYR D 569 -18.97 15.50 26.54
N GLY D 570 -18.68 14.53 27.40
CA GLY D 570 -17.35 13.98 27.51
C GLY D 570 -16.39 14.86 28.26
N ILE D 571 -16.91 15.81 29.01
CA ILE D 571 -16.06 16.67 29.82
C ILE D 571 -16.42 16.60 31.30
N TYR D 572 -15.44 16.17 32.08
CA TYR D 572 -15.60 16.02 33.50
C TYR D 572 -14.82 17.13 34.20
N ILE D 573 -15.51 17.92 35.00
CA ILE D 573 -14.80 18.97 35.70
C ILE D 573 -14.67 18.71 37.20
N VAL D 574 -13.49 18.26 37.62
CA VAL D 574 -13.18 18.04 39.03
C VAL D 574 -13.05 19.35 39.82
N ASP D 575 -13.87 19.50 40.85
CA ASP D 575 -13.81 20.67 41.71
C ASP D 575 -12.56 20.65 42.60
N ARG D 576 -11.54 21.41 42.21
CA ARG D 576 -10.31 21.48 42.97
C ARG D 576 -10.25 22.76 43.83
N ARG D 577 -11.26 23.61 43.67
CA ARG D 577 -11.30 24.91 44.33
C ARG D 577 -12.04 24.91 45.67
N PHE D 578 -13.17 24.20 45.70
CA PHE D 578 -14.06 24.26 46.85
C PHE D 578 -14.01 23.00 47.73
N LYS D 579 -13.95 21.83 47.10
CA LYS D 579 -13.76 20.58 47.85
C LYS D 579 -12.35 20.53 48.43
N ALA D 580 -12.15 19.68 49.44
CA ALA D 580 -10.84 19.58 50.09
C ALA D 580 -9.92 18.71 49.24
N PRO D 581 -8.61 18.71 49.53
CA PRO D 581 -7.67 18.01 48.64
C PRO D 581 -8.03 16.53 48.50
N ASP D 582 -8.74 16.00 49.49
CA ASP D 582 -9.03 14.57 49.50
C ASP D 582 -10.38 14.20 48.88
N GLU D 583 -11.31 15.16 48.85
CA GLU D 583 -12.60 14.90 48.23
C GLU D 583 -12.52 15.22 46.75
N SER D 584 -11.53 16.04 46.38
CA SER D 584 -11.22 16.26 44.98
C SER D 584 -10.80 14.92 44.42
N VAL D 585 -9.78 14.34 45.04
CA VAL D 585 -9.27 13.04 44.65
C VAL D 585 -10.41 12.06 44.47
N GLU D 586 -11.27 11.94 45.49
CA GLU D 586 -12.40 11.01 45.44
C GLU D 586 -13.33 11.26 44.27
N GLN D 587 -13.68 12.53 44.05
CA GLN D 587 -14.53 12.91 42.93
C GLN D 587 -13.91 12.48 41.62
N LEU D 588 -12.58 12.57 41.56
CA LEU D 588 -11.85 12.14 40.38
C LEU D 588 -12.05 10.64 40.22
N VAL D 589 -11.83 9.88 41.30
CA VAL D 589 -12.00 8.43 41.27
C VAL D 589 -13.40 8.01 40.83
N ASP D 590 -14.41 8.75 41.30
CA ASP D 590 -15.80 8.48 40.95
C ASP D 590 -16.00 8.65 39.45
N TYR D 591 -15.39 9.69 38.91
CA TYR D 591 -15.50 10.00 37.48
C TYR D 591 -14.93 8.90 36.60
N MET D 592 -13.80 8.33 37.03
CA MET D 592 -13.12 7.29 36.26
C MET D 592 -13.90 5.99 36.32
N GLU D 593 -14.33 5.62 37.52
CA GLU D 593 -15.15 4.43 37.68
C GLU D 593 -16.30 4.51 36.71
N GLU D 594 -17.11 5.57 36.85
CA GLU D 594 -18.24 5.83 35.97
C GLU D 594 -17.89 5.60 34.50
N PHE D 595 -16.67 6.00 34.10
CA PHE D 595 -16.24 5.88 32.71
C PHE D 595 -15.87 4.43 32.36
N VAL D 596 -15.25 3.75 33.32
CA VAL D 596 -14.89 2.34 33.17
C VAL D 596 -16.16 1.50 32.99
N LYS D 597 -17.17 1.78 33.81
CA LYS D 597 -18.42 1.04 33.79
C LYS D 597 -19.40 1.54 32.74
N LYS D 598 -18.87 1.98 31.60
CA LYS D 598 -19.71 2.52 30.56
C LYS D 598 -19.81 1.47 29.46
N THR D 599 -21.03 1.22 28.96
CA THR D 599 -21.22 0.20 27.94
C THR D 599 -20.56 0.61 26.62
N ALA D 600 -20.38 -0.35 25.72
CA ALA D 600 -19.75 -0.07 24.43
C ALA D 600 -20.50 1.03 23.68
N ALA D 601 -21.80 1.10 23.90
CA ALA D 601 -22.65 2.08 23.22
C ALA D 601 -22.64 3.42 23.95
N GLN D 602 -22.66 3.36 25.27
CA GLN D 602 -22.60 4.56 26.11
C GLN D 602 -21.31 5.37 25.87
N ALA D 603 -20.24 4.69 25.46
CA ALA D 603 -18.96 5.34 25.21
C ALA D 603 -18.89 5.92 23.81
N ILE D 604 -19.52 5.26 22.84
CA ILE D 604 -19.60 5.81 21.49
C ILE D 604 -20.54 7.02 21.44
N ASN D 605 -21.52 7.04 22.32
CA ASN D 605 -22.41 8.19 22.45
C ASN D 605 -21.63 9.43 22.87
N GLN D 606 -20.93 9.31 23.99
CA GLN D 606 -20.11 10.41 24.52
C GLN D 606 -19.09 10.86 23.49
N ARG D 607 -18.24 9.94 23.08
CA ARG D 607 -17.23 10.22 22.09
C ARG D 607 -17.74 11.07 20.92
N ASN D 608 -18.94 10.79 20.45
CA ASN D 608 -19.53 11.55 19.35
C ASN D 608 -19.94 12.94 19.81
N ARG D 609 -20.43 13.03 21.03
CA ARG D 609 -20.83 14.31 21.59
C ARG D 609 -19.64 15.25 21.79
N THR D 610 -18.57 14.76 22.41
CA THR D 610 -17.39 15.58 22.63
C THR D 610 -16.82 16.02 21.28
N GLU D 611 -16.96 15.17 20.28
CA GLU D 611 -16.42 15.46 18.95
C GLU D 611 -17.06 16.70 18.34
N ARG D 612 -18.31 16.96 18.70
CA ARG D 612 -19.02 18.12 18.16
C ARG D 612 -18.72 19.36 18.96
N LEU D 613 -18.08 19.19 20.12
CA LEU D 613 -17.61 20.33 20.91
C LEU D 613 -16.43 21.01 20.26
N SER D 614 -15.73 20.28 19.39
CA SER D 614 -14.49 20.77 18.82
C SER D 614 -14.65 22.16 18.19
N ASP D 615 -15.69 22.36 17.38
CA ASP D 615 -15.83 23.63 16.68
C ASP D 615 -15.96 24.84 17.60
N LEU D 616 -16.56 24.66 18.76
CA LEU D 616 -16.73 25.76 19.68
C LEU D 616 -15.41 26.42 20.03
N LEU D 617 -14.33 25.63 19.94
CA LEU D 617 -13.01 26.09 20.38
C LEU D 617 -12.13 26.55 19.23
N ASP D 618 -12.73 26.91 18.09
CA ASP D 618 -12.00 27.45 16.96
C ASP D 618 -11.91 28.94 17.15
N TRP D 619 -10.91 29.57 16.53
CA TRP D 619 -10.75 31.01 16.65
C TRP D 619 -11.90 31.77 15.99
N LYS D 620 -12.57 31.13 15.04
CA LYS D 620 -13.75 31.73 14.42
C LYS D 620 -14.82 32.08 15.45
N ARG D 621 -14.79 31.42 16.61
CA ARG D 621 -15.76 31.72 17.65
C ARG D 621 -15.16 32.45 18.85
N MET D 622 -13.93 32.05 19.22
CA MET D 622 -13.24 32.63 20.36
C MET D 622 -12.62 33.97 19.96
N GLY D 623 -12.41 34.16 18.67
CA GLY D 623 -11.89 35.40 18.16
C GLY D 623 -12.76 36.58 18.51
N LEU D 624 -14.06 36.35 18.69
CA LEU D 624 -15.01 37.43 18.94
C LEU D 624 -14.86 38.01 20.32
N GLU D 625 -14.17 37.29 21.20
CA GLU D 625 -13.91 37.87 22.51
C GLU D 625 -12.83 38.91 22.35
N TYR D 626 -12.00 38.76 21.33
CA TYR D 626 -10.97 39.74 21.03
C TYR D 626 -11.60 41.01 20.48
N VAL D 627 -12.48 40.84 19.50
CA VAL D 627 -13.21 41.97 18.93
C VAL D 627 -13.92 42.76 20.03
N LYS D 628 -14.57 42.08 20.95
CA LYS D 628 -15.22 42.79 22.05
C LYS D 628 -14.20 43.63 22.80
N ALA D 629 -13.06 43.03 23.13
CA ALA D 629 -12.01 43.74 23.85
C ALA D 629 -11.56 44.99 23.12
N ARG D 630 -11.35 44.88 21.81
CA ARG D 630 -10.83 46.00 21.04
C ARG D 630 -11.88 47.10 20.93
N GLN D 631 -13.13 46.70 20.79
CA GLN D 631 -14.20 47.70 20.73
C GLN D 631 -14.50 48.31 22.08
N LEU D 632 -14.33 47.58 23.17
CA LEU D 632 -14.46 48.22 24.48
C LEU D 632 -13.39 49.32 24.61
N ALA D 633 -12.20 49.04 24.09
CA ALA D 633 -11.09 49.99 24.12
C ALA D 633 -11.43 51.26 23.35
N LEU D 634 -12.04 51.12 22.18
CA LEU D 634 -12.42 52.26 21.37
C LEU D 634 -13.50 53.10 22.04
N ARG D 635 -14.55 52.43 22.52
CA ARG D 635 -15.63 53.06 23.27
C ARG D 635 -15.12 53.81 24.50
N ARG D 636 -14.01 53.35 25.09
CA ARG D 636 -13.45 54.02 26.26
C ARG D 636 -12.48 55.19 25.96
N GLY D 637 -11.92 55.22 24.77
CA GLY D 637 -10.95 56.25 24.45
C GLY D 637 -11.59 57.36 23.66
N TYR D 638 -12.70 57.03 23.01
CA TYR D 638 -13.42 57.97 22.17
C TYR D 638 -14.92 57.90 22.43
N PRO D 639 -15.33 58.15 23.68
CA PRO D 639 -16.72 57.96 24.10
C PRO D 639 -17.69 58.68 23.18
N ASP D 640 -17.37 59.92 22.83
CA ASP D 640 -18.22 60.71 21.95
C ASP D 640 -18.26 60.09 20.55
N GLN D 641 -17.12 60.08 19.88
CA GLN D 641 -17.04 59.56 18.52
C GLN D 641 -17.76 58.22 18.40
N PHE D 642 -17.69 57.41 19.45
CA PHE D 642 -18.26 56.07 19.43
C PHE D 642 -19.77 56.16 19.35
N ARG D 643 -20.35 57.09 20.12
CA ARG D 643 -21.79 57.32 20.11
C ARG D 643 -22.31 57.50 18.69
N GLU D 644 -21.67 58.40 17.93
CA GLU D 644 -22.08 58.68 16.56
C GLU D 644 -22.11 57.42 15.70
N LEU D 645 -21.13 56.54 15.89
CA LEU D 645 -21.00 55.36 15.05
C LEU D 645 -22.02 54.28 15.41
N VAL D 646 -22.58 54.38 16.61
CA VAL D 646 -23.51 53.37 17.10
C VAL D 646 -24.96 53.86 17.15
N GLY D 647 -25.14 55.16 17.35
CA GLY D 647 -26.46 55.74 17.39
C GLY D 647 -27.05 55.81 18.79
N GLU D 648 -26.21 55.61 19.80
CA GLU D 648 -26.63 55.71 21.20
C GLU D 648 -25.40 55.61 22.10
N GLU D 649 -25.60 55.63 23.42
CA GLU D 649 -24.47 55.40 24.32
C GLU D 649 -24.57 54.06 25.04
N LEU D 650 -23.65 53.17 24.68
CA LEU D 650 -23.60 51.82 25.22
C LEU D 650 -22.77 51.75 26.48
N ASN D 651 -23.02 50.74 27.31
CA ASN D 651 -22.29 50.56 28.56
C ASN D 651 -20.80 50.23 28.34
N ASP D 652 -19.95 50.90 29.10
CA ASP D 652 -18.51 50.74 28.93
C ASP D 652 -17.80 50.14 30.15
N SER D 653 -18.47 49.30 30.92
CA SER D 653 -17.84 48.75 32.12
C SER D 653 -17.28 47.32 31.95
N ASN D 654 -17.87 46.55 31.04
CA ASN D 654 -17.37 45.22 30.69
C ASN D 654 -17.36 45.06 29.20
N MET D 655 -16.62 44.10 28.68
CA MET D 655 -16.66 43.80 27.26
C MET D 655 -18.02 43.19 26.95
N ASP D 656 -18.52 42.38 27.88
CA ASP D 656 -19.86 41.80 27.76
C ASP D 656 -20.91 42.88 27.89
N ALA D 657 -20.75 43.73 28.91
CA ALA D 657 -21.65 44.86 29.13
C ALA D 657 -21.85 45.66 27.83
N LEU D 658 -20.77 45.90 27.11
CA LEU D 658 -20.85 46.63 25.84
C LEU D 658 -21.72 45.89 24.83
N ALA D 659 -21.48 44.59 24.63
CA ALA D 659 -22.26 43.78 23.69
C ALA D 659 -23.11 42.74 24.41
N UNK E 1 -26.96 -8.71 -5.24
CA UNK E 1 -27.29 -8.14 -6.54
C UNK E 1 -28.01 -9.14 -7.46
N UNK E 2 -27.41 -10.32 -7.68
CA UNK E 2 -27.86 -11.28 -8.69
C UNK E 2 -29.25 -11.88 -8.39
N UNK E 3 -29.95 -11.23 -7.45
CA UNK E 3 -31.33 -11.55 -7.10
C UNK E 3 -32.28 -10.54 -7.76
N UNK E 4 -31.70 -9.61 -8.53
CA UNK E 4 -32.48 -8.57 -9.20
C UNK E 4 -32.99 -9.16 -10.49
N UNK E 5 -32.24 -9.01 -11.57
CA UNK E 5 -32.74 -9.56 -12.82
C UNK E 5 -33.06 -11.06 -12.81
N UNK F 1 3.26 21.11 18.53
CA UNK F 1 2.31 21.26 19.64
C UNK F 1 2.81 20.56 20.92
N UNK F 2 3.18 19.29 20.77
CA UNK F 2 3.81 18.48 21.82
C UNK F 2 5.01 19.15 22.50
N UNK F 3 5.97 19.67 21.71
CA UNK F 3 7.18 20.29 22.28
C UNK F 3 6.94 21.61 23.03
N UNK F 4 5.72 21.75 23.55
CA UNK F 4 5.36 22.76 24.54
C UNK F 4 5.07 22.05 25.88
N UNK F 5 5.82 20.96 26.11
CA UNK F 5 5.74 20.17 27.35
C UNK F 5 7.13 20.03 27.98
N UNK F 6 8.12 20.71 27.41
CA UNK F 6 9.49 20.74 27.94
C UNK F 6 9.66 21.61 29.19
#